data_2JIN
# 
_entry.id   2JIN 
# 
_audit_conform.dict_name       mmcif_pdbx.dic 
_audit_conform.dict_version    5.382 
_audit_conform.dict_location   http://mmcif.pdb.org/dictionaries/ascii/mmcif_pdbx.dic 
# 
loop_
_database_2.database_id 
_database_2.database_code 
_database_2.pdbx_database_accession 
_database_2.pdbx_DOI 
PDB   2JIN         pdb_00002jin 10.2210/pdb2jin/pdb 
PDBE  EBI-33056    ?            ?                   
WWPDB D_1290033056 ?            ?                   
# 
_pdbx_database_related.db_name        PDB 
_pdbx_database_related.db_id          2JIK 
_pdbx_database_related.content_type   unspecified 
_pdbx_database_related.details        'CRYSTAL STRUCTURE OF PDZ DOMAIN OF SYNAPTOJANIN-2 BINDING PROTEIN' 
# 
_pdbx_database_status.status_code                     REL 
_pdbx_database_status.entry_id                        2JIN 
_pdbx_database_status.deposit_site                    PDBE 
_pdbx_database_status.process_site                    PDBE 
_pdbx_database_status.SG_entry                        . 
_pdbx_database_status.recvd_initial_deposition_date   2007-06-28 
_pdbx_database_status.pdb_format_compatible           Y 
_pdbx_database_status.status_code_sf                  REL 
_pdbx_database_status.status_code_mr                  ? 
_pdbx_database_status.status_code_cs                  ? 
_pdbx_database_status.methods_development_category    ? 
_pdbx_database_status.status_code_nmr_data            ? 
# 
loop_
_audit_author.name 
_audit_author.pdbx_ordinal 
'Tickle, J.'       1  
'Phillips, C.'     2  
'Pike, A.C.W.'     3  
'Cooper, C.'       4  
'Salah, E.'        5  
'Elkins, J.'       6  
'Turnbull, A.P.'   7  
'Edwards, A.'      8  
'Arrowsmith, C.H.' 9  
'Weigelt, J.'      10 
'Sundstrom, M.'    11 
'Doyle, D.'        12 
# 
_citation.id                        primary 
_citation.title                     'Crystal Structure of Pdz Domain of Synaptojanin-2 Binding Protein' 
_citation.journal_abbrev            'To be Published' 
_citation.journal_volume            ? 
_citation.page_first                ? 
_citation.page_last                 ? 
_citation.year                      ? 
_citation.journal_id_ASTM           ? 
_citation.country                   ? 
_citation.journal_id_ISSN           ? 
_citation.journal_id_CSD            0353 
_citation.book_publisher            ? 
_citation.pdbx_database_id_PubMed   ? 
_citation.pdbx_database_id_DOI      ? 
# 
loop_
_citation_author.citation_id 
_citation_author.name 
_citation_author.ordinal 
_citation_author.identifier_ORCID 
primary 'Tickle, J.'       1  ? 
primary 'Phillips, C.'     2  ? 
primary 'Pike, A.C.W.'     3  ? 
primary 'Cooper, C.'       4  ? 
primary 'Salah, E.'        5  ? 
primary 'Elkins, J.'       6  ? 
primary 'Turnbull, A.P.'   7  ? 
primary 'Edwards, A.'      8  ? 
primary 'Arrowsmith, C.H.' 9  ? 
primary 'Weigelt, J.'      10 ? 
primary 'Sundstrom, M.'    11 ? 
primary 'Doyle, D.'        12 ? 
# 
_cell.entry_id           2JIN 
_cell.length_a           65.993 
_cell.length_b           65.993 
_cell.length_c           41.384 
_cell.angle_alpha        90.00 
_cell.angle_beta         90.00 
_cell.angle_gamma        90.00 
_cell.Z_PDB              8 
_cell.pdbx_unique_axis   ? 
# 
_symmetry.entry_id                         2JIN 
_symmetry.space_group_name_H-M             'I 4' 
_symmetry.pdbx_full_space_group_name_H-M   ? 
_symmetry.cell_setting                     ? 
_symmetry.Int_Tables_number                79 
# 
loop_
_entity.id 
_entity.type 
_entity.src_method 
_entity.pdbx_description 
_entity.formula_weight 
_entity.pdbx_number_of_molecules 
_entity.pdbx_ec 
_entity.pdbx_mutation 
_entity.pdbx_fragment 
_entity.details 
1 polymer     man 'SYNAPTOJANIN-2 BINDING PROTEIN' 11177.340 1   ? ? 'PDZ DOMAIN, RESIDUES 4-99' ? 
2 non-polymer syn 'SODIUM ION'                     22.990    1   ? ? ?                           ? 
3 non-polymer syn 'SULFATE ION'                    96.063    1   ? ? ?                           ? 
4 water       nat water                            18.015    119 ? ? ?                           ? 
# 
_entity_name_com.entity_id   1 
_entity_name_com.name        'MITOCHONDRIAL OUTER MEMBRANE PROTEIN 25' 
# 
_entity_poly.entity_id                      1 
_entity_poly.type                           'polypeptide(L)' 
_entity_poly.nstd_linkage                   no 
_entity_poly.nstd_monomer                   no 
_entity_poly.pdbx_seq_one_letter_code       
;SMRVDYLVTEEEINLTRGPSGLGFNIVGGTDQQYVSNDSGIYVSRIKENGAAALDGRLQEGDKILSVNGQDLKNLLHQDA
VDLFRNAGYAVSLRVQHRESSI
;
_entity_poly.pdbx_seq_one_letter_code_can   
;SMRVDYLVTEEEINLTRGPSGLGFNIVGGTDQQYVSNDSGIYVSRIKENGAAALDGRLQEGDKILSVNGQDLKNLLHQDA
VDLFRNAGYAVSLRVQHRESSI
;
_entity_poly.pdbx_strand_id                 A 
_entity_poly.pdbx_target_identifier         ? 
# 
loop_
_entity_poly_seq.entity_id 
_entity_poly_seq.num 
_entity_poly_seq.mon_id 
_entity_poly_seq.hetero 
1 1   SER n 
1 2   MET n 
1 3   ARG n 
1 4   VAL n 
1 5   ASP n 
1 6   TYR n 
1 7   LEU n 
1 8   VAL n 
1 9   THR n 
1 10  GLU n 
1 11  GLU n 
1 12  GLU n 
1 13  ILE n 
1 14  ASN n 
1 15  LEU n 
1 16  THR n 
1 17  ARG n 
1 18  GLY n 
1 19  PRO n 
1 20  SER n 
1 21  GLY n 
1 22  LEU n 
1 23  GLY n 
1 24  PHE n 
1 25  ASN n 
1 26  ILE n 
1 27  VAL n 
1 28  GLY n 
1 29  GLY n 
1 30  THR n 
1 31  ASP n 
1 32  GLN n 
1 33  GLN n 
1 34  TYR n 
1 35  VAL n 
1 36  SER n 
1 37  ASN n 
1 38  ASP n 
1 39  SER n 
1 40  GLY n 
1 41  ILE n 
1 42  TYR n 
1 43  VAL n 
1 44  SER n 
1 45  ARG n 
1 46  ILE n 
1 47  LYS n 
1 48  GLU n 
1 49  ASN n 
1 50  GLY n 
1 51  ALA n 
1 52  ALA n 
1 53  ALA n 
1 54  LEU n 
1 55  ASP n 
1 56  GLY n 
1 57  ARG n 
1 58  LEU n 
1 59  GLN n 
1 60  GLU n 
1 61  GLY n 
1 62  ASP n 
1 63  LYS n 
1 64  ILE n 
1 65  LEU n 
1 66  SER n 
1 67  VAL n 
1 68  ASN n 
1 69  GLY n 
1 70  GLN n 
1 71  ASP n 
1 72  LEU n 
1 73  LYS n 
1 74  ASN n 
1 75  LEU n 
1 76  LEU n 
1 77  HIS n 
1 78  GLN n 
1 79  ASP n 
1 80  ALA n 
1 81  VAL n 
1 82  ASP n 
1 83  LEU n 
1 84  PHE n 
1 85  ARG n 
1 86  ASN n 
1 87  ALA n 
1 88  GLY n 
1 89  TYR n 
1 90  ALA n 
1 91  VAL n 
1 92  SER n 
1 93  LEU n 
1 94  ARG n 
1 95  VAL n 
1 96  GLN n 
1 97  HIS n 
1 98  ARG n 
1 99  GLU n 
1 100 SER n 
1 101 SER n 
1 102 ILE n 
# 
_entity_src_gen.entity_id                          1 
_entity_src_gen.pdbx_src_id                        1 
_entity_src_gen.pdbx_alt_source_flag               sample 
_entity_src_gen.pdbx_seq_type                      ? 
_entity_src_gen.pdbx_beg_seq_num                   ? 
_entity_src_gen.pdbx_end_seq_num                   ? 
_entity_src_gen.gene_src_common_name               HUMAN 
_entity_src_gen.gene_src_genus                     ? 
_entity_src_gen.pdbx_gene_src_gene                 ? 
_entity_src_gen.gene_src_species                   ? 
_entity_src_gen.gene_src_strain                    ? 
_entity_src_gen.gene_src_tissue                    ? 
_entity_src_gen.gene_src_tissue_fraction           ? 
_entity_src_gen.gene_src_details                   ? 
_entity_src_gen.pdbx_gene_src_fragment             ? 
_entity_src_gen.pdbx_gene_src_scientific_name      'HOMO SAPIENS' 
_entity_src_gen.pdbx_gene_src_ncbi_taxonomy_id     9606 
_entity_src_gen.pdbx_gene_src_variant              ? 
_entity_src_gen.pdbx_gene_src_cell_line            ? 
_entity_src_gen.pdbx_gene_src_atcc                 ? 
_entity_src_gen.pdbx_gene_src_organ                ? 
_entity_src_gen.pdbx_gene_src_organelle            ? 
_entity_src_gen.pdbx_gene_src_cell                 ? 
_entity_src_gen.pdbx_gene_src_cellular_location    ? 
_entity_src_gen.host_org_common_name               ? 
_entity_src_gen.pdbx_host_org_scientific_name      'ESCHERICHIA COLI' 
_entity_src_gen.pdbx_host_org_ncbi_taxonomy_id     469008 
_entity_src_gen.host_org_genus                     ? 
_entity_src_gen.pdbx_host_org_gene                 ? 
_entity_src_gen.pdbx_host_org_organ                ? 
_entity_src_gen.host_org_species                   ? 
_entity_src_gen.pdbx_host_org_tissue               ? 
_entity_src_gen.pdbx_host_org_tissue_fraction      ? 
_entity_src_gen.pdbx_host_org_strain               'BL21(DE3)' 
_entity_src_gen.pdbx_host_org_variant              R3-PRARE2 
_entity_src_gen.pdbx_host_org_cell_line            ? 
_entity_src_gen.pdbx_host_org_atcc                 ? 
_entity_src_gen.pdbx_host_org_culture_collection   ? 
_entity_src_gen.pdbx_host_org_cell                 ? 
_entity_src_gen.pdbx_host_org_organelle            ? 
_entity_src_gen.pdbx_host_org_cellular_location    ? 
_entity_src_gen.pdbx_host_org_vector_type          ? 
_entity_src_gen.pdbx_host_org_vector               ? 
_entity_src_gen.host_org_details                   ? 
_entity_src_gen.expression_system_id               ? 
_entity_src_gen.plasmid_name                       PNIC28-BSA4 
_entity_src_gen.plasmid_details                    ? 
_entity_src_gen.pdbx_description                   ? 
# 
loop_
_struct_ref.id 
_struct_ref.db_name 
_struct_ref.db_code 
_struct_ref.entity_id 
_struct_ref.pdbx_seq_one_letter_code 
_struct_ref.pdbx_align_begin 
_struct_ref.pdbx_db_accession 
_struct_ref.pdbx_db_isoform 
1 PDB 2JIN        1 ? ? 2JIN   ? 
2 UNP SYJ2B_HUMAN 1 ? ? P57105 ? 
# 
loop_
_struct_ref_seq.align_id 
_struct_ref_seq.ref_id 
_struct_ref_seq.pdbx_PDB_id_code 
_struct_ref_seq.pdbx_strand_id 
_struct_ref_seq.seq_align_beg 
_struct_ref_seq.pdbx_seq_align_beg_ins_code 
_struct_ref_seq.seq_align_end 
_struct_ref_seq.pdbx_seq_align_end_ins_code 
_struct_ref_seq.pdbx_db_accession 
_struct_ref_seq.db_align_beg 
_struct_ref_seq.pdbx_db_align_beg_ins_code 
_struct_ref_seq.db_align_end 
_struct_ref_seq.pdbx_db_align_end_ins_code 
_struct_ref_seq.pdbx_auth_seq_align_beg 
_struct_ref_seq.pdbx_auth_seq_align_end 
1 1 2JIN A 1  ? 2   ? 2JIN   -1  ? 0   ? -1  0   
2 2 2JIN A 3  ? 98  ? P57105 4   ? 99  ? 4   99  
3 1 2JIN A 99 ? 102 ? 2JIN   100 ? 103 ? 100 103 
# 
loop_
_chem_comp.id 
_chem_comp.type 
_chem_comp.mon_nstd_flag 
_chem_comp.name 
_chem_comp.pdbx_synonyms 
_chem_comp.formula 
_chem_comp.formula_weight 
ALA 'L-peptide linking' y ALANINE         ? 'C3 H7 N O2'     89.093  
ARG 'L-peptide linking' y ARGININE        ? 'C6 H15 N4 O2 1' 175.209 
ASN 'L-peptide linking' y ASPARAGINE      ? 'C4 H8 N2 O3'    132.118 
ASP 'L-peptide linking' y 'ASPARTIC ACID' ? 'C4 H7 N O4'     133.103 
GLN 'L-peptide linking' y GLUTAMINE       ? 'C5 H10 N2 O3'   146.144 
GLU 'L-peptide linking' y 'GLUTAMIC ACID' ? 'C5 H9 N O4'     147.129 
GLY 'peptide linking'   y GLYCINE         ? 'C2 H5 N O2'     75.067  
HIS 'L-peptide linking' y HISTIDINE       ? 'C6 H10 N3 O2 1' 156.162 
HOH non-polymer         . WATER           ? 'H2 O'           18.015  
ILE 'L-peptide linking' y ISOLEUCINE      ? 'C6 H13 N O2'    131.173 
LEU 'L-peptide linking' y LEUCINE         ? 'C6 H13 N O2'    131.173 
LYS 'L-peptide linking' y LYSINE          ? 'C6 H15 N2 O2 1' 147.195 
MET 'L-peptide linking' y METHIONINE      ? 'C5 H11 N O2 S'  149.211 
NA  non-polymer         . 'SODIUM ION'    ? 'Na 1'           22.990  
PHE 'L-peptide linking' y PHENYLALANINE   ? 'C9 H11 N O2'    165.189 
PRO 'L-peptide linking' y PROLINE         ? 'C5 H9 N O2'     115.130 
SER 'L-peptide linking' y SERINE          ? 'C3 H7 N O3'     105.093 
SO4 non-polymer         . 'SULFATE ION'   ? 'O4 S -2'        96.063  
THR 'L-peptide linking' y THREONINE       ? 'C4 H9 N O3'     119.119 
TYR 'L-peptide linking' y TYROSINE        ? 'C9 H11 N O3'    181.189 
VAL 'L-peptide linking' y VALINE          ? 'C5 H11 N O2'    117.146 
# 
_exptl.entry_id          2JIN 
_exptl.method            'X-RAY DIFFRACTION' 
_exptl.crystals_number   1 
# 
_exptl_crystal.id                    1 
_exptl_crystal.density_meas          ? 
_exptl_crystal.density_Matthews      2.02 
_exptl_crystal.density_percent_sol   39.23 
_exptl_crystal.description           ? 
# 
_exptl_crystal_grow.crystal_id      1 
_exptl_crystal_grow.method          ? 
_exptl_crystal_grow.temp            ? 
_exptl_crystal_grow.temp_details    ? 
_exptl_crystal_grow.pH              4.50 
_exptl_crystal_grow.pdbx_pH_range   ? 
_exptl_crystal_grow.pdbx_details    '30% PEG10K, 0.20M LITHIUM SULPHATE, 0.1M ACETATE PH 4.5' 
# 
_diffrn.id                     1 
_diffrn.ambient_temp           100.0 
_diffrn.ambient_temp_details   ? 
_diffrn.crystal_id             1 
# 
_diffrn_detector.diffrn_id              1 
_diffrn_detector.detector               CCD 
_diffrn_detector.type                   MARRESEARCH 
_diffrn_detector.pdbx_collection_date   2007-04-16 
_diffrn_detector.details                ? 
# 
_diffrn_radiation.diffrn_id                        1 
_diffrn_radiation.wavelength_id                    1 
_diffrn_radiation.pdbx_monochromatic_or_laue_m_l   M 
_diffrn_radiation.monochromator                    ? 
_diffrn_radiation.pdbx_diffrn_protocol             'SINGLE WAVELENGTH' 
_diffrn_radiation.pdbx_scattering_type             x-ray 
# 
_diffrn_radiation_wavelength.id           1 
_diffrn_radiation_wavelength.wavelength   1.03315 
_diffrn_radiation_wavelength.wt           1.0 
# 
_diffrn_source.diffrn_id                   1 
_diffrn_source.source                      SYNCHROTRON 
_diffrn_source.type                        'SLS BEAMLINE X10SA' 
_diffrn_source.pdbx_synchrotron_site       SLS 
_diffrn_source.pdbx_synchrotron_beamline   X10SA 
_diffrn_source.pdbx_wavelength             1.03315 
_diffrn_source.pdbx_wavelength_list        ? 
# 
_reflns.pdbx_diffrn_id               1 
_reflns.pdbx_ordinal                 1 
_reflns.entry_id                     2JIN 
_reflns.observed_criterion_sigma_I   0.000 
_reflns.observed_criterion_sigma_F   ? 
_reflns.d_resolution_low             46.680 
_reflns.d_resolution_high            1.500 
_reflns.number_obs                   14288 
_reflns.number_all                   ? 
_reflns.percent_possible_obs         99.7 
_reflns.pdbx_Rmerge_I_obs            0.08000 
_reflns.pdbx_Rsym_value              ? 
_reflns.pdbx_netI_over_sigmaI        12.6000 
_reflns.B_iso_Wilson_estimate        14.38 
_reflns.pdbx_redundancy              4.500 
# 
_reflns_shell.pdbx_diffrn_id         1 
_reflns_shell.pdbx_ordinal           1 
_reflns_shell.d_res_high             1.50 
_reflns_shell.d_res_low              1.58 
_reflns_shell.percent_possible_all   97.6 
_reflns_shell.Rmerge_I_obs           0.52000 
_reflns_shell.pdbx_Rsym_value        ? 
_reflns_shell.meanI_over_sigI_obs    2.100 
_reflns_shell.pdbx_redundancy        2.60 
# 
_refine.pdbx_refine_id                           'X-RAY DIFFRACTION' 
_refine.entry_id                                 2JIN 
_refine.pdbx_diffrn_id                           1 
_refine.pdbx_TLS_residual_ADP_flag               'LIKELY RESIDUAL' 
_refine.ls_number_reflns_obs                     13546 
_refine.ls_number_reflns_all                     ? 
_refine.pdbx_ls_sigma_I                          ? 
_refine.pdbx_ls_sigma_F                          ? 
_refine.pdbx_data_cutoff_high_absF               ? 
_refine.pdbx_data_cutoff_low_absF                ? 
_refine.pdbx_data_cutoff_high_rms_absF           ? 
_refine.ls_d_res_low                             46.68 
_refine.ls_d_res_high                            1.50 
_refine.ls_percent_reflns_obs                    99.5 
_refine.ls_R_factor_obs                          0.169 
_refine.ls_R_factor_all                          ? 
_refine.ls_R_factor_R_work                       0.166 
_refine.ls_R_factor_R_free                       0.220 
_refine.ls_R_factor_R_free_error                 ? 
_refine.ls_R_factor_R_free_error_details         ? 
_refine.ls_percent_reflns_R_free                 5.000 
_refine.ls_number_reflns_R_free                  716 
_refine.ls_number_parameters                     ? 
_refine.ls_number_restraints                     ? 
_refine.occupancy_min                            ? 
_refine.occupancy_max                            ? 
_refine.correlation_coeff_Fo_to_Fc               0.967 
_refine.correlation_coeff_Fo_to_Fc_free          0.941 
_refine.B_iso_mean                               15.86 
_refine.aniso_B[1][1]                            0.05000 
_refine.aniso_B[2][2]                            0.05000 
_refine.aniso_B[3][3]                            -0.09000 
_refine.aniso_B[1][2]                            0.00000 
_refine.aniso_B[1][3]                            0.00000 
_refine.aniso_B[2][3]                            0.00000 
_refine.solvent_model_details                    MASK 
_refine.solvent_model_param_ksol                 ? 
_refine.solvent_model_param_bsol                 ? 
_refine.pdbx_solvent_vdw_probe_radii             1.20 
_refine.pdbx_solvent_ion_probe_radii             0.80 
_refine.pdbx_solvent_shrinkage_radii             0.80 
_refine.pdbx_ls_cross_valid_method               THROUGHOUT 
_refine.details                                  'HYDROGENS HAVE BEEN ADDED IN THE RIDING POSITIONS.' 
_refine.pdbx_starting_model                      'PDB ENTRY 2FE5' 
_refine.pdbx_method_to_determine_struct          'MOLECULAR REPLACEMENT' 
_refine.pdbx_isotropic_thermal_model             ? 
_refine.pdbx_stereochemistry_target_values       'MAXIMUM LIKELIHOOD' 
_refine.pdbx_stereochem_target_val_spec_case     ? 
_refine.pdbx_R_Free_selection_details            RANDOM 
_refine.pdbx_overall_ESU_R                       0.080 
_refine.pdbx_overall_ESU_R_Free                  0.090 
_refine.overall_SU_ML                            0.059 
_refine.pdbx_overall_phase_error                 ? 
_refine.overall_SU_B                             3.107 
_refine.overall_SU_R_Cruickshank_DPI             ? 
_refine.pdbx_overall_SU_R_free_Cruickshank_DPI   ? 
_refine.pdbx_overall_SU_R_Blow_DPI               ? 
_refine.pdbx_overall_SU_R_free_Blow_DPI          ? 
# 
_refine_hist.pdbx_refine_id                   'X-RAY DIFFRACTION' 
_refine_hist.cycle_id                         LAST 
_refine_hist.pdbx_number_atoms_protein        780 
_refine_hist.pdbx_number_atoms_nucleic_acid   0 
_refine_hist.pdbx_number_atoms_ligand         6 
_refine_hist.number_atoms_solvent             119 
_refine_hist.number_atoms_total               905 
_refine_hist.d_res_high                       1.50 
_refine_hist.d_res_low                        46.68 
# 
loop_
_refine_ls_restr.type 
_refine_ls_restr.dev_ideal 
_refine_ls_restr.dev_ideal_target 
_refine_ls_restr.weight 
_refine_ls_restr.number 
_refine_ls_restr.pdbx_refine_id 
_refine_ls_restr.pdbx_restraint_function 
r_bond_refined_d             0.013  0.021  ? 856  'X-RAY DIFFRACTION' ? 
r_bond_other_d               0.002  0.020  ? 567  'X-RAY DIFFRACTION' ? 
r_angle_refined_deg          1.418  1.960  ? 1160 'X-RAY DIFFRACTION' ? 
r_angle_other_deg            2.029  3.000  ? 1394 'X-RAY DIFFRACTION' ? 
r_dihedral_angle_1_deg       5.880  5.000  ? 107  'X-RAY DIFFRACTION' ? 
r_dihedral_angle_2_deg       32.904 25.417 ? 48   'X-RAY DIFFRACTION' ? 
r_dihedral_angle_3_deg       11.427 15.000 ? 157  'X-RAY DIFFRACTION' ? 
r_dihedral_angle_4_deg       13.291 15.000 ? 7    'X-RAY DIFFRACTION' ? 
r_chiral_restr               0.083  0.200  ? 132  'X-RAY DIFFRACTION' ? 
r_gen_planes_refined         0.006  0.020  ? 972  'X-RAY DIFFRACTION' ? 
r_gen_planes_other           0.002  0.020  ? 163  'X-RAY DIFFRACTION' ? 
r_nbd_refined                0.249  0.200  ? 156  'X-RAY DIFFRACTION' ? 
r_nbd_other                  0.214  0.200  ? 620  'X-RAY DIFFRACTION' ? 
r_nbtor_refined              0.168  0.200  ? 417  'X-RAY DIFFRACTION' ? 
r_nbtor_other                0.095  0.200  ? 477  'X-RAY DIFFRACTION' ? 
r_xyhbond_nbd_refined        0.135  0.200  ? 87   'X-RAY DIFFRACTION' ? 
r_xyhbond_nbd_other          ?      ?      ? ?    'X-RAY DIFFRACTION' ? 
r_metal_ion_refined          ?      ?      ? ?    'X-RAY DIFFRACTION' ? 
r_metal_ion_other            ?      ?      ? ?    'X-RAY DIFFRACTION' ? 
r_symmetry_vdw_refined       0.226  0.200  ? 18   'X-RAY DIFFRACTION' ? 
r_symmetry_vdw_other         0.307  0.200  ? 63   'X-RAY DIFFRACTION' ? 
r_symmetry_hbond_refined     0.202  0.200  ? 30   'X-RAY DIFFRACTION' ? 
r_symmetry_hbond_other       ?      ?      ? ?    'X-RAY DIFFRACTION' ? 
r_symmetry_metal_ion_refined ?      ?      ? ?    'X-RAY DIFFRACTION' ? 
r_symmetry_metal_ion_other   ?      ?      ? ?    'X-RAY DIFFRACTION' ? 
r_mcbond_it                  2.424  3.000  ? 525  'X-RAY DIFFRACTION' ? 
r_mcbond_other               ?      ?      ? ?    'X-RAY DIFFRACTION' ? 
r_mcangle_it                 3.605  5.000  ? 852  'X-RAY DIFFRACTION' ? 
r_mcangle_other              ?      ?      ? ?    'X-RAY DIFFRACTION' ? 
r_scbond_it                  5.800  8.000  ? 335  'X-RAY DIFFRACTION' ? 
r_scbond_other               ?      ?      ? ?    'X-RAY DIFFRACTION' ? 
r_scangle_it                 8.120  11.000 ? 307  'X-RAY DIFFRACTION' ? 
r_scangle_other              ?      ?      ? ?    'X-RAY DIFFRACTION' ? 
r_long_range_B_refined       ?      ?      ? ?    'X-RAY DIFFRACTION' ? 
r_long_range_B_other         ?      ?      ? ?    'X-RAY DIFFRACTION' ? 
r_rigid_bond_restr           ?      ?      ? ?    'X-RAY DIFFRACTION' ? 
r_sphericity_free            ?      ?      ? ?    'X-RAY DIFFRACTION' ? 
r_sphericity_bonded          ?      ?      ? ?    'X-RAY DIFFRACTION' ? 
# 
_refine_ls_shell.pdbx_refine_id                   'X-RAY DIFFRACTION' 
_refine_ls_shell.pdbx_total_number_of_bins_used   20 
_refine_ls_shell.d_res_high                       1.50 
_refine_ls_shell.d_res_low                        1.54 
_refine_ls_shell.number_reflns_R_work             928 
_refine_ls_shell.R_factor_R_work                  0.2350 
_refine_ls_shell.percent_reflns_obs               ? 
_refine_ls_shell.R_factor_R_free                  0.3150 
_refine_ls_shell.R_factor_R_free_error            ? 
_refine_ls_shell.percent_reflns_R_free            ? 
_refine_ls_shell.number_reflns_R_free             44 
_refine_ls_shell.number_reflns_all                ? 
_refine_ls_shell.R_factor_all                     ? 
# 
_struct.entry_id                  2JIN 
_struct.title                     'Crystal structure of PDZ domain of Synaptojanin-2 binding protein' 
_struct.pdbx_model_details        ? 
_struct.pdbx_CASP_flag            ? 
_struct.pdbx_model_type_details   ? 
# 
_struct_keywords.entry_id        2JIN 
_struct_keywords.pdbx_keywords   'MEMBRANE PROTEIN' 
_struct_keywords.text            
'TRANSMEMBRANE, OUTER MEMBRANE, MITOCHONDRIA DISTRIBUTION, PDZ, MEMBRANE, SCAFFOLD, MITOCHONDRION, MEMBRANE PROTEIN' 
# 
loop_
_struct_asym.id 
_struct_asym.pdbx_blank_PDB_chainid_flag 
_struct_asym.pdbx_modified 
_struct_asym.entity_id 
_struct_asym.details 
A N N 1 ? 
B N N 2 ? 
C N N 3 ? 
D N N 4 ? 
# 
_struct_biol.id   1 
# 
loop_
_struct_conf.conf_type_id 
_struct_conf.id 
_struct_conf.pdbx_PDB_helix_id 
_struct_conf.beg_label_comp_id 
_struct_conf.beg_label_asym_id 
_struct_conf.beg_label_seq_id 
_struct_conf.pdbx_beg_PDB_ins_code 
_struct_conf.end_label_comp_id 
_struct_conf.end_label_asym_id 
_struct_conf.end_label_seq_id 
_struct_conf.pdbx_end_PDB_ins_code 
_struct_conf.beg_auth_comp_id 
_struct_conf.beg_auth_asym_id 
_struct_conf.beg_auth_seq_id 
_struct_conf.end_auth_comp_id 
_struct_conf.end_auth_asym_id 
_struct_conf.end_auth_seq_id 
_struct_conf.pdbx_PDB_helix_class 
_struct_conf.details 
_struct_conf.pdbx_PDB_helix_length 
HELX_P HELX_P1 1 GLY A 50 ? GLY A 56 ? GLY A 51 GLY A 57 1 ? 7  
HELX_P HELX_P2 2 LEU A 76 ? ALA A 87 ? LEU A 77 ALA A 88 1 ? 12 
# 
_struct_conf_type.id          HELX_P 
_struct_conf_type.criteria    ? 
_struct_conf_type.reference   ? 
# 
loop_
_struct_sheet.id 
_struct_sheet.type 
_struct_sheet.number_strands 
_struct_sheet.details 
AA ? 5 ? 
AB ? 4 ? 
# 
loop_
_struct_sheet_order.sheet_id 
_struct_sheet_order.range_id_1 
_struct_sheet_order.range_id_2 
_struct_sheet_order.offset 
_struct_sheet_order.sense 
AA 1 2 ? anti-parallel 
AA 2 3 ? anti-parallel 
AA 3 4 ? anti-parallel 
AA 4 5 ? anti-parallel 
AB 1 2 ? anti-parallel 
AB 2 3 ? anti-parallel 
AB 3 4 ? anti-parallel 
# 
loop_
_struct_sheet_range.sheet_id 
_struct_sheet_range.id 
_struct_sheet_range.beg_label_comp_id 
_struct_sheet_range.beg_label_asym_id 
_struct_sheet_range.beg_label_seq_id 
_struct_sheet_range.pdbx_beg_PDB_ins_code 
_struct_sheet_range.end_label_comp_id 
_struct_sheet_range.end_label_asym_id 
_struct_sheet_range.end_label_seq_id 
_struct_sheet_range.pdbx_end_PDB_ins_code 
_struct_sheet_range.beg_auth_comp_id 
_struct_sheet_range.beg_auth_asym_id 
_struct_sheet_range.beg_auth_seq_id 
_struct_sheet_range.end_auth_comp_id 
_struct_sheet_range.end_auth_asym_id 
_struct_sheet_range.end_auth_seq_id 
AA 1 GLU A 10 ? THR A 16 ? GLU A 11 THR A 17 
AA 2 ALA A 90 ? GLN A 96 ? ALA A 91 GLN A 97 
AA 3 LYS A 63 ? VAL A 67 ? LYS A 64 VAL A 68 
AA 4 ILE A 41 ? ILE A 46 ? ILE A 42 ILE A 47 
AA 5 PHE A 24 ? GLY A 28 ? PHE A 25 GLY A 29 
AB 1 GLU A 10 ? THR A 16 ? GLU A 11 THR A 17 
AB 2 ALA A 90 ? GLN A 96 ? ALA A 91 GLN A 97 
AB 3 LYS A 63 ? VAL A 67 ? LYS A 64 VAL A 68 
AB 4 GLN A 70 ? ASP A 71 ? GLN A 71 ASP A 72 
# 
loop_
_pdbx_struct_sheet_hbond.sheet_id 
_pdbx_struct_sheet_hbond.range_id_1 
_pdbx_struct_sheet_hbond.range_id_2 
_pdbx_struct_sheet_hbond.range_1_label_atom_id 
_pdbx_struct_sheet_hbond.range_1_label_comp_id 
_pdbx_struct_sheet_hbond.range_1_label_asym_id 
_pdbx_struct_sheet_hbond.range_1_label_seq_id 
_pdbx_struct_sheet_hbond.range_1_PDB_ins_code 
_pdbx_struct_sheet_hbond.range_1_auth_atom_id 
_pdbx_struct_sheet_hbond.range_1_auth_comp_id 
_pdbx_struct_sheet_hbond.range_1_auth_asym_id 
_pdbx_struct_sheet_hbond.range_1_auth_seq_id 
_pdbx_struct_sheet_hbond.range_2_label_atom_id 
_pdbx_struct_sheet_hbond.range_2_label_comp_id 
_pdbx_struct_sheet_hbond.range_2_label_asym_id 
_pdbx_struct_sheet_hbond.range_2_label_seq_id 
_pdbx_struct_sheet_hbond.range_2_PDB_ins_code 
_pdbx_struct_sheet_hbond.range_2_auth_atom_id 
_pdbx_struct_sheet_hbond.range_2_auth_comp_id 
_pdbx_struct_sheet_hbond.range_2_auth_asym_id 
_pdbx_struct_sheet_hbond.range_2_auth_seq_id 
AA 1 2 N LEU A 15 ? N LEU A 16 O VAL A 91 ? O VAL A 92 
AA 2 3 N GLN A 96 ? N GLN A 97 O LYS A 63 ? O LYS A 64 
AA 3 4 N ILE A 64 ? N ILE A 65 O ILE A 41 ? O ILE A 42 
AA 4 5 N SER A 44 ? N SER A 45 O ASN A 25 ? O ASN A 26 
AB 1 2 N LEU A 15 ? N LEU A 16 O VAL A 91 ? O VAL A 92 
AB 2 3 N GLN A 96 ? N GLN A 97 O LYS A 63 ? O LYS A 64 
AB 3 4 N VAL A 67 ? N VAL A 68 O GLN A 70 ? O GLN A 71 
# 
loop_
_struct_site.id 
_struct_site.pdbx_evidence_code 
_struct_site.pdbx_auth_asym_id 
_struct_site.pdbx_auth_comp_id 
_struct_site.pdbx_auth_seq_id 
_struct_site.pdbx_auth_ins_code 
_struct_site.pdbx_num_residues 
_struct_site.details 
AC1 Software ? ? ? ? 6 'BINDING SITE FOR RESIDUE NA A1103'  
AC2 Software ? ? ? ? 5 'BINDING SITE FOR RESIDUE SO4 A1104' 
# 
loop_
_struct_site_gen.id 
_struct_site_gen.site_id 
_struct_site_gen.pdbx_num_res 
_struct_site_gen.label_comp_id 
_struct_site_gen.label_asym_id 
_struct_site_gen.label_seq_id 
_struct_site_gen.pdbx_auth_ins_code 
_struct_site_gen.auth_comp_id 
_struct_site_gen.auth_asym_id 
_struct_site_gen.auth_seq_id 
_struct_site_gen.label_atom_id 
_struct_site_gen.label_alt_id 
_struct_site_gen.symmetry 
_struct_site_gen.details 
1  AC1 6 GLY A 23 ? GLY A 24   . ? 1_555 ? 
2  AC1 6 LYS A 47 ? LYS A 48   . ? 1_555 ? 
3  AC1 6 GLY A 50 ? GLY A 51   . ? 1_555 ? 
4  AC1 6 ALA A 51 ? ALA A 52   . ? 1_555 ? 
5  AC1 6 ALA A 52 ? ALA A 53   . ? 1_555 ? 
6  AC1 6 ALA A 53 ? ALA A 54   . ? 1_555 ? 
7  AC2 5 ARG A 45 ? ARG A 46   . ? 1_555 ? 
8  AC2 5 LYS A 47 ? LYS A 48   . ? 1_555 ? 
9  AC2 5 GLU A 48 ? GLU A 49   . ? 1_555 ? 
10 AC2 5 HOH D .  ? HOH A 2055 . ? 1_555 ? 
11 AC2 5 HOH D .  ? HOH A 2119 . ? 1_555 ? 
# 
_atom_sites.entry_id                    2JIN 
_atom_sites.fract_transf_matrix[1][1]   0.00020434 
_atom_sites.fract_transf_matrix[1][2]   -0.00978817 
_atom_sites.fract_transf_matrix[1][3]   0.01156561 
_atom_sites.fract_transf_matrix[2][1]   0.00641433 
_atom_sites.fract_transf_matrix[2][2]   -0.01042316 
_atom_sites.fract_transf_matrix[2][3]   -0.00893463 
_atom_sites.fract_transf_matrix[3][1]   0.02188986 
_atom_sites.fract_transf_matrix[3][2]   0.00799925 
_atom_sites.fract_transf_matrix[3][3]   0.00638316 
_atom_sites.fract_transf_vector[1]      -0.278070 
_atom_sites.fract_transf_vector[2]      -0.121222 
_atom_sites.fract_transf_vector[3]      -0.541705 
# 
loop_
_atom_type.symbol 
C  
N  
NA 
O  
S  
# 
loop_
_atom_site.group_PDB 
_atom_site.id 
_atom_site.type_symbol 
_atom_site.label_atom_id 
_atom_site.label_alt_id 
_atom_site.label_comp_id 
_atom_site.label_asym_id 
_atom_site.label_entity_id 
_atom_site.label_seq_id 
_atom_site.pdbx_PDB_ins_code 
_atom_site.Cartn_x 
_atom_site.Cartn_y 
_atom_site.Cartn_z 
_atom_site.occupancy 
_atom_site.B_iso_or_equiv 
_atom_site.pdbx_formal_charge 
_atom_site.auth_seq_id 
_atom_site.auth_comp_id 
_atom_site.auth_asym_id 
_atom_site.auth_atom_id 
_atom_site.pdbx_PDB_model_num 
ATOM   1   N  N   . SER A 1 1   ? -19.574 -19.186 -8.744  1.00 46.83 ? -1   SER A N   1 
ATOM   2   C  CA  . SER A 1 1   ? -18.317 -18.579 -8.215  1.00 45.27 ? -1   SER A CA  1 
ATOM   3   C  C   . SER A 1 1   ? -18.349 -17.060 -8.407  1.00 43.33 ? -1   SER A C   1 
ATOM   4   O  O   . SER A 1 1   ? -18.411 -16.574 -9.537  1.00 44.10 ? -1   SER A O   1 
ATOM   5   C  CB  . SER A 1 1   ? -17.094 -19.179 -8.916  1.00 45.26 ? -1   SER A CB  1 
ATOM   6   N  N   . MET A 1 2   ? -18.309 -16.326 -7.295  1.00 39.52 ? 0    MET A N   1 
ATOM   7   C  CA  . MET A 1 2   ? -18.328 -14.862 -7.315  1.00 38.11 ? 0    MET A CA  1 
ATOM   8   C  C   . MET A 1 2   ? -16.950 -14.319 -7.717  1.00 33.56 ? 0    MET A C   1 
ATOM   9   O  O   . MET A 1 2   ? -15.956 -14.568 -7.032  1.00 33.32 ? 0    MET A O   1 
ATOM   10  C  CB  . MET A 1 2   ? -18.733 -14.293 -5.933  1.00 41.15 ? 0    MET A CB  1 
ATOM   11  C  CG  . MET A 1 2   ? -18.472 -12.781 -5.760  1.00 45.49 ? 0    MET A CG  1 
ATOM   12  S  SD  . MET A 1 2   ? -18.983 -12.093 -4.158  1.00 36.02 ? 0    MET A SD  1 
ATOM   13  C  CE  . MET A 1 2   ? -17.775 -12.838 -3.053  1.00 46.08 ? 0    MET A CE  1 
ATOM   14  N  N   . ARG A 1 3   ? -16.911 -13.591 -8.835  1.00 28.54 ? 4    ARG A N   1 
ATOM   15  C  CA  . ARG A 1 3   ? -15.723 -12.835 -9.238  1.00 21.17 ? 4    ARG A CA  1 
ATOM   16  C  C   . ARG A 1 3   ? -15.989 -11.334 -9.299  1.00 22.51 ? 4    ARG A C   1 
ATOM   17  O  O   . ARG A 1 3   ? -15.119 -10.561 -9.717  1.00 16.71 ? 4    ARG A O   1 
ATOM   18  C  CB  . ARG A 1 3   ? -15.205 -13.340 -10.592 1.00 22.26 ? 4    ARG A CB  1 
ATOM   19  C  CG  . ARG A 1 3   ? -14.649 -14.752 -10.547 1.00 28.48 ? 4    ARG A CG  1 
ATOM   20  C  CD  . ARG A 1 3   ? -13.401 -14.843 -9.668  1.00 22.10 ? 4    ARG A CD  1 
ATOM   21  N  NE  . ARG A 1 3   ? -12.874 -16.210 -9.593  1.00 35.84 ? 4    ARG A NE  1 
ATOM   22  C  CZ  . ARG A 1 3   ? -13.306 -17.158 -8.752  1.00 44.00 ? 4    ARG A CZ  1 
ATOM   23  N  NH1 . ARG A 1 3   ? -14.279 -16.920 -7.872  1.00 41.47 ? 4    ARG A NH1 1 
ATOM   24  N  NH2 . ARG A 1 3   ? -12.750 -18.361 -8.780  1.00 50.62 ? 4    ARG A NH2 1 
ATOM   25  N  N   . VAL A 1 4   ? -17.183 -10.927 -8.848  1.00 19.71 ? 5    VAL A N   1 
ATOM   26  C  CA  . VAL A 1 4   ? -17.593 -9.526  -8.823  1.00 13.86 ? 5    VAL A CA  1 
ATOM   27  C  C   . VAL A 1 4   ? -18.143 -9.174  -7.437  1.00 16.05 ? 5    VAL A C   1 
ATOM   28  O  O   . VAL A 1 4   ? -19.194 -9.686  -7.049  1.00 18.79 ? 5    VAL A O   1 
ATOM   29  C  CB  . VAL A 1 4   ? -18.683 -9.253  -9.869  1.00 16.04 ? 5    VAL A CB  1 
ATOM   30  C  CG1 . VAL A 1 4   ? -19.123 -7.795  -9.814  1.00 19.64 ? 5    VAL A CG1 1 
ATOM   31  C  CG2 . VAL A 1 4   ? -18.211 -9.653  -11.300 1.00 18.72 ? 5    VAL A CG2 1 
ATOM   32  N  N   . ASP A 1 5   ? -17.433 -8.310  -6.722  1.00 18.04 ? 6    ASP A N   1 
ATOM   33  C  CA  . ASP A 1 5   ? -17.865 -7.854  -5.393  1.00 16.88 ? 6    ASP A CA  1 
ATOM   34  C  C   . ASP A 1 5   ? -18.976 -6.793  -5.478  1.00 18.87 ? 6    ASP A C   1 
ATOM   35  O  O   . ASP A 1 5   ? -18.940 -5.901  -6.328  1.00 21.02 ? 6    ASP A O   1 
ATOM   36  C  CB  . ASP A 1 5   ? -16.665 -7.248  -4.665  1.00 22.19 ? 6    ASP A CB  1 
ATOM   37  C  CG  . ASP A 1 5   ? -15.618 -8.279  -4.294  1.00 28.44 ? 6    ASP A CG  1 
ATOM   38  O  OD1 . ASP A 1 5   ? -15.992 -9.332  -3.721  1.00 30.07 ? 6    ASP A OD1 1 
ATOM   39  O  OD2 . ASP A 1 5   ? -14.419 -7.997  -4.539  1.00 26.20 ? 6    ASP A OD2 1 
ATOM   40  N  N   . TYR A 1 6   ? -19.936 -6.879  -4.562  1.00 16.64 ? 7    TYR A N   1 
ATOM   41  C  CA  . TYR A 1 6   ? -20.965 -5.842  -4.372  1.00 17.16 ? 7    TYR A CA  1 
ATOM   42  C  C   . TYR A 1 6   ? -20.306 -4.524  -3.914  1.00 16.03 ? 7    TYR A C   1 
ATOM   43  O  O   . TYR A 1 6   ? -20.685 -3.427  -4.358  1.00 18.50 ? 7    TYR A O   1 
ATOM   44  C  CB  . TYR A 1 6   ? -21.984 -6.310  -3.313  1.00 15.53 ? 7    TYR A CB  1 
ATOM   45  C  CG  . TYR A 1 6   ? -23.161 -5.378  -3.131  1.00 18.23 ? 7    TYR A CG  1 
ATOM   46  C  CD1 . TYR A 1 6   ? -24.026 -5.142  -4.193  1.00 18.60 ? 7    TYR A CD1 1 
ATOM   47  C  CD2 . TYR A 1 6   ? -23.435 -4.756  -1.897  1.00 19.75 ? 7    TYR A CD2 1 
ATOM   48  C  CE1 . TYR A 1 6   ? -25.139 -4.321  -4.064  1.00 24.35 ? 7    TYR A CE1 1 
ATOM   49  C  CE2 . TYR A 1 6   ? -24.573 -3.907  -1.761  1.00 15.74 ? 7    TYR A CE2 1 
ATOM   50  C  CZ  . TYR A 1 6   ? -25.404 -3.697  -2.862  1.00 14.12 ? 7    TYR A CZ  1 
ATOM   51  O  OH  . TYR A 1 6   ? -26.539 -2.895  -2.835  1.00 18.71 ? 7    TYR A OH  1 
ATOM   52  N  N   . LEU A 1 7   ? -19.311 -4.643  -3.038  1.00 13.34 ? 8    LEU A N   1 
ATOM   53  C  CA  . LEU A 1 7   ? -18.575 -3.528  -2.517  1.00 12.28 ? 8    LEU A CA  1 
ATOM   54  C  C   . LEU A 1 7   ? -17.097 -3.786  -2.774  1.00 17.47 ? 8    LEU A C   1 
ATOM   55  O  O   . LEU A 1 7   ? -16.533 -4.750  -2.254  1.00 15.87 ? 8    LEU A O   1 
ATOM   56  C  CB  . LEU A 1 7   ? -18.822 -3.344  -1.002  1.00 17.95 ? 8    LEU A CB  1 
ATOM   57  C  CG  . LEU A 1 7   ? -20.266 -3.080  -0.572  1.00 14.88 ? 8    LEU A CG  1 
ATOM   58  C  CD1 . LEU A 1 7   ? -20.407 -3.004  0.923   1.00 14.87 ? 8    LEU A CD1 1 
ATOM   59  C  CD2 . LEU A 1 7   ? -20.824 -1.807  -1.210  1.00 23.64 ? 8    LEU A CD2 1 
ATOM   60  N  N   . VAL A 1 8   ? -16.459 -2.910  -3.535  1.00 17.99 ? 9    VAL A N   1 
ATOM   61  C  CA  . VAL A 1 8   ? -15.082 -3.145  -3.930  1.00 17.95 ? 9    VAL A CA  1 
ATOM   62  C  C   . VAL A 1 8   ? -14.191 -2.454  -2.935  1.00 21.35 ? 9    VAL A C   1 
ATOM   63  O  O   . VAL A 1 8   ? -13.941 -1.241  -3.044  1.00 27.48 ? 9    VAL A O   1 
ATOM   64  C  CB  . VAL A 1 8   ? -14.754 -2.661  -5.360  1.00 19.91 ? 9    VAL A CB  1 
ATOM   65  C  CG1 . VAL A 1 8   ? -13.276 -2.979  -5.676  1.00 26.38 ? 9    VAL A CG1 1 
ATOM   66  C  CG2 . VAL A 1 8   ? -15.663 -3.323  -6.350  1.00 23.43 ? 9    VAL A CG2 1 
ATOM   67  N  N   . THR A 1 9   ? -13.724 -3.213  -1.956  1.00 15.40 ? 10   THR A N   1 
ATOM   68  C  CA  . THR A 1 9   ? -12.865 -2.668  -0.899  1.00 17.17 ? 10   THR A CA  1 
ATOM   69  C  C   . THR A 1 9   ? -11.396 -3.098  -0.997  1.00 23.16 ? 10   THR A C   1 
ATOM   70  O  O   . THR A 1 9   ? -10.530 -2.439  -0.420  1.00 24.75 ? 10   THR A O   1 
ATOM   71  C  CB  . THR A 1 9   ? -13.377 -3.030  0.470   1.00 21.15 ? 10   THR A CB  1 
ATOM   72  O  OG1 . THR A 1 9   ? -13.430 -4.443  0.601   1.00 24.42 ? 10   THR A OG1 1 
ATOM   73  C  CG2 . THR A 1 9   ? -14.795 -2.448  0.684   1.00 25.39 ? 10   THR A CG2 1 
ATOM   74  N  N   . GLU A 1 10  ? -11.126 -4.193  -1.701  1.00 21.12 ? 11   GLU A N   1 
ATOM   75  C  CA  . GLU A 1 10  ? -9.765  -4.708  -1.899  1.00 20.82 ? 11   GLU A CA  1 
ATOM   76  C  C   . GLU A 1 10  ? -9.499  -4.712  -3.395  1.00 20.03 ? 11   GLU A C   1 
ATOM   77  O  O   . GLU A 1 10  ? -10.376 -5.028  -4.193  1.00 21.26 ? 11   GLU A O   1 
ATOM   78  C  CB  . GLU A 1 10  ? -9.599  -6.116  -1.327  1.00 23.12 ? 11   GLU A CB  1 
ATOM   79  C  CG  . GLU A 1 10  ? -8.152  -6.619  -1.305  1.00 33.98 ? 11   GLU A CG  1 
ATOM   80  C  CD  . GLU A 1 10  ? -7.968  -7.941  -0.561  1.00 37.54 ? 11   GLU A CD  1 
ATOM   81  O  OE1 . GLU A 1 10  ? -8.560  -8.106  0.527   1.00 33.67 ? 11   GLU A OE1 1 
ATOM   82  O  OE2 . GLU A 1 10  ? -7.216  -8.810  -1.066  1.00 37.95 ? 11   GLU A OE2 1 
ATOM   83  N  N   . GLU A 1 11  ? -8.265  -4.371  -3.764  1.00 15.82 ? 12   GLU A N   1 
ATOM   84  C  CA  . GLU A 1 11  ? -7.946  -4.158  -5.145  1.00 18.15 ? 12   GLU A CA  1 
ATOM   85  C  C   . GLU A 1 11  ? -6.466  -4.411  -5.398  1.00 15.72 ? 12   GLU A C   1 
ATOM   86  O  O   . GLU A 1 11  ? -5.621  -4.112  -4.555  1.00 16.22 ? 12   GLU A O   1 
ATOM   87  C  CB  . GLU A 1 11  ? -8.351  -2.719  -5.494  1.00 25.29 ? 12   GLU A CB  1 
ATOM   88  C  CG  . GLU A 1 11  ? -8.058  -2.318  -6.864  1.00 29.82 ? 12   GLU A CG  1 
ATOM   89  C  CD  . GLU A 1 11  ? -8.528  -0.928  -7.233  1.00 18.90 ? 12   GLU A CD  1 
ATOM   90  O  OE1 . GLU A 1 11  ? -8.968  -0.092  -6.379  1.00 20.84 ? 12   GLU A OE1 1 
ATOM   91  O  OE2 . GLU A 1 11  ? -8.386  -0.647  -8.431  1.00 24.88 ? 12   GLU A OE2 1 
ATOM   92  N  N   . GLU A 1 12  ? -6.153  -5.025  -6.538  1.00 16.12 ? 13   GLU A N   1 
ATOM   93  C  CA  . GLU A 1 12  ? -4.794  -5.157  -7.006  1.00 15.39 ? 13   GLU A CA  1 
ATOM   94  C  C   . GLU A 1 12  ? -4.502  -4.016  -7.976  1.00 19.15 ? 13   GLU A C   1 
ATOM   95  O  O   . GLU A 1 12  ? -5.252  -3.798  -8.918  1.00 19.42 ? 13   GLU A O   1 
ATOM   96  C  CB  . GLU A 1 12  ? -4.595  -6.503  -7.679  1.00 17.34 ? 13   GLU A CB  1 
ATOM   97  C  CG  . GLU A 1 12  ? -3.207  -6.708  -8.199  1.00 21.44 ? 13   GLU A CG  1 
ATOM   98  C  CD  . GLU A 1 12  ? -2.942  -8.146  -8.585  1.00 37.10 ? 13   GLU A CD  1 
ATOM   99  O  OE1 . GLU A 1 12  ? -3.730  -8.698  -9.375  1.00 27.58 ? 13   GLU A OE1 1 
ATOM   100 O  OE2 . GLU A 1 12  ? -1.948  -8.722  -8.102  1.00 60.34 ? 13   GLU A OE2 1 
ATOM   101 N  N   . ILE A 1 13  ? -3.404  -3.320  -7.722  1.00 17.66 ? 14   ILE A N   1 
ATOM   102 C  CA  . ILE A 1 13  ? -2.996  -2.140  -8.477  1.00 18.58 ? 14   ILE A CA  1 
ATOM   103 C  C   . ILE A 1 13  ? -1.594  -2.362  -9.000  1.00 17.63 ? 14   ILE A C   1 
ATOM   104 O  O   . ILE A 1 13  ? -0.670  -2.570  -8.220  1.00 17.65 ? 14   ILE A O   1 
ATOM   105 C  CB  . ILE A 1 13  ? -3.022  -0.899  -7.576  1.00 15.93 ? 14   ILE A CB  1 
ATOM   106 C  CG1 . ILE A 1 13  ? -4.410  -0.712  -6.957  1.00 17.55 ? 14   ILE A CG1 1 
ATOM   107 C  CG2 . ILE A 1 13  ? -2.602  0.353   -8.331  1.00 20.45 ? 14   ILE A CG2 1 
ATOM   108 C  CD1 . ILE A 1 13  ? -4.539  0.421   -5.975  1.00 19.62 ? 14   ILE A CD1 1 
ATOM   109 N  N   . ASN A 1 14  ? -1.446  -2.313  -10.318 1.00 19.23 ? 15   ASN A N   1 
ATOM   110 C  CA  . ASN A 1 14  ? -0.184  -2.458  -10.990 1.00 20.51 ? 15   ASN A CA  1 
ATOM   111 C  C   . ASN A 1 14  ? 0.345   -1.088  -11.368 1.00 18.47 ? 15   ASN A C   1 
ATOM   112 O  O   . ASN A 1 14  ? -0.239  -0.413  -12.233 1.00 20.52 ? 15   ASN A O   1 
ATOM   113 C  CB  A ASN A 1 14  ? -0.320  -3.355  -12.248 0.50 20.58 ? 15   ASN A CB  1 
ATOM   114 C  CB  B ASN A 1 14  ? -0.349  -3.369  -12.192 0.50 22.24 ? 15   ASN A CB  1 
ATOM   115 C  CG  A ASN A 1 14  ? -1.482  -2.941  -13.211 0.50 17.35 ? 15   ASN A CG  1 
ATOM   116 C  CG  B ASN A 1 14  ? -0.968  -4.703  -11.807 0.50 23.91 ? 15   ASN A CG  1 
ATOM   117 O  OD1 A ASN A 1 14  ? -2.639  -2.749  -12.808 0.50 17.92 ? 15   ASN A OD1 1 
ATOM   118 O  OD1 B ASN A 1 14  ? -0.512  -5.359  -10.859 0.50 27.70 ? 15   ASN A OD1 1 
ATOM   119 N  ND2 A ASN A 1 14  ? -1.162  -2.849  -14.497 0.50 21.75 ? 15   ASN A ND2 1 
ATOM   120 N  ND2 B ASN A 1 14  ? -2.025  -5.095  -12.510 0.50 45.89 ? 15   ASN A ND2 1 
ATOM   121 N  N   . LEU A 1 15  ? 1.422   -0.673  -10.698 1.00 18.36 ? 16   LEU A N   1 
ATOM   122 C  CA  . LEU A 1 15  ? 2.023   0.626   -10.917 1.00 18.43 ? 16   LEU A CA  1 
ATOM   123 C  C   . LEU A 1 15  ? 3.330   0.445   -11.617 1.00 19.98 ? 16   LEU A C   1 
ATOM   124 O  O   . LEU A 1 15  ? 3.933   -0.607  -11.538 1.00 19.43 ? 16   LEU A O   1 
ATOM   125 C  CB  . LEU A 1 15  ? 2.304   1.324   -9.585  1.00 19.40 ? 16   LEU A CB  1 
ATOM   126 C  CG  . LEU A 1 15  ? 1.133   1.827   -8.760  1.00 22.09 ? 16   LEU A CG  1 
ATOM   127 C  CD1 . LEU A 1 15  ? 1.667   2.553   -7.499  1.00 23.79 ? 16   LEU A CD1 1 
ATOM   128 C  CD2 . LEU A 1 15  ? 0.235   2.766   -9.587  1.00 22.37 ? 16   LEU A CD2 1 
ATOM   129 N  N   . THR A 1 16  ? 3.797   1.501   -12.283 1.00 21.47 ? 17   THR A N   1 
ATOM   130 C  CA  . THR A 1 16  ? 5.132   1.544   -12.816 1.00 22.70 ? 17   THR A CA  1 
ATOM   131 C  C   . THR A 1 16  ? 5.832   2.746   -12.162 1.00 23.70 ? 17   THR A C   1 
ATOM   132 O  O   . THR A 1 16  ? 5.229   3.808   -11.965 1.00 29.71 ? 17   THR A O   1 
ATOM   133 C  CB  . THR A 1 16  ? 5.111   1.684   -14.330 1.00 23.55 ? 17   THR A CB  1 
ATOM   134 O  OG1 . THR A 1 16  ? 4.395   2.867   -14.683 1.00 30.04 ? 17   THR A OG1 1 
ATOM   135 C  CG2 . THR A 1 16  ? 4.419   0.477   -14.993 1.00 25.18 ? 17   THR A CG2 1 
ATOM   136 N  N   . ARG A 1 17  ? 7.088   2.548   -11.795 1.00 16.77 ? 18   ARG A N   1 
ATOM   137 C  CA  . ARG A 1 17  ? 7.894   3.560   -11.146 1.00 19.43 ? 18   ARG A CA  1 
ATOM   138 C  C   . ARG A 1 17  ? 8.107   4.739   -12.104 1.00 18.03 ? 18   ARG A C   1 
ATOM   139 O  O   . ARG A 1 17  ? 8.236   4.542   -13.304 1.00 20.01 ? 18   ARG A O   1 
ATOM   140 C  CB  . ARG A 1 17  ? 9.228   2.922   -10.766 1.00 24.45 ? 18   ARG A CB  1 
ATOM   141 C  CG  . ARG A 1 17  ? 10.002  3.558   -9.658  1.00 21.90 ? 18   ARG A CG  1 
ATOM   142 C  CD  . ARG A 1 17  ? 11.239  2.684   -9.309  1.00 18.03 ? 18   ARG A CD  1 
ATOM   143 N  NE  . ARG A 1 17  ? 10.803  1.419   -8.726  1.00 23.19 ? 18   ARG A NE  1 
ATOM   144 C  CZ  . ARG A 1 17  ? 10.496  1.270   -7.436  1.00 22.60 ? 18   ARG A CZ  1 
ATOM   145 N  NH1 . ARG A 1 17  ? 10.633  2.293   -6.592  1.00 22.62 ? 18   ARG A NH1 1 
ATOM   146 N  NH2 . ARG A 1 17  ? 10.072  0.089   -6.982  1.00 24.03 ? 18   ARG A NH2 1 
ATOM   147 N  N   . GLY A 1 18  ? 8.057   5.955   -11.583 1.00 18.32 ? 19   GLY A N   1 
ATOM   148 C  CA  . GLY A 1 18  ? 8.499   7.138   -12.300 1.00 19.21 ? 19   GLY A CA  1 
ATOM   149 C  C   . GLY A 1 18  ? 9.898   7.532   -11.841 1.00 18.02 ? 19   GLY A C   1 
ATOM   150 O  O   . GLY A 1 18  ? 10.510  6.841   -11.008 1.00 16.74 ? 19   GLY A O   1 
ATOM   151 N  N   . PRO A 1 19  ? 10.427  8.646   -12.394 1.00 16.88 ? 20   PRO A N   1 
ATOM   152 C  CA  . PRO A 1 19  ? 11.701  9.216   -11.980 1.00 21.44 ? 20   PRO A CA  1 
ATOM   153 C  C   . PRO A 1 19  ? 11.771  9.518   -10.485 1.00 19.21 ? 20   PRO A C   1 
ATOM   154 O  O   . PRO A 1 19  ? 12.848  9.429   -9.906  1.00 28.98 ? 20   PRO A O   1 
ATOM   155 C  CB  . PRO A 1 19  ? 11.787  10.513  -12.801 1.00 16.99 ? 20   PRO A CB  1 
ATOM   156 C  CG  . PRO A 1 19  ? 10.946  10.289  -13.981 1.00 19.70 ? 20   PRO A CG  1 
ATOM   157 C  CD  . PRO A 1 19  ? 9.825   9.403   -13.507 1.00 19.04 ? 20   PRO A CD  1 
ATOM   158 N  N   . SER A 1 20  ? 10.634  9.872   -9.891  1.00 20.19 ? 21   SER A N   1 
ATOM   159 C  CA  . SER A 1 20  ? 10.580  10.220  -8.474  1.00 22.28 ? 21   SER A CA  1 
ATOM   160 C  C   . SER A 1 20  ? 10.104  9.038   -7.625  1.00 21.66 ? 21   SER A C   1 
ATOM   161 O  O   . SER A 1 20  ? 9.855   9.208   -6.431  1.00 23.18 ? 21   SER A O   1 
ATOM   162 C  CB  . SER A 1 20  ? 9.651   11.416  -8.248  1.00 22.09 ? 21   SER A CB  1 
ATOM   163 O  OG  . SER A 1 20  ? 10.056  12.556  -9.006  1.00 29.66 ? 21   SER A OG  1 
ATOM   164 N  N   . GLY A 1 21  ? 10.009  7.846   -8.209  1.00 19.05 ? 22   GLY A N   1 
ATOM   165 C  CA  . GLY A 1 21  ? 9.495   6.672   -7.462  1.00 18.48 ? 22   GLY A CA  1 
ATOM   166 C  C   . GLY A 1 21  ? 8.046   6.359   -7.778  1.00 18.45 ? 22   GLY A C   1 
ATOM   167 O  O   . GLY A 1 21  ? 7.518   6.782   -8.793  1.00 16.68 ? 22   GLY A O   1 
ATOM   168 N  N   . LEU A 1 22  ? 7.391   5.629   -6.890  1.00 15.83 ? 23   LEU A N   1 
ATOM   169 C  CA  . LEU A 1 22  ? 6.011   5.181   -7.110  1.00 15.38 ? 23   LEU A CA  1 
ATOM   170 C  C   . LEU A 1 22  ? 5.036   6.334   -6.830  1.00 19.44 ? 23   LEU A C   1 
ATOM   171 O  O   . LEU A 1 22  ? 3.891   6.296   -7.268  1.00 18.55 ? 23   LEU A O   1 
ATOM   172 C  CB  . LEU A 1 22  ? 5.694   3.962   -6.233  1.00 16.43 ? 23   LEU A CB  1 
ATOM   173 C  CG  . LEU A 1 22  ? 6.474   2.688   -6.614  1.00 17.03 ? 23   LEU A CG  1 
ATOM   174 C  CD1 . LEU A 1 22  ? 6.238   1.587   -5.585  1.00 22.06 ? 23   LEU A CD1 1 
ATOM   175 C  CD2 . LEU A 1 22  ? 6.063   2.247   -7.998  1.00 21.50 ? 23   LEU A CD2 1 
ATOM   176 N  N   . GLY A 1 23  ? 5.473   7.328   -6.054  1.00 14.89 ? 24   GLY A N   1 
ATOM   177 C  CA  . GLY A 1 23  ? 4.674   8.538   -5.881  1.00 15.72 ? 24   GLY A CA  1 
ATOM   178 C  C   . GLY A 1 23  ? 3.696   8.521   -4.698  1.00 17.57 ? 24   GLY A C   1 
ATOM   179 O  O   . GLY A 1 23  ? 2.564   9.035   -4.775  1.00 17.20 ? 24   GLY A O   1 
ATOM   180 N  N   . PHE A 1 24  ? 4.106   7.909   -3.592  1.00 14.03 ? 25   PHE A N   1 
ATOM   181 C  CA  . PHE A 1 24  ? 3.298   7.921   -2.390  1.00 13.52 ? 25   PHE A CA  1 
ATOM   182 C  C   . PHE A 1 24  ? 4.191   7.784   -1.184  1.00 17.01 ? 25   PHE A C   1 
ATOM   183 O  O   . PHE A 1 24  ? 5.351   7.366   -1.296  1.00 16.99 ? 25   PHE A O   1 
ATOM   184 C  CB  . PHE A 1 24  ? 2.191   6.910   -2.401  1.00 15.60 ? 25   PHE A CB  1 
ATOM   185 C  CG  . PHE A 1 24  ? 2.637   5.476   -2.511  1.00 16.36 ? 25   PHE A CG  1 
ATOM   186 C  CD1 . PHE A 1 24  ? 2.778   4.866   -3.736  1.00 16.54 ? 25   PHE A CD1 1 
ATOM   187 C  CD2 . PHE A 1 24  ? 2.830   4.719   -1.375  1.00 17.05 ? 25   PHE A CD2 1 
ATOM   188 C  CE1 . PHE A 1 24  ? 3.127   3.544   -3.828  1.00 16.64 ? 25   PHE A CE1 1 
ATOM   189 C  CE2 . PHE A 1 24  ? 3.176   3.366   -1.462  1.00 16.85 ? 25   PHE A CE2 1 
ATOM   190 C  CZ  . PHE A 1 24  ? 3.346   2.800   -2.678  1.00 16.80 ? 25   PHE A CZ  1 
ATOM   191 N  N   . ASN A 1 25  ? 3.672   8.214   -0.044  1.00 14.52 ? 26   ASN A N   1 
ATOM   192 C  CA  . ASN A 1 25  ? 4.351   8.041   1.221   1.00 16.20 ? 26   ASN A CA  1 
ATOM   193 C  C   . ASN A 1 25  ? 3.661   6.949   2.036   1.00 14.11 ? 26   ASN A C   1 
ATOM   194 O  O   . ASN A 1 25  ? 2.466   6.752   1.927   1.00 16.62 ? 26   ASN A O   1 
ATOM   195 C  CB  . ASN A 1 25  ? 4.305   9.302   2.083   1.00 18.07 ? 26   ASN A CB  1 
ATOM   196 C  CG  . ASN A 1 25  ? 4.982   10.516  1.451   1.00 16.21 ? 26   ASN A CG  1 
ATOM   197 O  OD1 . ASN A 1 25  ? 5.772   10.409  0.505   1.00 20.90 ? 26   ASN A OD1 1 
ATOM   198 N  ND2 . ASN A 1 25  ? 4.691   11.686  2.019   1.00 23.37 ? 26   ASN A ND2 1 
ATOM   199 N  N   . ILE A 1 26  ? 4.452   6.255   2.832   1.00 15.14 ? 27   ILE A N   1 
ATOM   200 C  CA  . ILE A 1 26  ? 3.923   5.231   3.737   1.00 13.28 ? 27   ILE A CA  1 
ATOM   201 C  C   . ILE A 1 26  ? 4.256   5.543   5.187   1.00 16.77 ? 27   ILE A C   1 
ATOM   202 O  O   . ILE A 1 26  ? 5.318   6.149   5.518   1.00 15.57 ? 27   ILE A O   1 
ATOM   203 C  CB  . ILE A 1 26  ? 4.421   3.799   3.400   1.00 16.20 ? 27   ILE A CB  1 
ATOM   204 C  CG1 . ILE A 1 26  ? 5.966   3.677   3.499   1.00 16.24 ? 27   ILE A CG1 1 
ATOM   205 C  CG2 . ILE A 1 26  ? 3.888   3.392   2.034   1.00 15.60 ? 27   ILE A CG2 1 
ATOM   206 C  CD1 . ILE A 1 26  ? 6.449   2.227   3.359   1.00 17.15 ? 27   ILE A CD1 1 
ATOM   207 N  N   . VAL A 1 27  ? 3.355   5.083   6.039   1.00 16.41 ? 28   VAL A N   1 
ATOM   208 C  CA  . VAL A 1 27  ? 3.532   5.017   7.461   1.00 16.11 ? 28   VAL A CA  1 
ATOM   209 C  C   . VAL A 1 27  ? 3.182   3.607   7.918   1.00 19.35 ? 28   VAL A C   1 
ATOM   210 O  O   . VAL A 1 27  ? 2.603   2.826   7.157   1.00 17.15 ? 28   VAL A O   1 
ATOM   211 C  CB  . VAL A 1 27  ? 2.666   6.056   8.192   1.00 16.32 ? 28   VAL A CB  1 
ATOM   212 C  CG1 . VAL A 1 27  ? 3.122   7.429   7.772   1.00 17.39 ? 28   VAL A CG1 1 
ATOM   213 C  CG2 . VAL A 1 27  ? 1.142   5.851   7.927   1.00 16.52 ? 28   VAL A CG2 1 
ATOM   214 N  N   . GLY A 1 28  ? 3.473   3.289   9.175   1.00 21.20 ? 29   GLY A N   1 
ATOM   215 C  CA  . GLY A 1 28  ? 3.177   1.967   9.706   1.00 15.93 ? 29   GLY A CA  1 
ATOM   216 C  C   . GLY A 1 28  ? 4.345   1.024   9.748   1.00 17.86 ? 29   GLY A C   1 
ATOM   217 O  O   . GLY A 1 28  ? 5.477   1.427   9.489   1.00 18.97 ? 29   GLY A O   1 
ATOM   218 N  N   . GLY A 1 29  ? 4.067   -0.235  10.082  1.00 16.79 ? 30   GLY A N   1 
ATOM   219 C  CA  . GLY A 1 29  ? 5.104   -1.220  10.327  1.00 17.16 ? 30   GLY A CA  1 
ATOM   220 C  C   . GLY A 1 29  ? 4.946   -1.787  11.711  1.00 19.07 ? 30   GLY A C   1 
ATOM   221 O  O   . GLY A 1 29  ? 4.244   -1.215  12.544  1.00 17.72 ? 30   GLY A O   1 
ATOM   222 N  N   . THR A 1 30  ? 5.609   -2.899  11.985  1.00 16.47 ? 31   THR A N   1 
ATOM   223 C  CA  . THR A 1 30  ? 5.475   -3.508  13.306  1.00 20.26 ? 31   THR A CA  1 
ATOM   224 C  C   . THR A 1 30  ? 6.034   -2.616  14.407  1.00 19.98 ? 31   THR A C   1 
ATOM   225 O  O   . THR A 1 30  ? 5.620   -2.757  15.572  1.00 20.15 ? 31   THR A O   1 
ATOM   226 C  CB  . THR A 1 30  ? 6.201   -4.826  13.393  1.00 16.16 ? 31   THR A CB  1 
ATOM   227 O  OG1 . THR A 1 30  ? 7.567   -4.625  13.009  1.00 18.45 ? 31   THR A OG1 1 
ATOM   228 C  CG2 . THR A 1 30  ? 5.552   -5.876  12.488  1.00 17.86 ? 31   THR A CG2 1 
ATOM   229 N  N   . ASP A 1 31  ? 6.935   -1.692  14.034  1.00 16.21 ? 32   ASP A N   1 
ATOM   230 C  CA  . ASP A 1 31  ? 7.568   -0.746  14.962  1.00 15.00 ? 32   ASP A CA  1 
ATOM   231 C  C   . ASP A 1 31  ? 6.831   0.600   14.970  1.00 13.35 ? 32   ASP A C   1 
ATOM   232 O  O   . ASP A 1 31  ? 7.304   1.566   15.581  1.00 15.95 ? 32   ASP A O   1 
ATOM   233 C  CB  . ASP A 1 31  ? 9.059   -0.587  14.644  1.00 16.50 ? 32   ASP A CB  1 
ATOM   234 C  CG  . ASP A 1 31  ? 9.326   -0.151  13.208  1.00 17.25 ? 32   ASP A CG  1 
ATOM   235 O  OD1 . ASP A 1 31  ? 8.439   -0.339  12.324  1.00 17.29 ? 32   ASP A OD1 1 
ATOM   236 O  OD2 . ASP A 1 31  ? 10.453  0.374   12.996  1.00 19.19 ? 32   ASP A OD2 1 
ATOM   237 N  N   . GLN A 1 32  ? 5.640   0.628   14.378  1.00 14.98 ? 33   GLN A N   1 
ATOM   238 C  CA  . GLN A 1 32  ? 4.784   1.827   14.402  1.00 16.61 ? 33   GLN A CA  1 
ATOM   239 C  C   . GLN A 1 32  ? 3.338   1.427   14.815  1.00 16.54 ? 33   GLN A C   1 
ATOM   240 O  O   . GLN A 1 32  ? 2.361   1.812   14.189  1.00 19.51 ? 33   GLN A O   1 
ATOM   241 C  CB  . GLN A 1 32  ? 4.803   2.547   13.036  1.00 17.28 ? 33   GLN A CB  1 
ATOM   242 C  CG  . GLN A 1 32  ? 6.152   3.084   12.616  1.00 15.87 ? 33   GLN A CG  1 
ATOM   243 C  CD  . GLN A 1 32  ? 6.005   4.176   11.521  1.00 20.57 ? 33   GLN A CD  1 
ATOM   244 O  OE1 . GLN A 1 32  ? 4.888   4.528   11.110  1.00 21.64 ? 33   GLN A OE1 1 
ATOM   245 N  NE2 . GLN A 1 32  ? 7.127   4.730   11.095  1.00 21.34 ? 33   GLN A NE2 1 
ATOM   246 N  N   . GLN A 1 33  ? 3.213   0.726   15.942  1.00 17.20 ? 34   GLN A N   1 
ATOM   247 C  CA  . GLN A 1 33  ? 1.879   0.276   16.411  1.00 20.01 ? 34   GLN A CA  1 
ATOM   248 C  C   . GLN A 1 33  ? 0.939   1.426   16.773  1.00 19.95 ? 34   GLN A C   1 
ATOM   249 O  O   . GLN A 1 33  ? -0.275  1.235   16.873  1.00 24.45 ? 34   GLN A O   1 
ATOM   250 C  CB  . GLN A 1 33  ? 1.992   -0.642  17.637  1.00 20.29 ? 34   GLN A CB  1 
ATOM   251 C  CG  . GLN A 1 33  ? 2.471   -2.043  17.347  1.00 20.15 ? 34   GLN A CG  1 
ATOM   252 C  CD  . GLN A 1 33  ? 1.681   -2.710  16.269  1.00 27.21 ? 34   GLN A CD  1 
ATOM   253 O  OE1 . GLN A 1 33  ? 0.452   -2.590  16.236  1.00 26.79 ? 34   GLN A OE1 1 
ATOM   254 N  NE2 . GLN A 1 33  ? 2.374   -3.421  15.364  1.00 26.99 ? 34   GLN A NE2 1 
ATOM   255 N  N   . TYR A 1 34  ? 1.504   2.601   16.988  1.00 17.08 ? 35   TYR A N   1 
ATOM   256 C  CA  . TYR A 1 34  ? 0.766   3.791   17.402  1.00 17.11 ? 35   TYR A CA  1 
ATOM   257 C  C   . TYR A 1 34  ? -0.070  4.353   16.233  1.00 20.12 ? 35   TYR A C   1 
ATOM   258 O  O   . TYR A 1 34  ? -1.055  5.060   16.465  1.00 20.50 ? 35   TYR A O   1 
ATOM   259 C  CB  . TYR A 1 34  ? 1.723   4.857   17.968  1.00 19.74 ? 35   TYR A CB  1 
ATOM   260 C  CG  . TYR A 1 34  ? 2.836   5.169   17.003  1.00 23.02 ? 35   TYR A CG  1 
ATOM   261 C  CD1 . TYR A 1 34  ? 4.114   4.607   17.157  1.00 20.15 ? 35   TYR A CD1 1 
ATOM   262 C  CD2 . TYR A 1 34  ? 2.599   5.968   15.874  1.00 20.17 ? 35   TYR A CD2 1 
ATOM   263 C  CE1 . TYR A 1 34  ? 5.124   4.867   16.231  1.00 24.49 ? 35   TYR A CE1 1 
ATOM   264 C  CE2 . TYR A 1 34  ? 3.585   6.229   14.961  1.00 19.06 ? 35   TYR A CE2 1 
ATOM   265 C  CZ  . TYR A 1 34  ? 4.856   5.685   15.131  1.00 22.90 ? 35   TYR A CZ  1 
ATOM   266 O  OH  . TYR A 1 34  ? 5.840   5.940   14.208  1.00 25.46 ? 35   TYR A OH  1 
ATOM   267 N  N   . VAL A 1 35  ? 0.290   3.994   14.999  1.00 18.69 ? 36   VAL A N   1 
ATOM   268 C  CA  A VAL A 1 35  ? -0.328  4.571   13.799  0.50 20.14 ? 36   VAL A CA  1 
ATOM   269 C  CA  B VAL A 1 35  ? -0.346  4.615   13.831  0.50 21.04 ? 36   VAL A CA  1 
ATOM   270 C  C   . VAL A 1 35  ? -1.799  4.226   13.628  1.00 19.10 ? 36   VAL A C   1 
ATOM   271 O  O   . VAL A 1 35  ? -2.609  5.065   13.245  1.00 19.63 ? 36   VAL A O   1 
ATOM   272 C  CB  A VAL A 1 35  ? 0.430   4.110   12.521  0.50 16.70 ? 36   VAL A CB  1 
ATOM   273 C  CB  B VAL A 1 35  ? 0.437   4.360   12.514  0.50 23.32 ? 36   VAL A CB  1 
ATOM   274 C  CG1 A VAL A 1 35  ? -0.283  4.585   11.265  0.50 25.60 ? 36   VAL A CG1 1 
ATOM   275 C  CG1 B VAL A 1 35  ? 1.841   4.910   12.633  0.50 21.91 ? 36   VAL A CG1 1 
ATOM   276 C  CG2 A VAL A 1 35  ? 1.852   4.634   12.538  0.50 24.41 ? 36   VAL A CG2 1 
ATOM   277 C  CG2 B VAL A 1 35  ? 0.446   2.881   12.144  0.50 25.12 ? 36   VAL A CG2 1 
ATOM   278 N  N   . SER A 1 36  ? -2.148  2.976   13.907  1.00 19.35 ? 37   SER A N   1 
ATOM   279 C  CA  . SER A 1 36  ? -3.466  2.462   13.605  1.00 18.82 ? 37   SER A CA  1 
ATOM   280 C  C   . SER A 1 36  ? -3.875  1.398   14.594  1.00 22.47 ? 37   SER A C   1 
ATOM   281 O  O   . SER A 1 36  ? -3.028  0.760   15.197  1.00 20.94 ? 37   SER A O   1 
ATOM   282 C  CB  A SER A 1 36  ? -3.485  1.839   12.192  0.70 19.39 ? 37   SER A CB  1 
ATOM   283 C  CB  B SER A 1 36  ? -3.470  1.859   12.205  0.30 19.54 ? 37   SER A CB  1 
ATOM   284 O  OG  A SER A 1 36  ? -4.761  1.287   11.881  0.70 21.72 ? 37   SER A OG  1 
ATOM   285 O  OG  B SER A 1 36  ? -2.611  0.741   12.170  0.30 18.54 ? 37   SER A OG  1 
ATOM   286 N  N   . ASN A 1 37  ? -5.175  1.170   14.704  1.00 23.23 ? 38   ASN A N   1 
ATOM   287 C  CA  . ASN A 1 37  ? -5.673  0.024   15.448  1.00 22.34 ? 38   ASN A CA  1 
ATOM   288 C  C   . ASN A 1 37  ? -5.651  -1.269  14.635  1.00 20.46 ? 38   ASN A C   1 
ATOM   289 O  O   . ASN A 1 37  ? -6.009  -2.322  15.158  1.00 18.03 ? 38   ASN A O   1 
ATOM   290 C  CB  A ASN A 1 37  ? -7.049  0.296   16.076  0.70 27.14 ? 38   ASN A CB  1 
ATOM   291 C  CB  B ASN A 1 37  ? -7.108  0.287   15.947  0.30 24.89 ? 38   ASN A CB  1 
ATOM   292 C  CG  A ASN A 1 37  ? -6.971  1.269   17.261  0.70 34.04 ? 38   ASN A CG  1 
ATOM   293 C  CG  B ASN A 1 37  ? -8.120  0.446   14.806  0.30 26.02 ? 38   ASN A CG  1 
ATOM   294 O  OD1 A ASN A 1 37  ? -6.118  1.137   18.156  0.70 24.83 ? 38   ASN A OD1 1 
ATOM   295 O  OD1 B ASN A 1 37  ? -7.809  0.207   13.640  0.30 28.15 ? 38   ASN A OD1 1 
ATOM   296 N  ND2 A ASN A 1 37  ? -7.864  2.254   17.263  0.70 32.69 ? 38   ASN A ND2 1 
ATOM   297 N  ND2 B ASN A 1 37  ? -9.337  0.855   15.147  0.30 38.02 ? 38   ASN A ND2 1 
ATOM   298 N  N   . ASP A 1 38  ? -5.177  -1.199  13.385  1.00 18.82 ? 39   ASP A N   1 
ATOM   299 C  CA  . ASP A 1 38  ? -5.067  -2.366  12.511  1.00 19.58 ? 39   ASP A CA  1 
ATOM   300 C  C   . ASP A 1 38  ? -3.703  -2.288  11.857  1.00 25.23 ? 39   ASP A C   1 
ATOM   301 O  O   . ASP A 1 38  ? -3.529  -1.670  10.798  1.00 21.24 ? 39   ASP A O   1 
ATOM   302 C  CB  . ASP A 1 38  ? -6.187  -2.389  11.480  1.00 21.47 ? 39   ASP A CB  1 
ATOM   303 C  CG  . ASP A 1 38  ? -6.130  -3.608  10.579  1.00 29.43 ? 39   ASP A CG  1 
ATOM   304 O  OD1 . ASP A 1 38  ? -5.413  -4.578  10.898  1.00 35.76 ? 39   ASP A OD1 1 
ATOM   305 O  OD2 . ASP A 1 38  ? -6.824  -3.587  9.539   1.00 40.45 ? 39   ASP A OD2 1 
ATOM   306 N  N   . SER A 1 39  ? -2.731  -2.918  12.508  1.00 16.61 ? 40   SER A N   1 
ATOM   307 C  CA  . SER A 1 39  ? -1.334  -2.765  12.120  1.00 18.46 ? 40   SER A CA  1 
ATOM   308 C  C   . SER A 1 39  ? -1.064  -3.133  10.657  1.00 19.05 ? 40   SER A C   1 
ATOM   309 O  O   . SER A 1 39  ? -1.593  -4.105  10.143  1.00 19.78 ? 40   SER A O   1 
ATOM   310 C  CB  . SER A 1 39  ? -0.429  -3.587  13.022  1.00 21.81 ? 40   SER A CB  1 
ATOM   311 O  OG  . SER A 1 39  ? 0.934   -3.274  12.806  1.00 26.50 ? 40   SER A OG  1 
ATOM   312 N  N   . GLY A 1 40  ? -0.261  -2.323  9.994   1.00 19.61 ? 41   GLY A N   1 
ATOM   313 C  CA  . GLY A 1 40  ? 0.236   -2.683  8.673   1.00 20.68 ? 41   GLY A CA  1 
ATOM   314 C  C   . GLY A 1 40  ? 0.874   -1.453  8.106   1.00 19.63 ? 41   GLY A C   1 
ATOM   315 O  O   . GLY A 1 40  ? 1.132   -0.485  8.838   1.00 17.79 ? 41   GLY A O   1 
ATOM   316 N  N   . ILE A 1 41  ? 1.072   -1.464  6.785   1.00 15.74 ? 42   ILE A N   1 
ATOM   317 C  CA  . ILE A 1 41  ? 1.665   -0.372  6.063   1.00 15.36 ? 42   ILE A CA  1 
ATOM   318 C  C   . ILE A 1 41  ? 0.513   0.354   5.363   1.00 15.84 ? 42   ILE A C   1 
ATOM   319 O  O   . ILE A 1 41  ? -0.257  -0.267  4.639   1.00 16.11 ? 42   ILE A O   1 
ATOM   320 C  CB  . ILE A 1 41  ? 2.649   -0.936  5.026   1.00 15.71 ? 42   ILE A CB  1 
ATOM   321 C  CG1 . ILE A 1 41  ? 3.803   -1.669  5.738   1.00 17.56 ? 42   ILE A CG1 1 
ATOM   322 C  CG2 . ILE A 1 41  ? 3.086   0.114   4.074   1.00 17.31 ? 42   ILE A CG2 1 
ATOM   323 C  CD1 . ILE A 1 41  ? 4.739   -0.790  6.527   1.00 17.29 ? 42   ILE A CD1 1 
ATOM   324 N  N   . TYR A 1 42  ? 0.456   1.675   5.542   1.00 14.60 ? 43   TYR A N   1 
ATOM   325 C  CA  . TYR A 1 42  ? -0.598  2.529   5.025   1.00 14.65 ? 43   TYR A CA  1 
ATOM   326 C  C   . TYR A 1 42  ? -0.053  3.645   4.152   1.00 16.90 ? 43   TYR A C   1 
ATOM   327 O  O   . TYR A 1 42  ? 1.053   4.145   4.399   1.00 16.06 ? 43   TYR A O   1 
ATOM   328 C  CB  . TYR A 1 42  ? -1.385  3.186   6.148   1.00 15.09 ? 43   TYR A CB  1 
ATOM   329 C  CG  . TYR A 1 42  ? -2.255  2.224   6.909   1.00 16.55 ? 43   TYR A CG  1 
ATOM   330 C  CD1 . TYR A 1 42  ? -3.607  2.100   6.606   1.00 14.55 ? 43   TYR A CD1 1 
ATOM   331 C  CD2 . TYR A 1 42  ? -1.739  1.468   7.958   1.00 16.94 ? 43   TYR A CD2 1 
ATOM   332 C  CE1 . TYR A 1 42  ? -4.430  1.265   7.330   1.00 16.81 ? 43   TYR A CE1 1 
ATOM   333 C  CE2 . TYR A 1 42  ? -2.564  0.567   8.669   1.00 20.17 ? 43   TYR A CE2 1 
ATOM   334 C  CZ  . TYR A 1 42  ? -3.917  0.485   8.335   1.00 21.54 ? 43   TYR A CZ  1 
ATOM   335 O  OH  . TYR A 1 42  ? -4.800  -0.348  9.005   1.00 19.54 ? 43   TYR A OH  1 
ATOM   336 N  N   . VAL A 1 43  ? -0.836  4.027   3.148   1.00 14.87 ? 44   VAL A N   1 
ATOM   337 C  CA  . VAL A 1 43  ? -0.523  5.171   2.316   1.00 14.72 ? 44   VAL A CA  1 
ATOM   338 C  C   . VAL A 1 43  ? -0.942  6.446   3.072   1.00 17.35 ? 44   VAL A C   1 
ATOM   339 O  O   . VAL A 1 43  ? -2.123  6.631   3.370   1.00 16.91 ? 44   VAL A O   1 
ATOM   340 C  CB  . VAL A 1 43  ? -1.268  5.080   0.972   1.00 16.73 ? 44   VAL A CB  1 
ATOM   341 C  CG1 . VAL A 1 43  ? -0.985  6.299   0.147   1.00 16.94 ? 44   VAL A CG1 1 
ATOM   342 C  CG2 . VAL A 1 43  ? -0.860  3.786   0.207   1.00 15.71 ? 44   VAL A CG2 1 
ATOM   343 N  N   . SER A 1 44  ? 0.033   7.278   3.453   1.00 16.55 ? 45   SER A N   1 
ATOM   344 C  CA  . SER A 1 44  ? -0.276  8.539   4.142   1.00 18.57 ? 45   SER A CA  1 
ATOM   345 C  C   . SER A 1 44  ? -0.450  9.703   3.187   1.00 16.88 ? 45   SER A C   1 
ATOM   346 O  O   . SER A 1 44  ? -1.078  10.716  3.550   1.00 20.71 ? 45   SER A O   1 
ATOM   347 C  CB  . SER A 1 44  ? 0.822   8.864   5.155   1.00 18.63 ? 45   SER A CB  1 
ATOM   348 O  OG  . SER A 1 44  ? 2.058   8.842   4.510   1.00 17.44 ? 45   SER A OG  1 
ATOM   349 N  N   . ARG A 1 45  ? 0.120   9.613   1.979   1.00 14.61 ? 46   ARG A N   1 
ATOM   350 C  CA  . ARG A 1 45  ? 0.051   10.707  1.018   1.00 16.11 ? 46   ARG A CA  1 
ATOM   351 C  C   . ARG A 1 45  ? 0.213   10.176  -0.385  1.00 16.57 ? 46   ARG A C   1 
ATOM   352 O  O   . ARG A 1 45  ? 1.076   9.329   -0.623  1.00 18.03 ? 46   ARG A O   1 
ATOM   353 C  CB  . ARG A 1 45  ? 1.170   11.716  1.230   1.00 16.61 ? 46   ARG A CB  1 
ATOM   354 C  CG  . ARG A 1 45  ? 1.020   12.955  0.342   1.00 26.18 ? 46   ARG A CG  1 
ATOM   355 C  CD  . ARG A 1 45  ? 1.457   14.248  0.972   1.00 43.74 ? 46   ARG A CD  1 
ATOM   356 N  NE  . ARG A 1 45  ? 1.281   15.357  0.022   1.00 50.90 ? 46   ARG A NE  1 
ATOM   357 C  CZ  . ARG A 1 45  ? 0.101   15.851  -0.371  1.00 64.82 ? 46   ARG A CZ  1 
ATOM   358 N  NH1 . ARG A 1 45  ? -1.047  15.375  0.107   1.00 67.04 ? 46   ARG A NH1 1 
ATOM   359 N  NH2 . ARG A 1 45  ? 0.064   16.850  -1.250  1.00 62.27 ? 46   ARG A NH2 1 
ATOM   360 N  N   . ILE A 1 46  ? -0.627  10.652  -1.293  1.00 16.79 ? 47   ILE A N   1 
ATOM   361 C  CA  . ILE A 1 46  ? -0.425  10.457  -2.721  1.00 16.06 ? 47   ILE A CA  1 
ATOM   362 C  C   . ILE A 1 46  ? 0.274   11.718  -3.234  1.00 18.13 ? 47   ILE A C   1 
ATOM   363 O  O   . ILE A 1 46  ? -0.259  12.823  -3.141  1.00 16.52 ? 47   ILE A O   1 
ATOM   364 C  CB  . ILE A 1 46  ? -1.761  10.264  -3.476  1.00 18.55 ? 47   ILE A CB  1 
ATOM   365 C  CG1 . ILE A 1 46  ? -2.461  8.976   -3.036  1.00 20.20 ? 47   ILE A CG1 1 
ATOM   366 C  CG2 . ILE A 1 46  ? -1.575  10.253  -5.002  1.00 17.40 ? 47   ILE A CG2 1 
ATOM   367 C  CD1 . ILE A 1 46  ? -1.724  7.745   -3.372  1.00 20.64 ? 47   ILE A CD1 1 
ATOM   368 N  N   . LYS A 1 47  ? 1.438   11.548  -3.847  1.00 16.55 ? 48   LYS A N   1 
ATOM   369 C  CA  . LYS A 1 47  ? 2.223   12.713  -4.278  1.00 16.19 ? 48   LYS A CA  1 
ATOM   370 C  C   . LYS A 1 47  ? 1.609   13.356  -5.519  1.00 15.47 ? 48   LYS A C   1 
ATOM   371 O  O   . LYS A 1 47  ? 1.264   12.687  -6.495  1.00 15.22 ? 48   LYS A O   1 
ATOM   372 C  CB  . LYS A 1 47  ? 3.647   12.310  -4.569  1.00 16.77 ? 48   LYS A CB  1 
ATOM   373 C  CG  . LYS A 1 47  ? 4.374   11.743  -3.363  1.00 21.64 ? 48   LYS A CG  1 
ATOM   374 C  CD  . LYS A 1 47  ? 4.769   12.775  -2.368  1.00 31.66 ? 48   LYS A CD  1 
ATOM   375 C  CE  . LYS A 1 47  ? 6.004   13.555  -2.837  1.00 34.19 ? 48   LYS A CE  1 
ATOM   376 N  NZ  . LYS A 1 47  ? 6.438   14.554  -1.821  1.00 38.71 ? 48   LYS A NZ  1 
ATOM   377 N  N   . GLU A 1 48  ? 1.487   14.660  -5.497  1.00 14.17 ? 49   GLU A N   1 
ATOM   378 C  CA  . GLU A 1 48  ? 0.912   15.381  -6.616  1.00 14.48 ? 49   GLU A CA  1 
ATOM   379 C  C   . GLU A 1 48  ? 1.625   15.055  -7.934  1.00 16.31 ? 49   GLU A C   1 
ATOM   380 O  O   . GLU A 1 48  ? 2.854   15.094  -8.023  1.00 14.69 ? 49   GLU A O   1 
ATOM   381 C  CB  . GLU A 1 48  ? 0.979   16.871  -6.338  1.00 15.56 ? 49   GLU A CB  1 
ATOM   382 C  CG  . GLU A 1 48  ? 0.093   17.747  -7.227  1.00 21.69 ? 49   GLU A CG  1 
ATOM   383 C  CD  . GLU A 1 48  ? -1.392  17.694  -6.849  1.00 34.16 ? 49   GLU A CD  1 
ATOM   384 O  OE1 . GLU A 1 48  ? -1.731  17.207  -5.747  1.00 34.14 ? 49   GLU A OE1 1 
ATOM   385 O  OE2 . GLU A 1 48  ? -2.223  18.165  -7.652  1.00 33.79 ? 49   GLU A OE2 1 
ATOM   386 N  N   . ASN A 1 49  ? 0.854   14.687  -8.949  1.00 16.35 ? 50   ASN A N   1 
ATOM   387 C  CA  . ASN A 1 49  ? 1.411   14.442  -10.272 1.00 15.31 ? 50   ASN A CA  1 
ATOM   388 C  C   . ASN A 1 49  ? 2.369   13.246  -10.425 1.00 14.31 ? 50   ASN A C   1 
ATOM   389 O  O   . ASN A 1 49  ? 3.005   13.111  -11.473 1.00 17.45 ? 50   ASN A O   1 
ATOM   390 C  CB  . ASN A 1 49  ? 2.052   15.725  -10.827 1.00 15.60 ? 50   ASN A CB  1 
ATOM   391 C  CG  . ASN A 1 49  ? 1.088   16.869  -10.847 1.00 14.46 ? 50   ASN A CG  1 
ATOM   392 O  OD1 . ASN A 1 49  ? 1.394   17.997  -10.409 1.00 20.60 ? 50   ASN A OD1 1 
ATOM   393 N  ND2 . ASN A 1 49  ? -0.081  16.615  -11.385 1.00 12.44 ? 50   ASN A ND2 1 
ATOM   394 N  N   . GLY A 1 50  ? 2.478   12.393  -9.423  1.00 13.86 ? 51   GLY A N   1 
ATOM   395 C  CA  . GLY A 1 50  ? 3.388   11.255  -9.535  1.00 14.15 ? 51   GLY A CA  1 
ATOM   396 C  C   . GLY A 1 50  ? 2.704   10.032  -10.105 1.00 19.53 ? 51   GLY A C   1 
ATOM   397 O  O   . GLY A 1 50  ? 1.537   10.056  -10.488 1.00 17.29 ? 51   GLY A O   1 
ATOM   398 N  N   . ALA A 1 51  ? 3.403   8.911   -10.075 1.00 17.21 ? 52   ALA A N   1 
ATOM   399 C  CA  . ALA A 1 51  ? 2.891   7.695   -10.707 1.00 18.81 ? 52   ALA A CA  1 
ATOM   400 C  C   . ALA A 1 51  ? 1.557   7.251   -10.133 1.00 19.62 ? 52   ALA A C   1 
ATOM   401 O  O   . ALA A 1 51  ? 0.556   7.009   -10.871 1.00 19.29 ? 52   ALA A O   1 
ATOM   402 C  CB  . ALA A 1 51  ? 3.934   6.554   -10.616 1.00 26.50 ? 52   ALA A CB  1 
ATOM   403 N  N   . ALA A 1 52  ? 1.513   7.125   -8.803  1.00 16.33 ? 53   ALA A N   1 
ATOM   404 C  CA  . ALA A 1 52  ? 0.289   6.661   -8.169  1.00 16.74 ? 53   ALA A CA  1 
ATOM   405 C  C   . ALA A 1 52  ? -0.883  7.608   -8.442  1.00 16.31 ? 53   ALA A C   1 
ATOM   406 O  O   . ALA A 1 52  ? -2.001  7.163   -8.724  1.00 17.19 ? 53   ALA A O   1 
ATOM   407 C  CB  . ALA A 1 52  ? 0.474   6.440   -6.660  1.00 18.34 ? 53   ALA A CB  1 
ATOM   408 N  N   . ALA A 1 53  ? -0.611  8.914   -8.455  1.00 14.22 ? 54   ALA A N   1 
ATOM   409 C  CA  . ALA A 1 53  ? -1.625  9.941   -8.712  1.00 17.11 ? 54   ALA A CA  1 
ATOM   410 C  C   . ALA A 1 53  ? -2.198  9.781   -10.115 1.00 16.99 ? 54   ALA A C   1 
ATOM   411 O  O   . ALA A 1 53  ? -3.410  9.720   -10.314 1.00 18.68 ? 54   ALA A O   1 
ATOM   412 C  CB  . ALA A 1 53  ? -1.024  11.369  -8.542  1.00 15.66 ? 54   ALA A CB  1 
ATOM   413 N  N   . LEU A 1 54  ? -1.315  9.676   -11.091 1.00 16.37 ? 55   LEU A N   1 
ATOM   414 C  CA  . LEU A 1 54  ? -1.757  9.576   -12.485 1.00 16.62 ? 55   LEU A CA  1 
ATOM   415 C  C   . LEU A 1 54  ? -2.538  8.274   -12.717 1.00 20.61 ? 55   LEU A C   1 
ATOM   416 O  O   . LEU A 1 54  ? -3.531  8.232   -13.461 1.00 22.94 ? 55   LEU A O   1 
ATOM   417 C  CB  . LEU A 1 54  ? -0.582  9.687   -13.444 1.00 20.10 ? 55   LEU A CB  1 
ATOM   418 C  CG  . LEU A 1 54  ? 0.062   11.071  -13.524 1.00 24.24 ? 55   LEU A CG  1 
ATOM   419 C  CD1 . LEU A 1 54  ? 1.322   10.970  -14.338 1.00 30.43 ? 55   LEU A CD1 1 
ATOM   420 C  CD2 . LEU A 1 54  ? -0.846  12.105  -14.145 1.00 34.93 ? 55   LEU A CD2 1 
ATOM   421 N  N   . ASP A 1 55  ? -2.087  7.204   -12.087 1.00 17.35 ? 56   ASP A N   1 
ATOM   422 C  CA  . ASP A 1 55  ? -2.800  5.930   -12.203 1.00 17.89 ? 56   ASP A CA  1 
ATOM   423 C  C   . ASP A 1 55  ? -4.235  5.988   -11.644 1.00 19.17 ? 56   ASP A C   1 
ATOM   424 O  O   . ASP A 1 55  ? -5.138  5.320   -12.162 1.00 19.62 ? 56   ASP A O   1 
ATOM   425 C  CB  . ASP A 1 55  ? -1.995  4.831   -11.524 1.00 17.95 ? 56   ASP A CB  1 
ATOM   426 C  CG  . ASP A 1 55  ? -2.711  3.518   -11.530 1.00 17.46 ? 56   ASP A CG  1 
ATOM   427 O  OD1 . ASP A 1 55  ? -2.546  2.788   -12.551 1.00 22.40 ? 56   ASP A OD1 1 
ATOM   428 O  OD2 . ASP A 1 55  ? -3.421  3.269   -10.548 1.00 18.09 ? 56   ASP A OD2 1 
ATOM   429 N  N   . GLY A 1 56  ? -4.423  6.700   -10.539 1.00 17.77 ? 57   GLY A N   1 
ATOM   430 C  CA  . GLY A 1 56  ? -5.738  7.011   -10.018 1.00 16.17 ? 57   GLY A CA  1 
ATOM   431 C  C   . GLY A 1 56  ? -6.328  6.081   -8.978  1.00 17.32 ? 57   GLY A C   1 
ATOM   432 O  O   . GLY A 1 56  ? -7.306  6.425   -8.293  1.00 19.66 ? 57   GLY A O   1 
ATOM   433 N  N   . ARG A 1 57  ? -5.772  4.882   -8.837  1.00 17.94 ? 58   ARG A N   1 
ATOM   434 C  CA  . ARG A 1 57  ? -6.428  3.872   -8.032  1.00 17.26 ? 58   ARG A CA  1 
ATOM   435 C  C   . ARG A 1 57  ? -6.021  3.882   -6.571  1.00 16.60 ? 58   ARG A C   1 
ATOM   436 O  O   . ARG A 1 57  ? -6.823  3.664   -5.694  1.00 18.08 ? 58   ARG A O   1 
ATOM   437 C  CB  . ARG A 1 57  ? -6.170  2.495   -8.623  1.00 17.67 ? 58   ARG A CB  1 
ATOM   438 C  CG  . ARG A 1 57  ? -6.755  2.340   -9.963  1.00 17.84 ? 58   ARG A CG  1 
ATOM   439 C  CD  . ARG A 1 57  ? -6.404  0.996   -10.581 1.00 18.34 ? 58   ARG A CD  1 
ATOM   440 N  NE  . ARG A 1 57  ? -5.067  0.999   -11.152 1.00 17.60 ? 58   ARG A NE  1 
ATOM   441 C  CZ  . ARG A 1 57  ? -4.508  -0.031  -11.787 1.00 18.87 ? 58   ARG A CZ  1 
ATOM   442 N  NH1 . ARG A 1 57  ? -5.194  -1.160  -11.937 1.00 22.55 ? 58   ARG A NH1 1 
ATOM   443 N  NH2 . ARG A 1 57  ? -3.290  0.069   -12.287 1.00 23.05 ? 58   ARG A NH2 1 
ATOM   444 N  N   . LEU A 1 58  ? -4.738  4.104   -6.313  1.00 15.15 ? 59   LEU A N   1 
ATOM   445 C  CA  . LEU A 1 58  ? -4.259  4.144   -4.929  1.00 16.93 ? 59   LEU A CA  1 
ATOM   446 C  C   . LEU A 1 58  ? -4.812  5.366   -4.197  1.00 16.83 ? 59   LEU A C   1 
ATOM   447 O  O   . LEU A 1 58  ? -4.814  6.465   -4.745  1.00 17.21 ? 59   LEU A O   1 
ATOM   448 C  CB  . LEU A 1 58  ? -2.730  4.158   -4.908  1.00 16.74 ? 59   LEU A CB  1 
ATOM   449 C  CG  . LEU A 1 58  ? -2.065  3.739   -3.599  1.00 18.00 ? 59   LEU A CG  1 
ATOM   450 C  CD1 . LEU A 1 58  ? -2.259  2.267   -3.234  1.00 17.98 ? 59   LEU A CD1 1 
ATOM   451 C  CD2 . LEU A 1 58  ? -0.560  4.057   -3.663  1.00 18.38 ? 59   LEU A CD2 1 
ATOM   452 N  N   . GLN A 1 59  ? -5.265  5.184   -2.962  1.00 17.09 ? 60   GLN A N   1 
ATOM   453 C  CA  . GLN A 1 59  ? -5.818  6.281   -2.182  1.00 19.35 ? 60   GLN A CA  1 
ATOM   454 C  C   . GLN A 1 59  ? -5.106  6.478   -0.859  1.00 16.84 ? 60   GLN A C   1 
ATOM   455 O  O   . GLN A 1 59  ? -4.609  5.511   -0.265  1.00 16.23 ? 60   GLN A O   1 
ATOM   456 C  CB  . GLN A 1 59  ? -7.288  5.978   -1.864  1.00 19.23 ? 60   GLN A CB  1 
ATOM   457 C  CG  . GLN A 1 59  ? -8.134  5.545   -3.026  1.00 22.35 ? 60   GLN A CG  1 
ATOM   458 C  CD  . GLN A 1 59  ? -8.442  6.648   -3.987  1.00 26.58 ? 60   GLN A CD  1 
ATOM   459 O  OE1 . GLN A 1 59  ? -8.796  7.752   -3.582  1.00 28.80 ? 60   GLN A OE1 1 
ATOM   460 N  NE2 . GLN A 1 59  ? -8.350  6.355   -5.275  1.00 23.93 ? 60   GLN A NE2 1 
ATOM   461 N  N   . GLU A 1 60  ? -5.104  7.705   -0.353  1.00 18.14 ? 61   GLU A N   1 
ATOM   462 C  CA  . GLU A 1 60  ? -4.625  7.952   0.989   1.00 17.98 ? 61   GLU A CA  1 
ATOM   463 C  C   . GLU A 1 60  ? -5.502  7.174   1.955   1.00 19.29 ? 61   GLU A C   1 
ATOM   464 O  O   . GLU A 1 60  ? -6.734  7.124   1.794   1.00 20.44 ? 61   GLU A O   1 
ATOM   465 C  CB  . GLU A 1 60  ? -4.627  9.454   1.329   1.00 20.11 ? 61   GLU A CB  1 
ATOM   466 C  CG  A GLU A 1 60  ? -3.648  10.155  0.342   0.60 16.21 ? 61   GLU A CG  1 
ATOM   467 C  CG  B GLU A 1 60  ? -3.783  10.111  2.428   0.40 26.21 ? 61   GLU A CG  1 
ATOM   468 C  CD  A GLU A 1 60  ? -3.576  11.673  0.407   0.60 17.57 ? 61   GLU A CD  1 
ATOM   469 C  CD  B GLU A 1 60  ? -4.176  11.517  2.738   0.40 22.08 ? 61   GLU A CD  1 
ATOM   470 O  OE1 A GLU A 1 60  ? -4.352  12.262  1.185   0.60 21.91 ? 61   GLU A OE1 1 
ATOM   471 O  OE1 B GLU A 1 60  ? -3.893  12.372  1.892   0.40 19.14 ? 61   GLU A OE1 1 
ATOM   472 O  OE2 A GLU A 1 60  ? -2.759  12.258  -0.361  0.60 12.93 ? 61   GLU A OE2 1 
ATOM   473 O  OE2 B GLU A 1 60  ? -4.746  11.764  3.826   0.40 27.69 ? 61   GLU A OE2 1 
ATOM   474 N  N   . GLY A 1 61  ? -4.870  6.529   2.927   1.00 17.15 ? 62   GLY A N   1 
ATOM   475 C  CA  . GLY A 1 61  ? -5.544  5.660   3.855   1.00 15.72 ? 62   GLY A CA  1 
ATOM   476 C  C   . GLY A 1 61  ? -5.583  4.188   3.468   1.00 16.42 ? 62   GLY A C   1 
ATOM   477 O  O   . GLY A 1 61  ? -5.952  3.354   4.276   1.00 16.54 ? 62   GLY A O   1 
ATOM   478 N  N   . ASP A 1 62  ? -5.206  3.871   2.223   1.00 15.82 ? 63   ASP A N   1 
ATOM   479 C  CA  . ASP A 1 62  ? -5.109  2.459   1.841   1.00 14.01 ? 63   ASP A CA  1 
ATOM   480 C  C   . ASP A 1 62  ? -4.125  1.728   2.713   1.00 14.33 ? 63   ASP A C   1 
ATOM   481 O  O   . ASP A 1 62  ? -3.047  2.224   2.983   1.00 15.84 ? 63   ASP A O   1 
ATOM   482 C  CB  . ASP A 1 62  ? -4.678  2.296   0.386   1.00 15.85 ? 63   ASP A CB  1 
ATOM   483 C  CG  . ASP A 1 62  ? -5.793  2.615   -0.621  1.00 16.73 ? 63   ASP A CG  1 
ATOM   484 O  OD1 . ASP A 1 62  ? -6.948  2.887   -0.189  1.00 17.03 ? 63   ASP A OD1 1 
ATOM   485 O  OD2 . ASP A 1 62  ? -5.495  2.579   -1.857  1.00 16.21 ? 63   ASP A OD2 1 
ATOM   486 N  N   . LYS A 1 63  ? -4.450  0.490   3.040   1.00 15.43 ? 64   LYS A N   1 
ATOM   487 C  CA  . LYS A 1 63  ? -3.552  -0.446  3.672   1.00 15.45 ? 64   LYS A CA  1 
ATOM   488 C  C   . LYS A 1 63  ? -2.961  -1.328  2.573   1.00 14.92 ? 64   LYS A C   1 
ATOM   489 O  O   . LYS A 1 63  ? -3.705  -1.931  1.785   1.00 17.25 ? 64   LYS A O   1 
ATOM   490 C  CB  . LYS A 1 63  ? -4.298  -1.309  4.683   1.00 17.41 ? 64   LYS A CB  1 
ATOM   491 C  CG  . LYS A 1 63  ? -3.387  -2.191  5.526   1.00 17.09 ? 64   LYS A CG  1 
ATOM   492 C  CD  . LYS A 1 63  ? -4.197  -2.968  6.534   1.00 22.21 ? 64   LYS A CD  1 
ATOM   493 C  CE  . LYS A 1 63  ? -3.285  -3.869  7.343   1.00 28.80 ? 64   LYS A CE  1 
ATOM   494 N  NZ  . LYS A 1 63  ? -4.055  -4.861  8.163   1.00 26.22 ? 64   LYS A NZ  1 
ATOM   495 N  N   . ILE A 1 64  ? -1.645  -1.407  2.512   1.00 14.91 ? 65   ILE A N   1 
ATOM   496 C  CA  . ILE A 1 64  ? -1.004  -2.193  1.498   1.00 13.50 ? 65   ILE A CA  1 
ATOM   497 C  C   . ILE A 1 64  ? -0.721  -3.563  2.092   1.00 14.89 ? 65   ILE A C   1 
ATOM   498 O  O   . ILE A 1 64  ? 0.087   -3.683  2.968   1.00 16.99 ? 65   ILE A O   1 
ATOM   499 C  CB  . ILE A 1 64  ? 0.307   -1.564  1.028   1.00 13.20 ? 65   ILE A CB  1 
ATOM   500 C  CG1 . ILE A 1 64  ? 0.064   -0.132  0.535   1.00 17.62 ? 65   ILE A CG1 1 
ATOM   501 C  CG2 . ILE A 1 64  ? 0.897   -2.382  -0.125  1.00 16.29 ? 65   ILE A CG2 1 
ATOM   502 C  CD1 . ILE A 1 64  ? 1.336   0.538   0.013   1.00 19.89 ? 65   ILE A CD1 1 
ATOM   503 N  N   . LEU A 1 65  ? -1.419  -4.580  1.611   1.00 15.35 ? 66   LEU A N   1 
ATOM   504 C  CA  . LEU A 1 65  ? -1.315  -5.936  2.142   1.00 15.77 ? 66   LEU A CA  1 
ATOM   505 C  C   . LEU A 1 65  ? -0.085  -6.625  1.653   1.00 16.44 ? 66   LEU A C   1 
ATOM   506 O  O   . LEU A 1 65  ? 0.525   -7.396  2.368   1.00 16.91 ? 66   LEU A O   1 
ATOM   507 C  CB  . LEU A 1 65  ? -2.559  -6.732  1.722   1.00 18.58 ? 66   LEU A CB  1 
ATOM   508 C  CG  . LEU A 1 65  ? -3.886  -6.126  2.163   1.00 21.99 ? 66   LEU A CG  1 
ATOM   509 C  CD1 . LEU A 1 65  ? -5.022  -6.970  1.595   1.00 24.74 ? 66   LEU A CD1 1 
ATOM   510 C  CD2 . LEU A 1 65  ? -3.966  -6.050  3.689   1.00 23.54 ? 66   LEU A CD2 1 
ATOM   511 N  N   . SER A 1 66  ? 0.258   -6.396  0.400   1.00 13.54 ? 67   SER A N   1 
ATOM   512 C  CA  . SER A 1 66  ? 1.384   -7.099  -0.207  1.00 15.12 ? 67   SER A CA  1 
ATOM   513 C  C   . SER A 1 66  ? 1.953   -6.323  -1.369  1.00 13.75 ? 67   SER A C   1 
ATOM   514 O  O   . SER A 1 66  ? 1.284   -5.521  -1.985  1.00 15.50 ? 67   SER A O   1 
ATOM   515 C  CB  . SER A 1 66  ? 0.962   -8.484  -0.680  1.00 17.76 ? 67   SER A CB  1 
ATOM   516 O  OG  . SER A 1 66  ? -0.022  -8.425  -1.693  1.00 16.12 ? 67   SER A OG  1 
ATOM   517 N  N   . VAL A 1 67  ? 3.232   -6.531  -1.593  1.00 16.61 ? 68   VAL A N   1 
ATOM   518 C  CA  . VAL A 1 67  ? 3.915   -5.971  -2.746  1.00 18.17 ? 68   VAL A CA  1 
ATOM   519 C  C   . VAL A 1 67  ? 4.490   -7.119  -3.548  1.00 19.35 ? 68   VAL A C   1 
ATOM   520 O  O   . VAL A 1 67  ? 5.239   -7.949  -3.021  1.00 16.33 ? 68   VAL A O   1 
ATOM   521 C  CB  . VAL A 1 67  ? 5.047   -5.062  -2.275  1.00 21.05 ? 68   VAL A CB  1 
ATOM   522 C  CG1 . VAL A 1 67  ? 5.884   -4.567  -3.458  1.00 21.58 ? 68   VAL A CG1 1 
ATOM   523 C  CG2 . VAL A 1 67  ? 4.491   -3.924  -1.492  1.00 23.44 ? 68   VAL A CG2 1 
ATOM   524 N  N   . ASN A 1 68  ? 4.143   -7.198  -4.827  1.00 15.61 ? 69   ASN A N   1 
ATOM   525 C  CA  . ASN A 1 68  ? 4.536   -8.354  -5.643  1.00 18.53 ? 69   ASN A CA  1 
ATOM   526 C  C   . ASN A 1 68  ? 4.257   -9.678  -4.953  1.00 16.55 ? 69   ASN A C   1 
ATOM   527 O  O   . ASN A 1 68  ? 5.064   -10.602 -5.027  1.00 18.47 ? 69   ASN A O   1 
ATOM   528 C  CB  . ASN A 1 68  ? 6.018   -8.260  -6.017  1.00 17.56 ? 69   ASN A CB  1 
ATOM   529 C  CG  . ASN A 1 68  ? 6.301   -7.136  -6.964  1.00 17.87 ? 69   ASN A CG  1 
ATOM   530 O  OD1 . ASN A 1 68  ? 5.390   -6.581  -7.552  1.00 19.24 ? 69   ASN A OD1 1 
ATOM   531 N  ND2 . ASN A 1 68  ? 7.569   -6.815  -7.161  1.00 23.72 ? 69   ASN A ND2 1 
ATOM   532 N  N   . GLY A 1 69  ? 3.107   -9.777  -4.288  1.00 16.54 ? 70   GLY A N   1 
ATOM   533 C  CA  . GLY A 1 69  ? 2.717   -11.002 -3.588  1.00 16.64 ? 70   GLY A CA  1 
ATOM   534 C  C   . GLY A 1 69  ? 3.359   -11.239 -2.230  1.00 18.70 ? 70   GLY A C   1 
ATOM   535 O  O   . GLY A 1 69  ? 2.970   -12.185 -1.537  1.00 22.15 ? 70   GLY A O   1 
ATOM   536 N  N   . GLN A 1 70  ? 4.325   -10.394 -1.843  1.00 14.94 ? 71   GLN A N   1 
ATOM   537 C  CA  . GLN A 1 70  ? 5.025   -10.533 -0.567  1.00 17.78 ? 71   GLN A CA  1 
ATOM   538 C  C   . GLN A 1 70  ? 4.210   -9.799  0.497   1.00 17.24 ? 71   GLN A C   1 
ATOM   539 O  O   . GLN A 1 70  ? 4.037   -8.595  0.401   1.00 16.80 ? 71   GLN A O   1 
ATOM   540 C  CB  . GLN A 1 70  ? 6.430   -9.924  -0.688  1.00 18.44 ? 71   GLN A CB  1 
ATOM   541 C  CG  A GLN A 1 70  ? 7.367   -10.268 0.500   0.50 22.53 ? 71   GLN A CG  1 
ATOM   542 C  CG  B GLN A 1 70  ? 7.256   -9.900  0.603   0.50 23.13 ? 71   GLN A CG  1 
ATOM   543 C  CD  A GLN A 1 70  ? 7.806   -11.758 0.533   0.50 17.30 ? 71   GLN A CD  1 
ATOM   544 C  CD  B GLN A 1 70  ? 7.195   -11.192 1.360   0.50 16.90 ? 71   GLN A CD  1 
ATOM   545 O  OE1 A GLN A 1 70  ? 8.177   -12.351 -0.492  0.50 14.37 ? 71   GLN A OE1 1 
ATOM   546 O  OE1 B GLN A 1 70  ? 7.494   -12.255 0.800   0.50 23.96 ? 71   GLN A OE1 1 
ATOM   547 N  NE2 A GLN A 1 70  ? 7.774   -12.355 1.729   0.50 15.74 ? 71   GLN A NE2 1 
ATOM   548 N  NE2 B GLN A 1 70  ? 6.813   -11.128 2.641   0.50 26.21 ? 71   GLN A NE2 1 
ATOM   549 N  N   . ASP A 1 71  ? 3.703   -10.538 1.490   1.00 19.43 ? 72   ASP A N   1 
ATOM   550 C  CA  . ASP A 1 71  ? 2.895   -9.953  2.581   1.00 17.90 ? 72   ASP A CA  1 
ATOM   551 C  C   . ASP A 1 71  ? 3.741   -8.957  3.365   1.00 20.85 ? 72   ASP A C   1 
ATOM   552 O  O   . ASP A 1 71  ? 4.922   -9.211  3.613   1.00 21.01 ? 72   ASP A O   1 
ATOM   553 C  CB  A ASP A 1 71  ? 2.363   -11.020 3.530   0.50 18.46 ? 72   ASP A CB  1 
ATOM   554 C  CB  B ASP A 1 71  ? 2.367   -11.071 3.507   0.50 19.37 ? 72   ASP A CB  1 
ATOM   555 C  CG  A ASP A 1 71  ? 1.351   -11.921 2.879   0.50 26.26 ? 72   ASP A CG  1 
ATOM   556 C  CG  B ASP A 1 71  ? 1.238   -10.621 4.465   0.50 22.12 ? 72   ASP A CG  1 
ATOM   557 O  OD1 A ASP A 1 71  ? 0.780   -11.506 1.850   0.50 20.39 ? 72   ASP A OD1 1 
ATOM   558 O  OD1 B ASP A 1 71  ? 1.048   -9.421  4.739   0.50 22.75 ? 72   ASP A OD1 1 
ATOM   559 O  OD2 A ASP A 1 71  ? 1.127   -13.040 3.394   0.50 26.72 ? 72   ASP A OD2 1 
ATOM   560 O  OD2 B ASP A 1 71  ? 0.525   -11.522 4.972   0.50 33.48 ? 72   ASP A OD2 1 
ATOM   561 N  N   A LEU A 1 72  ? 3.148   -7.819  3.706   0.50 16.04 ? 73   LEU A N   1 
ATOM   562 N  N   B LEU A 1 72  ? 3.119   -7.866  3.818   0.50 14.94 ? 73   LEU A N   1 
ATOM   563 C  CA  A LEU A 1 72  ? 3.861   -6.802  4.439   0.50 19.99 ? 73   LEU A CA  1 
ATOM   564 C  CA  B LEU A 1 72  ? 3.815   -6.846  4.595   0.50 17.84 ? 73   LEU A CA  1 
ATOM   565 C  C   A LEU A 1 72  ? 3.669   -6.979  5.939   0.50 20.37 ? 73   LEU A C   1 
ATOM   566 C  C   B LEU A 1 72  ? 3.497   -6.860  6.095   0.50 17.37 ? 73   LEU A C   1 
ATOM   567 O  O   A LEU A 1 72  ? 4.262   -6.252  6.729   0.50 21.77 ? 73   LEU A O   1 
ATOM   568 O  O   B LEU A 1 72  ? 4.046   -6.067  6.855   0.50 14.33 ? 73   LEU A O   1 
ATOM   569 C  CB  A LEU A 1 72  ? 3.423   -5.416  3.988   0.50 19.78 ? 73   LEU A CB  1 
ATOM   570 C  CB  B LEU A 1 72  ? 3.475   -5.469  4.052   0.50 15.08 ? 73   LEU A CB  1 
ATOM   571 C  CG  A LEU A 1 72  ? 3.868   -5.010  2.575   0.50 20.93 ? 73   LEU A CG  1 
ATOM   572 C  CG  B LEU A 1 72  ? 3.610   -5.222  2.544   0.50 15.60 ? 73   LEU A CG  1 
ATOM   573 C  CD1 A LEU A 1 72  ? 3.434   -3.595  2.288   0.50 18.31 ? 73   LEU A CD1 1 
ATOM   574 C  CD1 B LEU A 1 72  ? 3.490   -3.738  2.253   0.50 14.99 ? 73   LEU A CD1 1 
ATOM   575 C  CD2 A LEU A 1 72  ? 5.385   -5.132  2.392   0.50 22.46 ? 73   LEU A CD2 1 
ATOM   576 C  CD2 B LEU A 1 72  ? 4.933   -5.753  2.010   0.50 23.88 ? 73   LEU A CD2 1 
ATOM   577 N  N   A LYS A 1 73  ? 2.860   -7.952  6.344   0.50 20.83 ? 74   LYS A N   1 
ATOM   578 N  N   B LYS A 1 73  ? 2.620   -7.754  6.528   0.50 15.97 ? 74   LYS A N   1 
ATOM   579 C  CA  A LYS A 1 73  ? 2.686   -8.186  7.771   0.50 22.68 ? 74   LYS A CA  1 
ATOM   580 C  CA  B LYS A 1 73  ? 2.089   -7.711  7.901   0.50 16.33 ? 74   LYS A CA  1 
ATOM   581 C  C   A LYS A 1 73  ? 4.008   -8.656  8.353   0.50 20.69 ? 74   LYS A C   1 
ATOM   582 C  C   B LYS A 1 73  ? 3.122   -7.836  9.046   0.50 16.35 ? 74   LYS A C   1 
ATOM   583 O  O   A LYS A 1 73  ? 4.833   -9.272  7.667   0.50 20.65 ? 74   LYS A O   1 
ATOM   584 O  O   B LYS A 1 73  ? 2.860   -7.401  10.169  0.50 17.88 ? 74   LYS A O   1 
ATOM   585 C  CB  A LYS A 1 73  ? 1.520   -9.147  8.083   0.50 21.38 ? 74   LYS A CB  1 
ATOM   586 C  CB  B LYS A 1 73  ? 1.004   -8.787  8.073   0.50 18.94 ? 74   LYS A CB  1 
ATOM   587 C  CG  A LYS A 1 73  ? 1.792   -10.639 7.988   0.50 27.70 ? 74   LYS A CG  1 
ATOM   588 C  CG  B LYS A 1 73  ? 1.502   -10.219 7.936   0.50 22.68 ? 74   LYS A CG  1 
ATOM   589 C  CD  A LYS A 1 73  ? 0.652   -11.421 8.681   0.50 20.28 ? 74   LYS A CD  1 
ATOM   590 C  CD  B LYS A 1 73  ? 0.342   -11.221 8.019   0.50 31.64 ? 74   LYS A CD  1 
ATOM   591 C  CE  A LYS A 1 73  ? 0.868   -12.930 8.615   0.50 31.59 ? 74   LYS A CE  1 
ATOM   592 C  CE  B LYS A 1 73  ? 0.731   -12.580 7.448   0.50 33.41 ? 74   LYS A CE  1 
ATOM   593 N  N   A ASN A 1 74  ? 4.225   -8.314  9.613   0.50 20.40 ? 75   ASN A N   1 
ATOM   594 N  N   B ASN A 1 74  ? 4.272   -8.456  8.809   0.50 12.53 ? 75   ASN A N   1 
ATOM   595 C  CA  A ASN A 1 74  ? 5.461   -8.652  10.295  0.50 18.39 ? 75   ASN A CA  1 
ATOM   596 C  CA  B ASN A 1 74  ? 5.212   -8.671  9.917   0.50 11.54 ? 75   ASN A CA  1 
ATOM   597 C  C   A ASN A 1 74  ? 6.683   -7.841  9.873   0.50 15.82 ? 75   ASN A C   1 
ATOM   598 C  C   B ASN A 1 74  ? 6.572   -7.986  9.708   0.50 16.37 ? 75   ASN A C   1 
ATOM   599 O  O   A ASN A 1 74  ? 7.758   -8.064  10.400  0.50 23.75 ? 75   ASN A O   1 
ATOM   600 O  O   B ASN A 1 74  ? 7.589   -8.441  10.205  0.50 19.68 ? 75   ASN A O   1 
ATOM   601 C  CB  A ASN A 1 74  ? 5.754   -10.142 10.123  0.50 18.04 ? 75   ASN A CB  1 
ATOM   602 C  CB  B ASN A 1 74  ? 5.357   -10.179 10.221  0.50 15.42 ? 75   ASN A CB  1 
ATOM   603 C  CG  A ASN A 1 74  ? 4.813   -11.010 10.925  0.50 21.28 ? 75   ASN A CG  1 
ATOM   604 C  CG  B ASN A 1 74  ? 4.118   -10.758 10.905  0.50 12.28 ? 75   ASN A CG  1 
ATOM   605 O  OD1 A ASN A 1 74  ? 4.252   -10.576 11.936  0.50 22.32 ? 75   ASN A OD1 1 
ATOM   606 O  OD1 B ASN A 1 74  ? 3.542   -10.141 11.799  0.50 27.23 ? 75   ASN A OD1 1 
ATOM   607 N  ND2 A ASN A 1 74  ? 4.635   -12.249 10.485  0.50 27.04 ? 75   ASN A ND2 1 
ATOM   608 N  ND2 B ASN A 1 74  ? 3.727   -11.967 10.507  0.50 24.07 ? 75   ASN A ND2 1 
ATOM   609 N  N   . LEU A 1 75  ? 6.533   -6.887  8.959   1.00 19.81 ? 76   LEU A N   1 
ATOM   610 C  CA  . LEU A 1 75  ? 7.688   -6.106  8.558   1.00 22.61 ? 76   LEU A CA  1 
ATOM   611 C  C   . LEU A 1 75  ? 7.833   -4.807  9.367   1.00 16.60 ? 76   LEU A C   1 
ATOM   612 O  O   . LEU A 1 75  ? 6.853   -4.076  9.603   1.00 17.70 ? 76   LEU A O   1 
ATOM   613 C  CB  . LEU A 1 75  ? 7.572   -5.758  7.077   1.00 22.68 ? 76   LEU A CB  1 
ATOM   614 C  CG  . LEU A 1 75  ? 7.687   -6.893  6.051   1.00 25.69 ? 76   LEU A CG  1 
ATOM   615 C  CD1 . LEU A 1 75  ? 7.819   -6.287  4.654   1.00 25.92 ? 76   LEU A CD1 1 
ATOM   616 C  CD2 . LEU A 1 75  ? 8.855   -7.815  6.379   1.00 28.12 ? 76   LEU A CD2 1 
ATOM   617 N  N   . LEU A 1 76  ? 9.078   -4.526  9.752   1.00 17.33 ? 77   LEU A N   1 
ATOM   618 C  CA  . LEU A 1 76  ? 9.440   -3.185  10.237  1.00 16.93 ? 77   LEU A CA  1 
ATOM   619 C  C   . LEU A 1 76  ? 9.173   -2.163  9.155   1.00 20.04 ? 77   LEU A C   1 
ATOM   620 O  O   . LEU A 1 76  ? 9.207   -2.485  7.956   1.00 19.37 ? 77   LEU A O   1 
ATOM   621 C  CB  . LEU A 1 76  ? 10.925  -3.116  10.583  1.00 17.02 ? 77   LEU A CB  1 
ATOM   622 C  CG  . LEU A 1 76  ? 11.348  -4.005  11.749  1.00 18.00 ? 77   LEU A CG  1 
ATOM   623 C  CD1 . LEU A 1 76  ? 12.884  -4.111  11.787  1.00 18.78 ? 77   LEU A CD1 1 
ATOM   624 C  CD2 . LEU A 1 76  ? 10.803  -3.499  13.073  1.00 16.93 ? 77   LEU A CD2 1 
ATOM   625 N  N   . HIS A 1 77  ? 8.956   -0.918  9.560   1.00 15.64 ? 78   HIS A N   1 
ATOM   626 C  CA  . HIS A 1 77  ? 8.791   0.141   8.619   1.00 13.37 ? 78   HIS A CA  1 
ATOM   627 C  C   . HIS A 1 77  ? 9.936   0.148   7.589   1.00 14.08 ? 78   HIS A C   1 
ATOM   628 O  O   . HIS A 1 77  ? 9.710   0.205   6.379   1.00 15.42 ? 78   HIS A O   1 
ATOM   629 C  CB  . HIS A 1 77  ? 8.729   1.489   9.327   1.00 15.43 ? 78   HIS A CB  1 
ATOM   630 C  CG  . HIS A 1 77  ? 8.483   2.640   8.416   1.00 16.35 ? 78   HIS A CG  1 
ATOM   631 N  ND1 . HIS A 1 77  ? 7.216   3.087   8.095   1.00 18.24 ? 78   HIS A ND1 1 
ATOM   632 C  CD2 . HIS A 1 77  ? 9.346   3.413   7.719   1.00 14.06 ? 78   HIS A CD2 1 
ATOM   633 C  CE1 . HIS A 1 77  ? 7.320   4.101   7.250   1.00 16.90 ? 78   HIS A CE1 1 
ATOM   634 N  NE2 . HIS A 1 77  ? 8.602   4.322   7.010   1.00 14.92 ? 78   HIS A NE2 1 
ATOM   635 N  N   . GLN A 1 78  ? 11.182  0.104   8.058   1.00 14.25 ? 79   GLN A N   1 
ATOM   636 C  CA  . GLN A 1 78  ? 12.315  0.175   7.139   1.00 16.87 ? 79   GLN A CA  1 
ATOM   637 C  C   . GLN A 1 78  ? 12.334  -1.018  6.186   1.00 17.68 ? 79   GLN A C   1 
ATOM   638 O  O   . GLN A 1 78  ? 12.730  -0.883  5.040   1.00 18.80 ? 79   GLN A O   1 
ATOM   639 C  CB  . GLN A 1 78  ? 13.633  0.227   7.900   1.00 16.61 ? 79   GLN A CB  1 
ATOM   640 C  CG  . GLN A 1 78  ? 14.854  0.328   7.011   1.00 17.65 ? 79   GLN A CG  1 
ATOM   641 C  CD  . GLN A 1 78  ? 14.876  1.626   6.258   1.00 20.23 ? 79   GLN A CD  1 
ATOM   642 O  OE1 . GLN A 1 78  ? 14.751  2.689   6.852   1.00 19.46 ? 79   GLN A OE1 1 
ATOM   643 N  NE2 . GLN A 1 78  ? 15.050  1.557   4.945   1.00 18.56 ? 79   GLN A NE2 1 
ATOM   644 N  N   . ASP A 1 79  ? 11.938  -2.188  6.677   1.00 16.71 ? 80   ASP A N   1 
ATOM   645 C  CA  . ASP A 1 79  ? 11.947  -3.368  5.831   1.00 18.86 ? 80   ASP A CA  1 
ATOM   646 C  C   . ASP A 1 79  ? 10.938  -3.199  4.700   1.00 18.46 ? 80   ASP A C   1 
ATOM   647 O  O   . ASP A 1 79  ? 11.210  -3.628  3.558   1.00 18.88 ? 80   ASP A O   1 
ATOM   648 C  CB  . ASP A 1 79  ? 11.726  -4.639  6.664   1.00 21.64 ? 80   ASP A CB  1 
ATOM   649 C  CG  . ASP A 1 79  ? 12.915  -4.964  7.553   1.00 22.96 ? 80   ASP A CG  1 
ATOM   650 O  OD1 . ASP A 1 79  ? 13.976  -4.338  7.381   1.00 30.31 ? 80   ASP A OD1 1 
ATOM   651 O  OD2 . ASP A 1 79  ? 12.792  -5.853  8.414   1.00 41.94 ? 80   ASP A OD2 1 
ATOM   652 N  N   . ALA A 1 80  ? 9.822   -2.514  4.965   1.00 18.75 ? 81   ALA A N   1 
ATOM   653 C  CA  . ALA A 1 80  ? 8.839   -2.264  3.915   1.00 16.42 ? 81   ALA A CA  1 
ATOM   654 C  C   . ALA A 1 80  ? 9.401   -1.282  2.893   1.00 18.22 ? 81   ALA A C   1 
ATOM   655 O  O   . ALA A 1 80  ? 9.296   -1.465  1.685   1.00 19.06 ? 81   ALA A O   1 
ATOM   656 C  CB  . ALA A 1 80  ? 7.515   -1.730  4.496   1.00 21.28 ? 81   ALA A CB  1 
ATOM   657 N  N   . VAL A 1 81  ? 9.998   -0.212  3.378   1.00 17.23 ? 82   VAL A N   1 
ATOM   658 C  CA  . VAL A 1 81  ? 10.664  0.752   2.510   1.00 19.35 ? 82   VAL A CA  1 
ATOM   659 C  C   . VAL A 1 81  ? 11.647  0.041   1.587   1.00 18.53 ? 82   VAL A C   1 
ATOM   660 O  O   . VAL A 1 81  ? 11.637  0.281   0.376   1.00 19.95 ? 82   VAL A O   1 
ATOM   661 C  CB  . VAL A 1 81  ? 11.424  1.832   3.293   1.00 16.70 ? 82   VAL A CB  1 
ATOM   662 C  CG1 . VAL A 1 81  ? 12.250  2.707   2.373   1.00 21.29 ? 82   VAL A CG1 1 
ATOM   663 C  CG2 . VAL A 1 81  ? 10.403  2.707   4.117   1.00 18.42 ? 82   VAL A CG2 1 
ATOM   664 N  N   . ASP A 1 82  ? 12.468  -0.836  2.151   1.00 16.68 ? 83   ASP A N   1 
ATOM   665 C  CA  . ASP A 1 82  ? 13.488  -1.526  1.339   1.00 15.58 ? 83   ASP A CA  1 
ATOM   666 C  C   . ASP A 1 82  ? 12.842  -2.419  0.280   1.00 17.80 ? 83   ASP A C   1 
ATOM   667 O  O   . ASP A 1 82  ? 13.297  -2.506  -0.850  1.00 18.92 ? 83   ASP A O   1 
ATOM   668 C  CB  . ASP A 1 82  ? 14.423  -2.336  2.242   1.00 16.52 ? 83   ASP A CB  1 
ATOM   669 C  CG  . ASP A 1 82  ? 15.272  -1.451  3.145   1.00 20.21 ? 83   ASP A CG  1 
ATOM   670 O  OD1 . ASP A 1 82  ? 15.409  -0.252  2.837   1.00 26.78 ? 83   ASP A OD1 1 
ATOM   671 O  OD2 . ASP A 1 82  ? 15.820  -1.943  4.149   1.00 25.92 ? 83   ASP A OD2 1 
ATOM   672 N  N   . LEU A 1 83  ? 11.756  -3.073  0.646   1.00 16.84 ? 84   LEU A N   1 
ATOM   673 C  CA  . LEU A 1 83  ? 11.013  -3.917  -0.267  1.00 15.59 ? 84   LEU A CA  1 
ATOM   674 C  C   . LEU A 1 83  ? 10.539  -3.108  -1.480  1.00 17.64 ? 84   LEU A C   1 
ATOM   675 O  O   . LEU A 1 83  ? 10.757  -3.494  -2.641  1.00 20.61 ? 84   LEU A O   1 
ATOM   676 C  CB  . LEU A 1 83  ? 9.831   -4.523  0.463   1.00 19.03 ? 84   LEU A CB  1 
ATOM   677 C  CG  . LEU A 1 83  ? 9.094   -5.706  -0.123  1.00 27.93 ? 84   LEU A CG  1 
ATOM   678 C  CD1 . LEU A 1 83  ? 8.282   -6.383  1.000   1.00 25.74 ? 84   LEU A CD1 1 
ATOM   679 C  CD2 . LEU A 1 83  ? 8.224   -5.251  -1.290  1.00 29.96 ? 84   LEU A CD2 1 
ATOM   680 N  N   . PHE A 1 84  ? 9.865   -1.992  -1.225  1.00 17.39 ? 85   PHE A N   1 
ATOM   681 C  CA  . PHE A 1 84  ? 9.384   -1.159  -2.316  1.00 18.99 ? 85   PHE A CA  1 
ATOM   682 C  C   . PHE A 1 84  ? 10.532  -0.748  -3.204  1.00 18.94 ? 85   PHE A C   1 
ATOM   683 O  O   . PHE A 1 84  ? 10.408  -0.775  -4.422  1.00 24.16 ? 85   PHE A O   1 
ATOM   684 C  CB  . PHE A 1 84  ? 8.662   0.119   -1.813  1.00 18.90 ? 85   PHE A CB  1 
ATOM   685 C  CG  . PHE A 1 84  ? 7.291   -0.126  -1.289  1.00 21.83 ? 85   PHE A CG  1 
ATOM   686 C  CD1 . PHE A 1 84  ? 6.214   -0.356  -2.146  1.00 25.47 ? 85   PHE A CD1 1 
ATOM   687 C  CD2 . PHE A 1 84  ? 7.054   -0.117  0.071   1.00 19.66 ? 85   PHE A CD2 1 
ATOM   688 C  CE1 . PHE A 1 84  ? 4.940   -0.570  -1.631  1.00 25.70 ? 85   PHE A CE1 1 
ATOM   689 C  CE2 . PHE A 1 84  ? 5.777   -0.359  0.600   1.00 26.02 ? 85   PHE A CE2 1 
ATOM   690 C  CZ  . PHE A 1 84  ? 4.721   -0.578  -0.268  1.00 25.40 ? 85   PHE A CZ  1 
ATOM   691 N  N   . ARG A 1 85  ? 11.654  -0.340  -2.610  1.00 18.34 ? 86   ARG A N   1 
ATOM   692 C  CA  . ARG A 1 85  ? 12.797  0.129   -3.381  1.00 21.58 ? 86   ARG A CA  1 
ATOM   693 C  C   . ARG A 1 85  ? 13.374  -0.984  -4.235  1.00 18.97 ? 86   ARG A C   1 
ATOM   694 O  O   . ARG A 1 85  ? 13.864  -0.725  -5.348  1.00 27.13 ? 86   ARG A O   1 
ATOM   695 C  CB  . ARG A 1 85  ? 13.898  0.681   -2.480  1.00 24.35 ? 86   ARG A CB  1 
ATOM   696 C  CG  A ARG A 1 85  ? 13.564  2.032   -1.946  0.50 31.07 ? 86   ARG A CG  1 
ATOM   697 C  CG  B ARG A 1 85  ? 13.561  2.002   -1.777  0.50 33.14 ? 86   ARG A CG  1 
ATOM   698 C  CD  A ARG A 1 85  ? 14.064  2.210   -0.561  0.50 24.59 ? 86   ARG A CD  1 
ATOM   699 C  CD  B ARG A 1 85  ? 14.729  2.538   -0.961  0.50 38.06 ? 86   ARG A CD  1 
ATOM   700 N  NE  A ARG A 1 85  ? 14.094  3.615   -0.192  0.50 29.77 ? 86   ARG A NE  1 
ATOM   701 N  NE  B ARG A 1 85  ? 15.919  2.487   -1.785  0.50 29.96 ? 86   ARG A NE  1 
ATOM   702 C  CZ  A ARG A 1 85  ? 14.907  4.110   0.729   0.50 36.33 ? 86   ARG A CZ  1 
ATOM   703 C  CZ  B ARG A 1 85  ? 16.228  3.368   -2.729  0.50 41.44 ? 86   ARG A CZ  1 
ATOM   704 N  NH1 A ARG A 1 85  ? 15.725  3.301   1.384   0.50 35.95 ? 86   ARG A NH1 1 
ATOM   705 N  NH1 B ARG A 1 85  ? 15.483  4.445   -2.971  0.50 48.78 ? 86   ARG A NH1 1 
ATOM   706 N  NH2 A ARG A 1 85  ? 14.887  5.408   1.008   0.50 42.41 ? 86   ARG A NH2 1 
ATOM   707 N  NH2 B ARG A 1 85  ? 17.314  3.169   -3.429  0.50 21.64 ? 86   ARG A NH2 1 
ATOM   708 N  N   . ASN A 1 86  ? 13.326  -2.206  -3.701  1.00 17.70 ? 87   ASN A N   1 
ATOM   709 C  CA  . ASN A 1 86  ? 13.870  -3.419  -4.367  1.00 18.35 ? 87   ASN A CA  1 
ATOM   710 C  C   . ASN A 1 86  ? 12.914  -4.018  -5.426  1.00 17.19 ? 87   ASN A C   1 
ATOM   711 O  O   . ASN A 1 86  ? 13.329  -4.950  -6.129  1.00 19.67 ? 87   ASN A O   1 
ATOM   712 C  CB  . ASN A 1 86  ? 14.191  -4.456  -3.265  1.00 21.33 ? 87   ASN A CB  1 
ATOM   713 C  CG  . ASN A 1 86  ? 14.852  -5.758  -3.768  1.00 32.21 ? 87   ASN A CG  1 
ATOM   714 O  OD1 . ASN A 1 86  ? 15.937  -5.754  -4.353  1.00 28.61 ? 87   ASN A OD1 1 
ATOM   715 N  ND2 . ASN A 1 86  ? 14.220  -6.889  -3.446  1.00 17.52 ? 87   ASN A ND2 1 
ATOM   716 N  N   . ALA A 1 87  ? 11.694  -3.476  -5.584  1.00 16.36 ? 88   ALA A N   1 
ATOM   717 C  CA  . ALA A 1 87  ? 10.635  -4.102  -6.402  1.00 15.45 ? 88   ALA A CA  1 
ATOM   718 C  C   . ALA A 1 87  ? 10.683  -3.872  -7.912  1.00 21.34 ? 88   ALA A C   1 
ATOM   719 O  O   . ALA A 1 87  ? 9.871   -4.439  -8.658  1.00 21.90 ? 88   ALA A O   1 
ATOM   720 C  CB  . ALA A 1 87  ? 9.263   -3.688  -5.888  1.00 19.62 ? 88   ALA A CB  1 
ATOM   721 N  N   . GLY A 1 88  ? 11.588  -3.025  -8.357  1.00 24.80 ? 89   GLY A N   1 
ATOM   722 C  CA  . GLY A 1 88  ? 11.797  -2.835  -9.774  1.00 22.70 ? 89   GLY A CA  1 
ATOM   723 C  C   . GLY A 1 88  ? 10.782  -1.910  -10.386 1.00 19.69 ? 89   GLY A C   1 
ATOM   724 O  O   . GLY A 1 88  ? 10.057  -1.188  -9.689  1.00 20.79 ? 89   GLY A O   1 
ATOM   725 N  N   . TYR A 1 89  ? 10.734  -1.929  -11.706 1.00 21.21 ? 90   TYR A N   1 
ATOM   726 C  CA  . TYR A 1 89  ? 9.973   -0.933  -12.408 1.00 17.53 ? 90   TYR A CA  1 
ATOM   727 C  C   . TYR A 1 89  ? 8.459   -1.149  -12.222 1.00 19.85 ? 90   TYR A C   1 
ATOM   728 O  O   . TYR A 1 89  ? 7.721   -0.215  -11.865 1.00 21.51 ? 90   TYR A O   1 
ATOM   729 C  CB  . TYR A 1 89  ? 10.372  -0.964  -13.885 1.00 20.40 ? 90   TYR A CB  1 
ATOM   730 C  CG  . TYR A 1 89  ? 9.549   -0.042  -14.698 1.00 26.03 ? 90   TYR A CG  1 
ATOM   731 C  CD1 . TYR A 1 89  ? 9.446   1.307   -14.364 1.00 32.18 ? 90   TYR A CD1 1 
ATOM   732 C  CD2 . TYR A 1 89  ? 8.841   -0.507  -15.790 1.00 37.16 ? 90   TYR A CD2 1 
ATOM   733 C  CE1 . TYR A 1 89  ? 8.667   2.150   -15.105 1.00 27.63 ? 90   TYR A CE1 1 
ATOM   734 C  CE2 . TYR A 1 89  ? 8.052   0.337   -16.540 1.00 38.87 ? 90   TYR A CE2 1 
ATOM   735 C  CZ  . TYR A 1 89  ? 7.971   1.664   -16.195 1.00 36.31 ? 90   TYR A CZ  1 
ATOM   736 O  OH  . TYR A 1 89  ? 7.174   2.489   -16.934 1.00 33.03 ? 90   TYR A OH  1 
ATOM   737 N  N   . ALA A 1 90  ? 7.995   -2.363  -12.486 1.00 18.76 ? 91   ALA A N   1 
ATOM   738 C  CA  . ALA A 1 90  ? 6.597   -2.720  -12.346 1.00 18.29 ? 91   ALA A CA  1 
ATOM   739 C  C   . ALA A 1 90  ? 6.388   -3.274  -10.937 1.00 21.15 ? 91   ALA A C   1 
ATOM   740 O  O   . ALA A 1 90  ? 7.130   -4.142  -10.460 1.00 21.28 ? 91   ALA A O   1 
ATOM   741 C  CB  . ALA A 1 90  ? 6.214   -3.749  -13.357 1.00 21.15 ? 91   ALA A CB  1 
ATOM   742 N  N   . VAL A 1 91  ? 5.388   -2.748  -10.259 1.00 17.14 ? 92   VAL A N   1 
ATOM   743 C  CA  . VAL A 1 91  ? 5.103   -3.120  -8.891  1.00 17.04 ? 92   VAL A CA  1 
ATOM   744 C  C   . VAL A 1 91  ? 3.606   -3.425  -8.754  1.00 18.72 ? 92   VAL A C   1 
ATOM   745 O  O   . VAL A 1 91  ? 2.765   -2.593  -9.077  1.00 20.90 ? 92   VAL A O   1 
ATOM   746 C  CB  . VAL A 1 91  ? 5.536   -1.988  -7.933  1.00 21.64 ? 92   VAL A CB  1 
ATOM   747 C  CG1 . VAL A 1 91  ? 5.301   -2.364  -6.463  1.00 23.78 ? 92   VAL A CG1 1 
ATOM   748 C  CG2 . VAL A 1 91  ? 7.008   -1.652  -8.158  1.00 18.79 ? 92   VAL A CG2 1 
ATOM   749 N  N   . SER A 1 92  ? 3.296   -4.614  -8.252  1.00 15.39 ? 93   SER A N   1 
ATOM   750 C  CA  . SER A 1 92  ? 1.923   -5.033  -8.023  1.00 16.07 ? 93   SER A CA  1 
ATOM   751 C  C   . SER A 1 92  ? 1.568   -4.907  -6.533  1.00 17.10 ? 93   SER A C   1 
ATOM   752 O  O   . SER A 1 92  ? 2.157   -5.588  -5.658  1.00 17.67 ? 93   SER A O   1 
ATOM   753 C  CB  A SER A 1 92  ? 1.697   -6.482  -8.458  0.70 17.43 ? 93   SER A CB  1 
ATOM   754 C  CB  B SER A 1 92  ? 1.732   -6.479  -8.485  0.30 16.23 ? 93   SER A CB  1 
ATOM   755 O  OG  A SER A 1 92  ? 0.322   -6.851  -8.280  0.70 19.25 ? 93   SER A OG  1 
ATOM   756 O  OG  B SER A 1 92  ? 1.670   -6.561  -9.899  0.30 17.74 ? 93   SER A OG  1 
ATOM   757 N  N   . LEU A 1 93  ? 0.626   -4.027  -6.246  1.00 15.58 ? 94   LEU A N   1 
ATOM   758 C  CA  . LEU A 1 93  ? 0.157   -3.811  -4.885  1.00 15.79 ? 94   LEU A CA  1 
ATOM   759 C  C   . LEU A 1 93  ? -1.207  -4.459  -4.688  1.00 18.75 ? 94   LEU A C   1 
ATOM   760 O  O   . LEU A 1 93  ? -2.066  -4.315  -5.511  1.00 18.47 ? 94   LEU A O   1 
ATOM   761 C  CB  . LEU A 1 93  ? 0.009   -2.315  -4.588  1.00 16.85 ? 94   LEU A CB  1 
ATOM   762 C  CG  . LEU A 1 93  ? 1.204   -1.432  -4.922  1.00 19.32 ? 94   LEU A CG  1 
ATOM   763 C  CD1 . LEU A 1 93  ? 0.873   0.050   -4.628  1.00 22.77 ? 94   LEU A CD1 1 
ATOM   764 C  CD2 . LEU A 1 93  ? 2.453   -1.888  -4.166  1.00 21.54 ? 94   LEU A CD2 1 
ATOM   765 N  N   . ARG A 1 94  ? -1.407  -5.145  -3.584  1.00 14.44 ? 95   ARG A N   1 
ATOM   766 C  CA  . ARG A 1 94  ? -2.747  -5.548  -3.188  1.00 13.94 ? 95   ARG A CA  1 
ATOM   767 C  C   . ARG A 1 94  ? -3.093  -4.625  -2.006  1.00 16.18 ? 95   ARG A C   1 
ATOM   768 O  O   . ARG A 1 94  ? -2.362  -4.601  -1.000  1.00 16.30 ? 95   ARG A O   1 
ATOM   769 C  CB  . ARG A 1 94  ? -2.767  -6.991  -2.725  1.00 16.55 ? 95   ARG A CB  1 
ATOM   770 C  CG  A ARG A 1 94  ? -3.381  -7.951  -3.767  0.70 34.11 ? 95   ARG A CG  1 
ATOM   771 C  CG  B ARG A 1 94  ? -3.762  -7.847  -3.440  0.30 34.91 ? 95   ARG A CG  1 
ATOM   772 C  CD  A ARG A 1 94  ? -3.146  -9.423  -3.443  0.70 38.00 ? 95   ARG A CD  1 
ATOM   773 C  CD  B ARG A 1 94  ? -5.148  -7.444  -2.983  0.30 32.40 ? 95   ARG A CD  1 
ATOM   774 N  N   . VAL A 1 95  ? -4.190  -3.876  -2.121  1.00 15.41 ? 96   VAL A N   1 
ATOM   775 C  CA  . VAL A 1 95  ? -4.587  -2.944  -1.087  1.00 14.84 ? 96   VAL A CA  1 
ATOM   776 C  C   . VAL A 1 95  ? -5.957  -3.201  -0.562  1.00 15.84 ? 96   VAL A C   1 
ATOM   777 O  O   . VAL A 1 95  ? -6.776  -3.820  -1.231  1.00 16.42 ? 96   VAL A O   1 
ATOM   778 C  CB  . VAL A 1 95  ? -4.497  -1.468  -1.558  1.00 13.73 ? 96   VAL A CB  1 
ATOM   779 C  CG1 . VAL A 1 95  ? -3.097  -1.181  -2.221  1.00 15.23 ? 96   VAL A CG1 1 
ATOM   780 C  CG2 . VAL A 1 95  ? -5.647  -1.114  -2.527  1.00 18.53 ? 96   VAL A CG2 1 
ATOM   781 N  N   . GLN A 1 96  ? -6.183  -2.706  0.648   1.00 15.47 ? 97   GLN A N   1 
ATOM   782 C  CA  . GLN A 1 96  ? -7.501  -2.659  1.283   1.00 14.98 ? 97   GLN A CA  1 
ATOM   783 C  C   . GLN A 1 96  ? -7.797  -1.168  1.456   1.00 15.56 ? 97   GLN A C   1 
ATOM   784 O  O   . GLN A 1 96  ? -7.069  -0.461  2.136   1.00 16.27 ? 97   GLN A O   1 
ATOM   785 C  CB  . GLN A 1 96  ? -7.467  -3.367  2.638   1.00 16.95 ? 97   GLN A CB  1 
ATOM   786 C  CG  . GLN A 1 96  ? -8.720  -3.241  3.490   1.00 29.77 ? 97   GLN A CG  1 
ATOM   787 C  CD  . GLN A 1 96  ? -8.535  -3.851  4.880   1.00 41.19 ? 97   GLN A CD  1 
ATOM   788 O  OE1 . GLN A 1 96  ? -7.541  -4.551  5.143   1.00 40.97 ? 97   GLN A OE1 1 
ATOM   789 N  NE2 . GLN A 1 96  ? -9.502  -3.609  5.769   1.00 46.99 ? 97   GLN A NE2 1 
ATOM   790 N  N   . HIS A 1 97  ? -8.827  -0.695  0.778   1.00 16.69 ? 98   HIS A N   1 
ATOM   791 C  CA  . HIS A 1 97  ? -9.254  0.682   0.887   1.00 16.95 ? 98   HIS A CA  1 
ATOM   792 C  C   . HIS A 1 97  ? -9.840  0.946   2.259   1.00 16.14 ? 98   HIS A C   1 
ATOM   793 O  O   . HIS A 1 97  ? -10.290 0.030   2.920   1.00 17.96 ? 98   HIS A O   1 
ATOM   794 C  CB  . HIS A 1 97  ? -10.265 1.001   -0.204  1.00 16.57 ? 98   HIS A CB  1 
ATOM   795 C  CG  . HIS A 1 97  ? -9.679  0.970   -1.575  1.00 16.48 ? 98   HIS A CG  1 
ATOM   796 N  ND1 . HIS A 1 97  ? -8.589  1.735   -1.910  1.00 16.19 ? 98   HIS A ND1 1 
ATOM   797 C  CD2 . HIS A 1 97  ? -10.033 0.307   -2.705  1.00 18.24 ? 98   HIS A CD2 1 
ATOM   798 C  CE1 . HIS A 1 97  ? -8.289  1.553   -3.184  1.00 18.87 ? 98   HIS A CE1 1 
ATOM   799 N  NE2 . HIS A 1 97  ? -9.157  0.698   -3.698  1.00 18.19 ? 98   HIS A NE2 1 
ATOM   800 N  N   . ARG A 1 98  ? -9.877  2.215   2.667   1.00 15.18 ? 99   ARG A N   1 
ATOM   801 C  CA  . ARG A 1 98  ? -10.256 2.566   4.026   1.00 18.29 ? 99   ARG A CA  1 
ATOM   802 C  C   . ARG A 1 98  ? -11.657 2.032   4.401   1.00 18.26 ? 99   ARG A C   1 
ATOM   803 O  O   . ARG A 1 98  ? -12.625 2.216   3.677   1.00 16.21 ? 99   ARG A O   1 
ATOM   804 C  CB  . ARG A 1 98  ? -10.223 4.075   4.242   1.00 16.57 ? 99   ARG A CB  1 
ATOM   805 C  CG  . ARG A 1 98  ? -10.663 4.454   5.642   1.00 20.12 ? 99   ARG A CG  1 
ATOM   806 C  CD  . ARG A 1 98  ? -10.600 5.923   5.929   1.00 16.88 ? 99   ARG A CD  1 
ATOM   807 N  NE  . ARG A 1 98  ? -11.085 6.175   7.277   1.00 16.95 ? 99   ARG A NE  1 
ATOM   808 C  CZ  . ARG A 1 98  ? -11.161 7.379   7.827   1.00 19.12 ? 99   ARG A CZ  1 
ATOM   809 N  NH1 . ARG A 1 98  ? -10.777 8.431   7.118   1.00 18.98 ? 99   ARG A NH1 1 
ATOM   810 N  NH2 . ARG A 1 98  ? -11.637 7.520   9.059   1.00 18.08 ? 99   ARG A NH2 1 
ATOM   811 N  N   . GLU A 1 99  ? -11.713 1.439   5.587   1.00 16.22 ? 100  GLU A N   1 
ATOM   812 C  CA  . GLU A 1 99  ? -12.873 0.846   6.193   1.00 15.94 ? 100  GLU A CA  1 
ATOM   813 C  C   . GLU A 1 99  ? -12.811 1.289   7.657   1.00 21.04 ? 100  GLU A C   1 
ATOM   814 O  O   . GLU A 1 99  ? -11.771 1.136   8.319   1.00 21.56 ? 100  GLU A O   1 
ATOM   815 C  CB  . GLU A 1 99  ? -12.772 -0.669  6.084   1.00 20.00 ? 100  GLU A CB  1 
ATOM   816 C  CG  . GLU A 1 99  ? -13.881 -1.406  6.697   1.00 25.50 ? 100  GLU A CG  1 
ATOM   817 C  CD  . GLU A 1 99  ? -13.992 -2.848  6.203   1.00 28.66 ? 100  GLU A CD  1 
ATOM   818 O  OE1 . GLU A 1 99  ? -13.275 -3.235  5.240   1.00 33.87 ? 100  GLU A OE1 1 
ATOM   819 O  OE2 . GLU A 1 99  ? -14.817 -3.593  6.780   1.00 22.85 ? 100  GLU A OE2 1 
ATOM   820 N  N   . SER A 1 100 ? -13.886 1.877   8.148   1.00 13.86 ? 101  SER A N   1 
ATOM   821 C  CA  . SER A 1 100 ? -13.880 2.501   9.466   1.00 15.53 ? 101  SER A CA  1 
ATOM   822 C  C   . SER A 1 100 ? -14.812 1.794   10.411  1.00 14.73 ? 101  SER A C   1 
ATOM   823 O  O   . SER A 1 100 ? -15.937 1.465   10.082  1.00 13.91 ? 101  SER A O   1 
ATOM   824 C  CB  . SER A 1 100 ? -14.278 3.963   9.400   1.00 13.25 ? 101  SER A CB  1 
ATOM   825 O  OG  . SER A 1 100 ? -13.335 4.685   8.615   1.00 16.08 ? 101  SER A OG  1 
ATOM   826 N  N   . SER A 1 101 ? -14.308 1.576   11.618  1.00 15.82 ? 102  SER A N   1 
ATOM   827 C  CA  . SER A 1 101 ? -15.066 0.941   12.656  1.00 13.91 ? 102  SER A CA  1 
ATOM   828 C  C   . SER A 1 101 ? -15.913 1.986   13.359  1.00 14.62 ? 102  SER A C   1 
ATOM   829 O  O   . SER A 1 101 ? -15.417 3.018   13.819  1.00 17.42 ? 102  SER A O   1 
ATOM   830 C  CB  A SER A 1 101 ? -14.110 0.250   13.635  0.50 18.78 ? 102  SER A CB  1 
ATOM   831 C  CB  B SER A 1 101 ? -14.152 0.207   13.636  0.50 18.96 ? 102  SER A CB  1 
ATOM   832 O  OG  A SER A 1 101 ? -14.805 -0.436  14.654  0.50 20.79 ? 102  SER A OG  1 
ATOM   833 O  OG  B SER A 1 101 ? -13.517 -0.873  12.980  0.50 24.96 ? 102  SER A OG  1 
ATOM   834 N  N   . ILE A 1 102 ? -17.201 1.692   13.444  1.00 12.66 ? 103  ILE A N   1 
ATOM   835 C  CA  . ILE A 1 102 ? -18.176 2.577   14.000  1.00 11.84 ? 103  ILE A CA  1 
ATOM   836 C  C   . ILE A 1 102 ? -18.821 1.983   15.275  1.00 12.17 ? 103  ILE A C   1 
ATOM   837 O  O   . ILE A 1 102 ? -18.926 0.741   15.366  1.00 12.03 ? 103  ILE A O   1 
ATOM   838 C  CB  . ILE A 1 102 ? -19.341 2.846   12.981  1.00 11.31 ? 103  ILE A CB  1 
ATOM   839 C  CG1 . ILE A 1 102 ? -18.759 3.351   11.679  1.00 14.61 ? 103  ILE A CG1 1 
ATOM   840 C  CG2 . ILE A 1 102 ? -20.382 3.827   13.555  1.00 18.11 ? 103  ILE A CG2 1 
ATOM   841 C  CD1 . ILE A 1 102 ? -17.988 4.674   11.853  1.00 15.65 ? 103  ILE A CD1 1 
ATOM   842 O  OXT . ILE A 1 102 ? -19.328 2.675   16.170  1.00 13.74 ? 103  ILE A OXT 1 
HETATM 843 NA NA  . NA  B 2 .   ? 1.685   10.075  -7.159  1.00 16.24 ? 1103 NA  A NA  1 
HETATM 844 S  S   . SO4 C 3 .   ? 3.444   16.495  -2.745  1.00 22.69 ? 1104 SO4 A S   1 
HETATM 845 O  O1  . SO4 C 3 .   ? 2.206   16.242  -3.454  1.00 20.65 ? 1104 SO4 A O1  1 
HETATM 846 O  O2  . SO4 C 3 .   ? 4.559   16.342  -3.690  1.00 35.81 ? 1104 SO4 A O2  1 
HETATM 847 O  O3  . SO4 C 3 .   ? 3.385   17.874  -2.290  1.00 32.86 ? 1104 SO4 A O3  1 
HETATM 848 O  O4  . SO4 C 3 .   ? 3.543   15.591  -1.601  1.00 36.63 ? 1104 SO4 A O4  1 
HETATM 849 O  O   . HOH D 4 .   ? -19.060 -21.754 -9.000  1.00 33.35 ? 2001 HOH A O   1 
HETATM 850 O  O   . HOH D 4 .   ? 6.641   13.851  -6.881  1.00 35.56 ? 2002 HOH A O   1 
HETATM 851 O  O   . HOH D 4 .   ? -14.464 -17.737 -11.758 1.00 30.87 ? 2003 HOH A O   1 
HETATM 852 O  O   . HOH D 4 .   ? -18.072 -9.615  -1.777  1.00 34.35 ? 2004 HOH A O   1 
HETATM 853 O  O   . HOH D 4 .   ? -19.750 -2.428  -6.825  1.00 36.38 ? 2005 HOH A O   1 
HETATM 854 O  O   . HOH D 4 .   ? -28.984 -1.547  -2.409  1.00 31.88 ? 2006 HOH A O   1 
HETATM 855 O  O   . HOH D 4 .   ? -15.677 -5.886  -0.201  1.00 33.48 ? 2007 HOH A O   1 
HETATM 856 O  O   . HOH D 4 .   ? -19.002 -7.112  -1.161  1.00 28.90 ? 2008 HOH A O   1 
HETATM 857 O  O   . HOH D 4 .   ? 6.207   11.078  -7.178  1.00 16.45 ? 2009 HOH A O   1 
HETATM 858 O  O   . HOH D 4 .   ? -6.973  -8.174  -4.318  1.00 37.18 ? 2010 HOH A O   1 
HETATM 859 O  O   . HOH D 4 .   ? -4.726  -9.875  -0.707  1.00 46.37 ? 2011 HOH A O   1 
HETATM 860 O  O   . HOH D 4 .   ? -13.200 -6.054  -2.625  1.00 20.43 ? 2012 HOH A O   1 
HETATM 861 O  O   . HOH D 4 .   ? -10.774 -5.834  -6.768  1.00 23.74 ? 2013 HOH A O   1 
HETATM 862 O  O   . HOH D 4 .   ? -9.394  2.601   -6.549  1.00 25.15 ? 2014 HOH A O   1 
HETATM 863 O  O   . HOH D 4 .   ? -7.254  -2.297  -9.935  1.00 17.27 ? 2015 HOH A O   1 
HETATM 864 O  O   . HOH D 4 .   ? -10.011 0.851   -9.864  1.00 18.62 ? 2016 HOH A O   1 
HETATM 865 O  O   . HOH D 4 .   ? 14.486  -0.585  11.215  1.00 28.43 ? 2017 HOH A O   1 
HETATM 866 O  O   . HOH D 4 .   ? -0.217  -8.971  -6.349  1.00 16.51 ? 2018 HOH A O   1 
HETATM 867 O  O   . HOH D 4 .   ? -4.651  -7.515  -11.588 1.00 27.39 ? 2019 HOH A O   1 
HETATM 868 O  O   . HOH D 4 .   ? -8.388  -5.940  -8.195  1.00 15.63 ? 2020 HOH A O   1 
HETATM 869 O  O   . HOH D 4 .   ? -0.106  1.829   -13.956 1.00 40.54 ? 2021 HOH A O   1 
HETATM 870 O  O   . HOH D 4 .   ? 1.798   -2.121  -15.279 1.00 40.06 ? 2022 HOH A O   1 
HETATM 871 O  O   . HOH D 4 .   ? 2.975   -2.896  -12.843 1.00 22.25 ? 2023 HOH A O   1 
HETATM 872 O  O   . HOH D 4 .   ? 1.871   3.597   -13.269 1.00 17.77 ? 2024 HOH A O   1 
HETATM 873 O  O   . HOH D 4 .   ? 12.256  4.662   -6.796  1.00 33.86 ? 2025 HOH A O   1 
HETATM 874 O  O   B HOH D 4 .   ? 13.382  0.351   -10.241 0.50 15.04 ? 2026 HOH A O   1 
HETATM 875 O  O   . HOH D 4 .   ? 12.940  5.924   -9.150  1.00 39.08 ? 2027 HOH A O   1 
HETATM 876 O  O   . HOH D 4 .   ? 8.025   10.754  -5.312  1.00 36.37 ? 2028 HOH A O   1 
HETATM 877 O  O   . HOH D 4 .   ? 7.942   10.066  -10.985 1.00 27.32 ? 2029 HOH A O   1 
HETATM 878 O  O   . HOH D 4 .   ? 8.019   12.665  -11.818 1.00 27.72 ? 2030 HOH A O   1 
HETATM 879 O  O   . HOH D 4 .   ? 6.165   9.136   -9.259  1.00 13.01 ? 2031 HOH A O   1 
HETATM 880 O  O   . HOH D 4 .   ? 11.763  -8.114  4.149   1.00 35.22 ? 2032 HOH A O   1 
HETATM 881 O  O   . HOH D 4 .   ? 11.340  -7.750  12.498  1.00 31.03 ? 2033 HOH A O   1 
HETATM 882 O  O   . HOH D 4 .   ? 17.067  -1.266  9.192   1.00 50.40 ? 2034 HOH A O   1 
HETATM 883 O  O   . HOH D 4 .   ? 8.708   -4.810  15.763  1.00 29.11 ? 2035 HOH A O   1 
HETATM 884 O  O   . HOH D 4 .   ? 11.961  0.505   10.778  1.00 13.42 ? 2036 HOH A O   1 
HETATM 885 O  O   . HOH D 4 .   ? 12.397  0.165   14.699  1.00 23.07 ? 2037 HOH A O   1 
HETATM 886 O  O   . HOH D 4 .   ? 9.397   3.427   15.566  1.00 29.17 ? 2038 HOH A O   1 
HETATM 887 O  O   A HOH D 4 .   ? 14.253  1.961   -9.926  0.50 24.20 ? 2039 HOH A O   1 
HETATM 888 O  O   . HOH D 4 .   ? 9.567   3.573   12.204  1.00 20.99 ? 2040 HOH A O   1 
HETATM 889 O  O   . HOH D 4 .   ? 4.160   -4.874  16.456  1.00 49.09 ? 2041 HOH A O   1 
HETATM 890 O  O   . HOH D 4 .   ? -4.208  4.602   16.332  1.00 27.36 ? 2042 HOH A O   1 
HETATM 891 O  O   . HOH D 4 .   ? -1.318  6.427   18.871  1.00 34.52 ? 2043 HOH A O   1 
HETATM 892 O  O   . HOH D 4 .   ? 8.332   5.485   14.512  1.00 23.23 ? 2044 HOH A O   1 
HETATM 893 O  O   . HOH D 4 .   ? -0.760  -0.469  14.364  1.00 23.12 ? 2045 HOH A O   1 
HETATM 894 O  O   . HOH D 4 .   ? -6.560  3.109   11.187  1.00 29.42 ? 2046 HOH A O   1 
HETATM 895 O  O   . HOH D 4 .   ? -7.466  -4.532  14.724  1.00 21.42 ? 2047 HOH A O   1 
HETATM 896 O  O   . HOH D 4 .   ? -7.426  3.145   13.782  1.00 42.08 ? 2048 HOH A O   1 
HETATM 897 O  O   . HOH D 4 .   ? 1.504   -0.573  12.168  1.00 17.76 ? 2049 HOH A O   1 
HETATM 898 O  O   . HOH D 4 .   ? -0.095  -6.332  9.993   1.00 29.56 ? 2050 HOH A O   1 
HETATM 899 O  O   . HOH D 4 .   ? -2.791  -6.017  11.485  1.00 45.07 ? 2051 HOH A O   1 
HETATM 900 O  O   . HOH D 4 .   ? 2.277   -4.381  10.737  1.00 25.17 ? 2052 HOH A O   1 
HETATM 901 O  O   . HOH D 4 .   ? -7.185  0.884   9.979   1.00 38.10 ? 2053 HOH A O   1 
HETATM 902 O  O   . HOH D 4 .   ? -1.044  13.297  3.719   1.00 35.32 ? 2054 HOH A O   1 
HETATM 903 O  O   . HOH D 4 .   ? 5.115   14.708  0.587   1.00 39.82 ? 2055 HOH A O   1 
HETATM 904 O  O   . HOH D 4 .   ? 6.879   13.044  0.282   1.00 33.71 ? 2056 HOH A O   1 
HETATM 905 O  O   . HOH D 4 .   ? -0.636  16.238  -14.062 1.00 20.67 ? 2057 HOH A O   1 
HETATM 906 O  O   . HOH D 4 .   ? 2.649   14.006  -14.058 1.00 32.89 ? 2058 HOH A O   1 
HETATM 907 O  O   . HOH D 4 .   ? 5.728   14.043  -11.581 1.00 32.27 ? 2059 HOH A O   1 
HETATM 908 O  O   . HOH D 4 .   ? 1.127   6.133   -13.626 1.00 18.28 ? 2060 HOH A O   1 
HETATM 909 O  O   . HOH D 4 .   ? -4.917  10.313  -7.075  1.00 30.75 ? 2061 HOH A O   1 
HETATM 910 O  O   . HOH D 4 .   ? -5.620  3.294   -13.963 1.00 26.06 ? 2062 HOH A O   1 
HETATM 911 O  O   . HOH D 4 .   ? -0.976  6.428   -15.249 1.00 33.95 ? 2063 HOH A O   1 
HETATM 912 O  O   . HOH D 4 .   ? -2.642  4.506   -8.241  1.00 10.43 ? 2064 HOH A O   1 
HETATM 913 O  O   . HOH D 4 .   ? -8.850  8.734   -7.233  1.00 27.45 ? 2065 HOH A O   1 
HETATM 914 O  O   . HOH D 4 .   ? -4.239  7.811   -7.032  1.00 12.00 ? 2066 HOH A O   1 
HETATM 915 O  O   . HOH D 4 .   ? -6.409  9.676   -1.870  1.00 18.15 ? 2067 HOH A O   1 
HETATM 916 O  O   . HOH D 4 .   ? -2.915  14.560  2.183   1.00 29.98 ? 2068 HOH A O   1 
HETATM 917 O  O   . HOH D 4 .   ? -7.282  0.957   5.007   1.00 14.81 ? 2069 HOH A O   1 
HETATM 918 O  O   . HOH D 4 .   ? -8.396  4.469   1.413   1.00 12.27 ? 2070 HOH A O   1 
HETATM 919 O  O   . HOH D 4 .   ? -2.183  -6.805  8.620   1.00 40.95 ? 2071 HOH A O   1 
HETATM 920 O  O   . HOH D 4 .   ? 0.054   -3.987  5.667   1.00 11.61 ? 2072 HOH A O   1 
HETATM 921 O  O   . HOH D 4 .   ? -1.284  -10.720 -1.724  1.00 27.97 ? 2073 HOH A O   1 
HETATM 922 O  O   . HOH D 4 .   ? 0.970   -7.845  -4.240  1.00 13.42 ? 2074 HOH A O   1 
HETATM 923 O  O   . HOH D 4 .   ? 4.960   -14.587 -0.521  1.00 28.64 ? 2075 HOH A O   1 
HETATM 924 O  O   . HOH D 4 .   ? 9.816   -9.791  3.068   1.00 34.08 ? 2076 HOH A O   1 
HETATM 925 O  O   . HOH D 4 .   ? 1.480   -14.887 1.821   1.00 38.67 ? 2077 HOH A O   1 
HETATM 926 O  O   . HOH D 4 .   ? -0.069  -8.479  4.693   0.50 14.30 ? 2078 HOH A O   1 
HETATM 927 O  O   . HOH D 4 .   ? 4.180   -13.425 1.708   1.00 18.18 ? 2079 HOH A O   1 
HETATM 928 O  O   . HOH D 4 .   ? 4.095   -4.152  8.781   1.00 13.77 ? 2080 HOH A O   1 
HETATM 929 O  O   A HOH D 4 .   ? 5.478   -9.829  6.489   0.50 12.90 ? 2081 HOH A O   1 
HETATM 930 O  O   B HOH D 4 .   ? 2.111   -7.142  10.927  0.50 21.60 ? 2082 HOH A O   1 
HETATM 931 O  O   . HOH D 4 .   ? -0.690  -6.360  6.472   1.00 22.14 ? 2083 HOH A O   1 
HETATM 932 O  O   . HOH D 4 .   ? 1.374   -12.369 11.868  1.00 40.62 ? 2084 HOH A O   1 
HETATM 933 O  O   . HOH D 4 .   ? 8.873   -7.049  12.599  1.00 22.63 ? 2085 HOH A O   1 
HETATM 934 O  O   . HOH D 4 .   ? 6.000   -9.336  13.919  1.00 34.18 ? 2086 HOH A O   1 
HETATM 935 O  O   . HOH D 4 .   ? 17.114  4.130   7.723   1.00 26.34 ? 2087 HOH A O   1 
HETATM 936 O  O   . HOH D 4 .   ? 12.761  -5.849  3.374   1.00 21.14 ? 2088 HOH A O   1 
HETATM 937 O  O   . HOH D 4 .   ? 15.048  -2.983  9.709   1.00 37.25 ? 2089 HOH A O   1 
HETATM 938 O  O   . HOH D 4 .   ? 15.059  -6.516  9.615   1.00 26.77 ? 2090 HOH A O   1 
HETATM 939 O  O   . HOH D 4 .   ? 10.906  -6.809  9.438   1.00 21.51 ? 2091 HOH A O   1 
HETATM 940 O  O   . HOH D 4 .   ? 16.239  -6.501  5.838   1.00 43.79 ? 2092 HOH A O   1 
HETATM 941 O  O   . HOH D 4 .   ? 11.074  2.936   -1.240  1.00 26.56 ? 2093 HOH A O   1 
HETATM 942 O  O   . HOH D 4 .   ? 15.630  -4.550  4.179   1.00 33.40 ? 2094 HOH A O   1 
HETATM 943 O  O   . HOH D 4 .   ? 16.104  -2.180  -1.333  1.00 24.66 ? 2095 HOH A O   1 
HETATM 944 O  O   . HOH D 4 .   ? 14.310  1.857   -6.414  1.00 32.08 ? 2096 HOH A O   1 
HETATM 945 O  O   . HOH D 4 .   ? 13.705  -1.172  -7.926  1.00 25.75 ? 2097 HOH A O   1 
HETATM 946 O  O   . HOH D 4 .   ? 15.544  4.087   3.622   1.00 27.99 ? 2098 HOH A O   1 
HETATM 947 O  O   . HOH D 4 .   ? 15.262  -3.128  -8.265  1.00 32.88 ? 2099 HOH A O   1 
HETATM 948 O  O   . HOH D 4 .   ? 13.471  -6.771  -1.117  1.00 27.92 ? 2100 HOH A O   1 
HETATM 949 O  O   . HOH D 4 .   ? 8.731   -6.739  -9.710  1.00 33.94 ? 2101 HOH A O   1 
HETATM 950 O  O   A HOH D 4 .   ? 6.611   4.623   -15.532 0.50 29.65 ? 2102 HOH A O   1 
HETATM 951 O  O   B HOH D 4 .   ? 5.940   5.560   -14.453 0.50 26.35 ? 2103 HOH A O   1 
HETATM 952 O  O   . HOH D 4 .   ? 13.191  0.458   -12.742 1.00 35.40 ? 2104 HOH A O   1 
HETATM 953 O  O   . HOH D 4 .   ? 9.600   -4.503  -13.959 1.00 22.58 ? 2105 HOH A O   1 
HETATM 954 O  O   . HOH D 4 .   ? 2.765   -5.150  -11.875 1.00 28.92 ? 2106 HOH A O   1 
HETATM 955 O  O   . HOH D 4 .   ? -13.329 1.210   1.089   1.00 21.15 ? 2107 HOH A O   1 
HETATM 956 O  O   . HOH D 4 .   ? -10.733 9.146   4.228   1.00 20.94 ? 2108 HOH A O   1 
HETATM 957 O  O   . HOH D 4 .   ? -7.934  8.669   5.226   1.00 44.54 ? 2109 HOH A O   1 
HETATM 958 O  O   . HOH D 4 .   ? -11.957 5.486   11.456  1.00 28.71 ? 2110 HOH A O   1 
HETATM 959 O  O   . HOH D 4 .   ? -14.540 -6.287  6.655   1.00 29.55 ? 2111 HOH A O   1 
HETATM 960 O  O   . HOH D 4 .   ? -11.680 -1.230  10.346  1.00 37.53 ? 2112 HOH A O   1 
HETATM 961 O  O   . HOH D 4 .   ? -11.544 2.507   12.048  1.00 22.55 ? 2113 HOH A O   1 
HETATM 962 O  O   . HOH D 4 .   ? -13.822 5.073   13.328  1.00 33.27 ? 2114 HOH A O   1 
HETATM 963 O  O   . HOH D 4 .   ? -17.061 -1.312  15.104  1.00 23.38 ? 2115 HOH A O   1 
HETATM 964 O  O   . HOH D 4 .   ? -15.785 5.168   15.412  1.00 34.01 ? 2116 HOH A O   1 
HETATM 965 O  O   . HOH D 4 .   ? -19.059 5.545   16.284  1.00 19.89 ? 2117 HOH A O   1 
HETATM 966 O  O   . HOH D 4 .   ? 6.379   19.066  -3.269  1.00 25.28 ? 2118 HOH A O   1 
HETATM 967 O  O   . HOH D 4 .   ? 4.860   15.792  -6.215  1.00 20.52 ? 2119 HOH A O   1 
# 
loop_
_pdbx_poly_seq_scheme.asym_id 
_pdbx_poly_seq_scheme.entity_id 
_pdbx_poly_seq_scheme.seq_id 
_pdbx_poly_seq_scheme.mon_id 
_pdbx_poly_seq_scheme.ndb_seq_num 
_pdbx_poly_seq_scheme.pdb_seq_num 
_pdbx_poly_seq_scheme.auth_seq_num 
_pdbx_poly_seq_scheme.pdb_mon_id 
_pdbx_poly_seq_scheme.auth_mon_id 
_pdbx_poly_seq_scheme.pdb_strand_id 
_pdbx_poly_seq_scheme.pdb_ins_code 
_pdbx_poly_seq_scheme.hetero 
A 1 1   SER 1   -1  -1  SER SER A . n 
A 1 2   MET 2   0   0   MET MET A . n 
A 1 3   ARG 3   4   4   ARG ARG A . n 
A 1 4   VAL 4   5   5   VAL VAL A . n 
A 1 5   ASP 5   6   6   ASP ASP A . n 
A 1 6   TYR 6   7   7   TYR TYR A . n 
A 1 7   LEU 7   8   8   LEU LEU A . n 
A 1 8   VAL 8   9   9   VAL VAL A . n 
A 1 9   THR 9   10  10  THR THR A . n 
A 1 10  GLU 10  11  11  GLU GLU A . n 
A 1 11  GLU 11  12  12  GLU GLU A . n 
A 1 12  GLU 12  13  13  GLU GLU A . n 
A 1 13  ILE 13  14  14  ILE ILE A . n 
A 1 14  ASN 14  15  15  ASN ASN A . n 
A 1 15  LEU 15  16  16  LEU LEU A . n 
A 1 16  THR 16  17  17  THR THR A . n 
A 1 17  ARG 17  18  18  ARG ARG A . n 
A 1 18  GLY 18  19  19  GLY GLY A . n 
A 1 19  PRO 19  20  20  PRO PRO A . n 
A 1 20  SER 20  21  21  SER SER A . n 
A 1 21  GLY 21  22  22  GLY GLY A . n 
A 1 22  LEU 22  23  23  LEU LEU A . n 
A 1 23  GLY 23  24  24  GLY GLY A . n 
A 1 24  PHE 24  25  25  PHE PHE A . n 
A 1 25  ASN 25  26  26  ASN ASN A . n 
A 1 26  ILE 26  27  27  ILE ILE A . n 
A 1 27  VAL 27  28  28  VAL VAL A . n 
A 1 28  GLY 28  29  29  GLY GLY A . n 
A 1 29  GLY 29  30  30  GLY GLY A . n 
A 1 30  THR 30  31  31  THR THR A . n 
A 1 31  ASP 31  32  32  ASP ASP A . n 
A 1 32  GLN 32  33  33  GLN GLN A . n 
A 1 33  GLN 33  34  34  GLN GLN A . n 
A 1 34  TYR 34  35  35  TYR TYR A . n 
A 1 35  VAL 35  36  36  VAL VAL A . n 
A 1 36  SER 36  37  37  SER SER A . n 
A 1 37  ASN 37  38  38  ASN ASN A . n 
A 1 38  ASP 38  39  39  ASP ASP A . n 
A 1 39  SER 39  40  40  SER SER A . n 
A 1 40  GLY 40  41  41  GLY GLY A . n 
A 1 41  ILE 41  42  42  ILE ILE A . n 
A 1 42  TYR 42  43  43  TYR TYR A . n 
A 1 43  VAL 43  44  44  VAL VAL A . n 
A 1 44  SER 44  45  45  SER SER A . n 
A 1 45  ARG 45  46  46  ARG ARG A . n 
A 1 46  ILE 46  47  47  ILE ILE A . n 
A 1 47  LYS 47  48  48  LYS LYS A . n 
A 1 48  GLU 48  49  49  GLU GLU A . n 
A 1 49  ASN 49  50  50  ASN ASN A . n 
A 1 50  GLY 50  51  51  GLY GLY A . n 
A 1 51  ALA 51  52  52  ALA ALA A . n 
A 1 52  ALA 52  53  53  ALA ALA A . n 
A 1 53  ALA 53  54  54  ALA ALA A . n 
A 1 54  LEU 54  55  55  LEU LEU A . n 
A 1 55  ASP 55  56  56  ASP ASP A . n 
A 1 56  GLY 56  57  57  GLY GLY A . n 
A 1 57  ARG 57  58  58  ARG ARG A . n 
A 1 58  LEU 58  59  59  LEU LEU A . n 
A 1 59  GLN 59  60  60  GLN GLN A . n 
A 1 60  GLU 60  61  61  GLU GLU A . n 
A 1 61  GLY 61  62  62  GLY GLY A . n 
A 1 62  ASP 62  63  63  ASP ASP A . n 
A 1 63  LYS 63  64  64  LYS LYS A . n 
A 1 64  ILE 64  65  65  ILE ILE A . n 
A 1 65  LEU 65  66  66  LEU LEU A . n 
A 1 66  SER 66  67  67  SER SER A . n 
A 1 67  VAL 67  68  68  VAL VAL A . n 
A 1 68  ASN 68  69  69  ASN ASN A . n 
A 1 69  GLY 69  70  70  GLY GLY A . n 
A 1 70  GLN 70  71  71  GLN GLN A . n 
A 1 71  ASP 71  72  72  ASP ASP A . n 
A 1 72  LEU 72  73  73  LEU LEU A . n 
A 1 73  LYS 73  74  74  LYS LYS A . n 
A 1 74  ASN 74  75  75  ASN ASN A . n 
A 1 75  LEU 75  76  76  LEU LEU A . n 
A 1 76  LEU 76  77  77  LEU LEU A . n 
A 1 77  HIS 77  78  78  HIS HIS A . n 
A 1 78  GLN 78  79  79  GLN GLN A . n 
A 1 79  ASP 79  80  80  ASP ASP A . n 
A 1 80  ALA 80  81  81  ALA ALA A . n 
A 1 81  VAL 81  82  82  VAL VAL A . n 
A 1 82  ASP 82  83  83  ASP ASP A . n 
A 1 83  LEU 83  84  84  LEU LEU A . n 
A 1 84  PHE 84  85  85  PHE PHE A . n 
A 1 85  ARG 85  86  86  ARG ARG A . n 
A 1 86  ASN 86  87  87  ASN ASN A . n 
A 1 87  ALA 87  88  88  ALA ALA A . n 
A 1 88  GLY 88  89  89  GLY GLY A . n 
A 1 89  TYR 89  90  90  TYR TYR A . n 
A 1 90  ALA 90  91  91  ALA ALA A . n 
A 1 91  VAL 91  92  92  VAL VAL A . n 
A 1 92  SER 92  93  93  SER SER A . n 
A 1 93  LEU 93  94  94  LEU LEU A . n 
A 1 94  ARG 94  95  95  ARG ARG A . n 
A 1 95  VAL 95  96  96  VAL VAL A . n 
A 1 96  GLN 96  97  97  GLN GLN A . n 
A 1 97  HIS 97  98  98  HIS HIS A . n 
A 1 98  ARG 98  99  99  ARG ARG A . n 
A 1 99  GLU 99  100 100 GLU GLU A . n 
A 1 100 SER 100 101 101 SER SER A . n 
A 1 101 SER 101 102 102 SER SER A . n 
A 1 102 ILE 102 103 103 ILE ILE A . n 
# 
loop_
_pdbx_nonpoly_scheme.asym_id 
_pdbx_nonpoly_scheme.entity_id 
_pdbx_nonpoly_scheme.mon_id 
_pdbx_nonpoly_scheme.ndb_seq_num 
_pdbx_nonpoly_scheme.pdb_seq_num 
_pdbx_nonpoly_scheme.auth_seq_num 
_pdbx_nonpoly_scheme.pdb_mon_id 
_pdbx_nonpoly_scheme.auth_mon_id 
_pdbx_nonpoly_scheme.pdb_strand_id 
_pdbx_nonpoly_scheme.pdb_ins_code 
B 2 NA  1   1103 1103 NA  NA  A . 
C 3 SO4 1   1104 1104 SO4 SO4 A . 
D 4 HOH 1   2001 2001 HOH HOH A . 
D 4 HOH 2   2002 2002 HOH HOH A . 
D 4 HOH 3   2003 2003 HOH HOH A . 
D 4 HOH 4   2004 2004 HOH HOH A . 
D 4 HOH 5   2005 2005 HOH HOH A . 
D 4 HOH 6   2006 2006 HOH HOH A . 
D 4 HOH 7   2007 2007 HOH HOH A . 
D 4 HOH 8   2008 2008 HOH HOH A . 
D 4 HOH 9   2009 2009 HOH HOH A . 
D 4 HOH 10  2010 2010 HOH HOH A . 
D 4 HOH 11  2011 2011 HOH HOH A . 
D 4 HOH 12  2012 2012 HOH HOH A . 
D 4 HOH 13  2013 2013 HOH HOH A . 
D 4 HOH 14  2014 2014 HOH HOH A . 
D 4 HOH 15  2015 2015 HOH HOH A . 
D 4 HOH 16  2016 2016 HOH HOH A . 
D 4 HOH 17  2017 2017 HOH HOH A . 
D 4 HOH 18  2018 2018 HOH HOH A . 
D 4 HOH 19  2019 2019 HOH HOH A . 
D 4 HOH 20  2020 2020 HOH HOH A . 
D 4 HOH 21  2021 2021 HOH HOH A . 
D 4 HOH 22  2022 2022 HOH HOH A . 
D 4 HOH 23  2023 2023 HOH HOH A . 
D 4 HOH 24  2024 2024 HOH HOH A . 
D 4 HOH 25  2025 2025 HOH HOH A . 
D 4 HOH 26  2026 2026 HOH HOH A . 
D 4 HOH 27  2027 2027 HOH HOH A . 
D 4 HOH 28  2028 2028 HOH HOH A . 
D 4 HOH 29  2029 2029 HOH HOH A . 
D 4 HOH 30  2030 2030 HOH HOH A . 
D 4 HOH 31  2031 2031 HOH HOH A . 
D 4 HOH 32  2032 2032 HOH HOH A . 
D 4 HOH 33  2033 2033 HOH HOH A . 
D 4 HOH 34  2034 2034 HOH HOH A . 
D 4 HOH 35  2035 2035 HOH HOH A . 
D 4 HOH 36  2036 2036 HOH HOH A . 
D 4 HOH 37  2037 2037 HOH HOH A . 
D 4 HOH 38  2038 2038 HOH HOH A . 
D 4 HOH 39  2039 2039 HOH HOH A . 
D 4 HOH 40  2040 2040 HOH HOH A . 
D 4 HOH 41  2041 2041 HOH HOH A . 
D 4 HOH 42  2042 2042 HOH HOH A . 
D 4 HOH 43  2043 2043 HOH HOH A . 
D 4 HOH 44  2044 2044 HOH HOH A . 
D 4 HOH 45  2045 2045 HOH HOH A . 
D 4 HOH 46  2046 2046 HOH HOH A . 
D 4 HOH 47  2047 2047 HOH HOH A . 
D 4 HOH 48  2048 2048 HOH HOH A . 
D 4 HOH 49  2049 2049 HOH HOH A . 
D 4 HOH 50  2050 2050 HOH HOH A . 
D 4 HOH 51  2051 2051 HOH HOH A . 
D 4 HOH 52  2052 2052 HOH HOH A . 
D 4 HOH 53  2053 2053 HOH HOH A . 
D 4 HOH 54  2054 2054 HOH HOH A . 
D 4 HOH 55  2055 2055 HOH HOH A . 
D 4 HOH 56  2056 2056 HOH HOH A . 
D 4 HOH 57  2057 2057 HOH HOH A . 
D 4 HOH 58  2058 2058 HOH HOH A . 
D 4 HOH 59  2059 2059 HOH HOH A . 
D 4 HOH 60  2060 2060 HOH HOH A . 
D 4 HOH 61  2061 2061 HOH HOH A . 
D 4 HOH 62  2062 2062 HOH HOH A . 
D 4 HOH 63  2063 2063 HOH HOH A . 
D 4 HOH 64  2064 2064 HOH HOH A . 
D 4 HOH 65  2065 2065 HOH HOH A . 
D 4 HOH 66  2066 2066 HOH HOH A . 
D 4 HOH 67  2067 2067 HOH HOH A . 
D 4 HOH 68  2068 2068 HOH HOH A . 
D 4 HOH 69  2069 2069 HOH HOH A . 
D 4 HOH 70  2070 2070 HOH HOH A . 
D 4 HOH 71  2071 2071 HOH HOH A . 
D 4 HOH 72  2072 2072 HOH HOH A . 
D 4 HOH 73  2073 2073 HOH HOH A . 
D 4 HOH 74  2074 2074 HOH HOH A . 
D 4 HOH 75  2075 2075 HOH HOH A . 
D 4 HOH 76  2076 2076 HOH HOH A . 
D 4 HOH 77  2077 2077 HOH HOH A . 
D 4 HOH 78  2078 2078 HOH HOH A . 
D 4 HOH 79  2079 2079 HOH HOH A . 
D 4 HOH 80  2080 2080 HOH HOH A . 
D 4 HOH 81  2081 2081 HOH HOH A . 
D 4 HOH 82  2082 2082 HOH HOH A . 
D 4 HOH 83  2083 2083 HOH HOH A . 
D 4 HOH 84  2084 2084 HOH HOH A . 
D 4 HOH 85  2085 2085 HOH HOH A . 
D 4 HOH 86  2086 2086 HOH HOH A . 
D 4 HOH 87  2087 2087 HOH HOH A . 
D 4 HOH 88  2088 2088 HOH HOH A . 
D 4 HOH 89  2089 2089 HOH HOH A . 
D 4 HOH 90  2090 2090 HOH HOH A . 
D 4 HOH 91  2091 2091 HOH HOH A . 
D 4 HOH 92  2092 2092 HOH HOH A . 
D 4 HOH 93  2093 2093 HOH HOH A . 
D 4 HOH 94  2094 2094 HOH HOH A . 
D 4 HOH 95  2095 2095 HOH HOH A . 
D 4 HOH 96  2096 2096 HOH HOH A . 
D 4 HOH 97  2097 2097 HOH HOH A . 
D 4 HOH 98  2098 2098 HOH HOH A . 
D 4 HOH 99  2099 2099 HOH HOH A . 
D 4 HOH 100 2100 2100 HOH HOH A . 
D 4 HOH 101 2101 2101 HOH HOH A . 
D 4 HOH 102 2102 2102 HOH HOH A . 
D 4 HOH 103 2103 2103 HOH HOH A . 
D 4 HOH 104 2104 2104 HOH HOH A . 
D 4 HOH 105 2105 2105 HOH HOH A . 
D 4 HOH 106 2106 2106 HOH HOH A . 
D 4 HOH 107 2107 2107 HOH HOH A . 
D 4 HOH 108 2108 2108 HOH HOH A . 
D 4 HOH 109 2109 2109 HOH HOH A . 
D 4 HOH 110 2110 2110 HOH HOH A . 
D 4 HOH 111 2111 2111 HOH HOH A . 
D 4 HOH 112 2112 2112 HOH HOH A . 
D 4 HOH 113 2113 2113 HOH HOH A . 
D 4 HOH 114 2114 2114 HOH HOH A . 
D 4 HOH 115 2115 2115 HOH HOH A . 
D 4 HOH 116 2116 2116 HOH HOH A . 
D 4 HOH 117 2117 2117 HOH HOH A . 
D 4 HOH 118 2118 2118 HOH HOH A . 
D 4 HOH 119 2119 2119 HOH HOH A . 
# 
_pdbx_struct_assembly.id                   1 
_pdbx_struct_assembly.details              author_and_software_defined_assembly 
_pdbx_struct_assembly.method_details       PQS 
_pdbx_struct_assembly.oligomeric_details   monomeric 
_pdbx_struct_assembly.oligomeric_count     1 
# 
_pdbx_struct_assembly_gen.assembly_id       1 
_pdbx_struct_assembly_gen.oper_expression   1 
_pdbx_struct_assembly_gen.asym_id_list      A,B,C,D 
# 
_pdbx_struct_oper_list.id                   1 
_pdbx_struct_oper_list.type                 'identity operation' 
_pdbx_struct_oper_list.name                 1_555 
_pdbx_struct_oper_list.symmetry_operation   x,y,z 
_pdbx_struct_oper_list.matrix[1][1]         1.0000000000 
_pdbx_struct_oper_list.matrix[1][2]         0.0000000000 
_pdbx_struct_oper_list.matrix[1][3]         0.0000000000 
_pdbx_struct_oper_list.vector[1]            0.0000000000 
_pdbx_struct_oper_list.matrix[2][1]         0.0000000000 
_pdbx_struct_oper_list.matrix[2][2]         1.0000000000 
_pdbx_struct_oper_list.matrix[2][3]         0.0000000000 
_pdbx_struct_oper_list.vector[2]            0.0000000000 
_pdbx_struct_oper_list.matrix[3][1]         0.0000000000 
_pdbx_struct_oper_list.matrix[3][2]         0.0000000000 
_pdbx_struct_oper_list.matrix[3][3]         1.0000000000 
_pdbx_struct_oper_list.vector[3]            0.0000000000 
# 
loop_
_pdbx_audit_revision_history.ordinal 
_pdbx_audit_revision_history.data_content_type 
_pdbx_audit_revision_history.major_revision 
_pdbx_audit_revision_history.minor_revision 
_pdbx_audit_revision_history.revision_date 
1 'Structure model' 1 0 2007-07-10 
2 'Structure model' 1 1 2011-07-13 
3 'Structure model' 1 2 2023-12-13 
# 
_pdbx_audit_revision_details.ordinal             1 
_pdbx_audit_revision_details.revision_ordinal    1 
_pdbx_audit_revision_details.data_content_type   'Structure model' 
_pdbx_audit_revision_details.provider            repository 
_pdbx_audit_revision_details.type                'Initial release' 
_pdbx_audit_revision_details.description         ? 
_pdbx_audit_revision_details.details             ? 
# 
loop_
_pdbx_audit_revision_group.ordinal 
_pdbx_audit_revision_group.revision_ordinal 
_pdbx_audit_revision_group.data_content_type 
_pdbx_audit_revision_group.group 
1 2 'Structure model' Advisory                    
2 2 'Structure model' 'Version format compliance' 
3 3 'Structure model' 'Data collection'           
4 3 'Structure model' 'Database references'       
5 3 'Structure model' Other                       
6 3 'Structure model' 'Refinement description'    
# 
loop_
_pdbx_audit_revision_category.ordinal 
_pdbx_audit_revision_category.revision_ordinal 
_pdbx_audit_revision_category.data_content_type 
_pdbx_audit_revision_category.category 
1 3 'Structure model' chem_comp_atom                
2 3 'Structure model' chem_comp_bond                
3 3 'Structure model' database_2                    
4 3 'Structure model' pdbx_database_status          
5 3 'Structure model' pdbx_initial_refinement_model 
# 
loop_
_pdbx_audit_revision_item.ordinal 
_pdbx_audit_revision_item.revision_ordinal 
_pdbx_audit_revision_item.data_content_type 
_pdbx_audit_revision_item.item 
1 3 'Structure model' '_database_2.pdbx_DOI'                 
2 3 'Structure model' '_database_2.pdbx_database_accession'  
3 3 'Structure model' '_pdbx_database_status.status_code_sf' 
# 
_pdbx_refine_tls.pdbx_refine_id   'X-RAY DIFFRACTION' 
_pdbx_refine_tls.id               1 
_pdbx_refine_tls.details          ? 
_pdbx_refine_tls.method           refined 
_pdbx_refine_tls.origin_x         -0.2207 
_pdbx_refine_tls.origin_y         0.4452 
_pdbx_refine_tls.origin_z         0.0280 
_pdbx_refine_tls.T[1][1]          -0.1074 
_pdbx_refine_tls.T[2][2]          -0.1084 
_pdbx_refine_tls.T[3][3]          -0.1150 
_pdbx_refine_tls.T[1][2]          0.0014 
_pdbx_refine_tls.T[1][3]          0.0041 
_pdbx_refine_tls.T[2][3]          -0.0002 
_pdbx_refine_tls.L[1][1]          1.1627 
_pdbx_refine_tls.L[2][2]          0.6224 
_pdbx_refine_tls.L[3][3]          1.5626 
_pdbx_refine_tls.L[1][2]          0.0731 
_pdbx_refine_tls.L[1][3]          0.2227 
_pdbx_refine_tls.L[2][3]          0.2598 
_pdbx_refine_tls.S[1][1]          0.0287 
_pdbx_refine_tls.S[1][2]          -0.0099 
_pdbx_refine_tls.S[1][3]          -0.0399 
_pdbx_refine_tls.S[2][1]          -0.0219 
_pdbx_refine_tls.S[2][2]          -0.0359 
_pdbx_refine_tls.S[2][3]          0.0207 
_pdbx_refine_tls.S[3][1]          0.0479 
_pdbx_refine_tls.S[3][2]          0.0820 
_pdbx_refine_tls.S[3][3]          0.0072 
# 
_pdbx_refine_tls_group.pdbx_refine_id      'X-RAY DIFFRACTION' 
_pdbx_refine_tls_group.id                  1 
_pdbx_refine_tls_group.refine_tls_id       1 
_pdbx_refine_tls_group.beg_auth_asym_id    A 
_pdbx_refine_tls_group.beg_auth_seq_id     1 
_pdbx_refine_tls_group.beg_label_asym_id   ? 
_pdbx_refine_tls_group.beg_label_seq_id    ? 
_pdbx_refine_tls_group.end_auth_asym_id    A 
_pdbx_refine_tls_group.end_auth_seq_id     100 
_pdbx_refine_tls_group.end_label_asym_id   ? 
_pdbx_refine_tls_group.end_label_seq_id    ? 
_pdbx_refine_tls_group.selection           ? 
_pdbx_refine_tls_group.selection_details   ? 
# 
loop_
_software.name 
_software.classification 
_software.version 
_software.citation_id 
_software.pdbx_ordinal 
REFMAC refinement       5.3.0037 ? 1 
MOSFLM 'data reduction' .        ? 2 
SCALA  'data scaling'   .        ? 3 
PHASER phasing          .        ? 4 
# 
_pdbx_database_remark.id     700 
_pdbx_database_remark.text   
;
SHEET
THE SHEET STRUCTURE OF THIS MOLECULE IS BIFURCATED. IN
ORDER TO REPRESENT THIS FEATURE IN THE SHEET RECORDS BELOW,
TWO SHEETS ARE DEFINED.
;
# 
_pdbx_entry_details.entry_id                 2JIN 
_pdbx_entry_details.compound_details         ? 
_pdbx_entry_details.source_details           ? 
_pdbx_entry_details.nonpolymer_details       ? 
_pdbx_entry_details.sequence_details         
;CONSTRUCT INCLUDES A CARBOXY-TERMINAL TETRAPEPTIDE (ESSI)
CORRESPONDING TO A MODE1 PDZ INTERACTION MOTIF
;
_pdbx_entry_details.has_ligand_of_interest   ? 
# 
_pdbx_validate_symm_contact.id                1 
_pdbx_validate_symm_contact.PDB_model_num     1 
_pdbx_validate_symm_contact.auth_atom_id_1    O 
_pdbx_validate_symm_contact.auth_asym_id_1    A 
_pdbx_validate_symm_contact.auth_comp_id_1    HOH 
_pdbx_validate_symm_contact.auth_seq_id_1     2058 
_pdbx_validate_symm_contact.PDB_ins_code_1    ? 
_pdbx_validate_symm_contact.label_alt_id_1    ? 
_pdbx_validate_symm_contact.site_symmetry_1   1_555 
_pdbx_validate_symm_contact.auth_atom_id_2    O 
_pdbx_validate_symm_contact.auth_asym_id_2    A 
_pdbx_validate_symm_contact.auth_comp_id_2    HOH 
_pdbx_validate_symm_contact.auth_seq_id_2     2105 
_pdbx_validate_symm_contact.PDB_ins_code_2    ? 
_pdbx_validate_symm_contact.label_alt_id_2    ? 
_pdbx_validate_symm_contact.site_symmetry_2   2_455 
_pdbx_validate_symm_contact.dist              2.11 
# 
loop_
_pdbx_unobs_or_zero_occ_atoms.id 
_pdbx_unobs_or_zero_occ_atoms.PDB_model_num 
_pdbx_unobs_or_zero_occ_atoms.polymer_flag 
_pdbx_unobs_or_zero_occ_atoms.occupancy_flag 
_pdbx_unobs_or_zero_occ_atoms.auth_asym_id 
_pdbx_unobs_or_zero_occ_atoms.auth_comp_id 
_pdbx_unobs_or_zero_occ_atoms.auth_seq_id 
_pdbx_unobs_or_zero_occ_atoms.PDB_ins_code 
_pdbx_unobs_or_zero_occ_atoms.auth_atom_id 
_pdbx_unobs_or_zero_occ_atoms.label_alt_id 
_pdbx_unobs_or_zero_occ_atoms.label_asym_id 
_pdbx_unobs_or_zero_occ_atoms.label_comp_id 
_pdbx_unobs_or_zero_occ_atoms.label_seq_id 
_pdbx_unobs_or_zero_occ_atoms.label_atom_id 
1 1 Y 1 A SER -1 ? OG  ? A SER 1  OG  
2 1 Y 1 A LYS 74 ? NZ  ? A LYS 73 NZ  
3 1 Y 1 A ARG 95 ? NE  ? A ARG 94 NE  
4 1 Y 1 A ARG 95 ? CZ  ? A ARG 94 CZ  
5 1 Y 1 A ARG 95 ? NH1 ? A ARG 94 NH1 
6 1 Y 1 A ARG 95 ? NH2 ? A ARG 94 NH2 
# 
loop_
_chem_comp_atom.comp_id 
_chem_comp_atom.atom_id 
_chem_comp_atom.type_symbol 
_chem_comp_atom.pdbx_aromatic_flag 
_chem_comp_atom.pdbx_stereo_config 
_chem_comp_atom.pdbx_ordinal 
ALA N    N  N N 1   
ALA CA   C  N S 2   
ALA C    C  N N 3   
ALA O    O  N N 4   
ALA CB   C  N N 5   
ALA OXT  O  N N 6   
ALA H    H  N N 7   
ALA H2   H  N N 8   
ALA HA   H  N N 9   
ALA HB1  H  N N 10  
ALA HB2  H  N N 11  
ALA HB3  H  N N 12  
ALA HXT  H  N N 13  
ARG N    N  N N 14  
ARG CA   C  N S 15  
ARG C    C  N N 16  
ARG O    O  N N 17  
ARG CB   C  N N 18  
ARG CG   C  N N 19  
ARG CD   C  N N 20  
ARG NE   N  N N 21  
ARG CZ   C  N N 22  
ARG NH1  N  N N 23  
ARG NH2  N  N N 24  
ARG OXT  O  N N 25  
ARG H    H  N N 26  
ARG H2   H  N N 27  
ARG HA   H  N N 28  
ARG HB2  H  N N 29  
ARG HB3  H  N N 30  
ARG HG2  H  N N 31  
ARG HG3  H  N N 32  
ARG HD2  H  N N 33  
ARG HD3  H  N N 34  
ARG HE   H  N N 35  
ARG HH11 H  N N 36  
ARG HH12 H  N N 37  
ARG HH21 H  N N 38  
ARG HH22 H  N N 39  
ARG HXT  H  N N 40  
ASN N    N  N N 41  
ASN CA   C  N S 42  
ASN C    C  N N 43  
ASN O    O  N N 44  
ASN CB   C  N N 45  
ASN CG   C  N N 46  
ASN OD1  O  N N 47  
ASN ND2  N  N N 48  
ASN OXT  O  N N 49  
ASN H    H  N N 50  
ASN H2   H  N N 51  
ASN HA   H  N N 52  
ASN HB2  H  N N 53  
ASN HB3  H  N N 54  
ASN HD21 H  N N 55  
ASN HD22 H  N N 56  
ASN HXT  H  N N 57  
ASP N    N  N N 58  
ASP CA   C  N S 59  
ASP C    C  N N 60  
ASP O    O  N N 61  
ASP CB   C  N N 62  
ASP CG   C  N N 63  
ASP OD1  O  N N 64  
ASP OD2  O  N N 65  
ASP OXT  O  N N 66  
ASP H    H  N N 67  
ASP H2   H  N N 68  
ASP HA   H  N N 69  
ASP HB2  H  N N 70  
ASP HB3  H  N N 71  
ASP HD2  H  N N 72  
ASP HXT  H  N N 73  
GLN N    N  N N 74  
GLN CA   C  N S 75  
GLN C    C  N N 76  
GLN O    O  N N 77  
GLN CB   C  N N 78  
GLN CG   C  N N 79  
GLN CD   C  N N 80  
GLN OE1  O  N N 81  
GLN NE2  N  N N 82  
GLN OXT  O  N N 83  
GLN H    H  N N 84  
GLN H2   H  N N 85  
GLN HA   H  N N 86  
GLN HB2  H  N N 87  
GLN HB3  H  N N 88  
GLN HG2  H  N N 89  
GLN HG3  H  N N 90  
GLN HE21 H  N N 91  
GLN HE22 H  N N 92  
GLN HXT  H  N N 93  
GLU N    N  N N 94  
GLU CA   C  N S 95  
GLU C    C  N N 96  
GLU O    O  N N 97  
GLU CB   C  N N 98  
GLU CG   C  N N 99  
GLU CD   C  N N 100 
GLU OE1  O  N N 101 
GLU OE2  O  N N 102 
GLU OXT  O  N N 103 
GLU H    H  N N 104 
GLU H2   H  N N 105 
GLU HA   H  N N 106 
GLU HB2  H  N N 107 
GLU HB3  H  N N 108 
GLU HG2  H  N N 109 
GLU HG3  H  N N 110 
GLU HE2  H  N N 111 
GLU HXT  H  N N 112 
GLY N    N  N N 113 
GLY CA   C  N N 114 
GLY C    C  N N 115 
GLY O    O  N N 116 
GLY OXT  O  N N 117 
GLY H    H  N N 118 
GLY H2   H  N N 119 
GLY HA2  H  N N 120 
GLY HA3  H  N N 121 
GLY HXT  H  N N 122 
HIS N    N  N N 123 
HIS CA   C  N S 124 
HIS C    C  N N 125 
HIS O    O  N N 126 
HIS CB   C  N N 127 
HIS CG   C  Y N 128 
HIS ND1  N  Y N 129 
HIS CD2  C  Y N 130 
HIS CE1  C  Y N 131 
HIS NE2  N  Y N 132 
HIS OXT  O  N N 133 
HIS H    H  N N 134 
HIS H2   H  N N 135 
HIS HA   H  N N 136 
HIS HB2  H  N N 137 
HIS HB3  H  N N 138 
HIS HD1  H  N N 139 
HIS HD2  H  N N 140 
HIS HE1  H  N N 141 
HIS HE2  H  N N 142 
HIS HXT  H  N N 143 
HOH O    O  N N 144 
HOH H1   H  N N 145 
HOH H2   H  N N 146 
ILE N    N  N N 147 
ILE CA   C  N S 148 
ILE C    C  N N 149 
ILE O    O  N N 150 
ILE CB   C  N S 151 
ILE CG1  C  N N 152 
ILE CG2  C  N N 153 
ILE CD1  C  N N 154 
ILE OXT  O  N N 155 
ILE H    H  N N 156 
ILE H2   H  N N 157 
ILE HA   H  N N 158 
ILE HB   H  N N 159 
ILE HG12 H  N N 160 
ILE HG13 H  N N 161 
ILE HG21 H  N N 162 
ILE HG22 H  N N 163 
ILE HG23 H  N N 164 
ILE HD11 H  N N 165 
ILE HD12 H  N N 166 
ILE HD13 H  N N 167 
ILE HXT  H  N N 168 
LEU N    N  N N 169 
LEU CA   C  N S 170 
LEU C    C  N N 171 
LEU O    O  N N 172 
LEU CB   C  N N 173 
LEU CG   C  N N 174 
LEU CD1  C  N N 175 
LEU CD2  C  N N 176 
LEU OXT  O  N N 177 
LEU H    H  N N 178 
LEU H2   H  N N 179 
LEU HA   H  N N 180 
LEU HB2  H  N N 181 
LEU HB3  H  N N 182 
LEU HG   H  N N 183 
LEU HD11 H  N N 184 
LEU HD12 H  N N 185 
LEU HD13 H  N N 186 
LEU HD21 H  N N 187 
LEU HD22 H  N N 188 
LEU HD23 H  N N 189 
LEU HXT  H  N N 190 
LYS N    N  N N 191 
LYS CA   C  N S 192 
LYS C    C  N N 193 
LYS O    O  N N 194 
LYS CB   C  N N 195 
LYS CG   C  N N 196 
LYS CD   C  N N 197 
LYS CE   C  N N 198 
LYS NZ   N  N N 199 
LYS OXT  O  N N 200 
LYS H    H  N N 201 
LYS H2   H  N N 202 
LYS HA   H  N N 203 
LYS HB2  H  N N 204 
LYS HB3  H  N N 205 
LYS HG2  H  N N 206 
LYS HG3  H  N N 207 
LYS HD2  H  N N 208 
LYS HD3  H  N N 209 
LYS HE2  H  N N 210 
LYS HE3  H  N N 211 
LYS HZ1  H  N N 212 
LYS HZ2  H  N N 213 
LYS HZ3  H  N N 214 
LYS HXT  H  N N 215 
MET N    N  N N 216 
MET CA   C  N S 217 
MET C    C  N N 218 
MET O    O  N N 219 
MET CB   C  N N 220 
MET CG   C  N N 221 
MET SD   S  N N 222 
MET CE   C  N N 223 
MET OXT  O  N N 224 
MET H    H  N N 225 
MET H2   H  N N 226 
MET HA   H  N N 227 
MET HB2  H  N N 228 
MET HB3  H  N N 229 
MET HG2  H  N N 230 
MET HG3  H  N N 231 
MET HE1  H  N N 232 
MET HE2  H  N N 233 
MET HE3  H  N N 234 
MET HXT  H  N N 235 
NA  NA   NA N N 236 
PHE N    N  N N 237 
PHE CA   C  N S 238 
PHE C    C  N N 239 
PHE O    O  N N 240 
PHE CB   C  N N 241 
PHE CG   C  Y N 242 
PHE CD1  C  Y N 243 
PHE CD2  C  Y N 244 
PHE CE1  C  Y N 245 
PHE CE2  C  Y N 246 
PHE CZ   C  Y N 247 
PHE OXT  O  N N 248 
PHE H    H  N N 249 
PHE H2   H  N N 250 
PHE HA   H  N N 251 
PHE HB2  H  N N 252 
PHE HB3  H  N N 253 
PHE HD1  H  N N 254 
PHE HD2  H  N N 255 
PHE HE1  H  N N 256 
PHE HE2  H  N N 257 
PHE HZ   H  N N 258 
PHE HXT  H  N N 259 
PRO N    N  N N 260 
PRO CA   C  N S 261 
PRO C    C  N N 262 
PRO O    O  N N 263 
PRO CB   C  N N 264 
PRO CG   C  N N 265 
PRO CD   C  N N 266 
PRO OXT  O  N N 267 
PRO H    H  N N 268 
PRO HA   H  N N 269 
PRO HB2  H  N N 270 
PRO HB3  H  N N 271 
PRO HG2  H  N N 272 
PRO HG3  H  N N 273 
PRO HD2  H  N N 274 
PRO HD3  H  N N 275 
PRO HXT  H  N N 276 
SER N    N  N N 277 
SER CA   C  N S 278 
SER C    C  N N 279 
SER O    O  N N 280 
SER CB   C  N N 281 
SER OG   O  N N 282 
SER OXT  O  N N 283 
SER H    H  N N 284 
SER H2   H  N N 285 
SER HA   H  N N 286 
SER HB2  H  N N 287 
SER HB3  H  N N 288 
SER HG   H  N N 289 
SER HXT  H  N N 290 
SO4 S    S  N N 291 
SO4 O1   O  N N 292 
SO4 O2   O  N N 293 
SO4 O3   O  N N 294 
SO4 O4   O  N N 295 
THR N    N  N N 296 
THR CA   C  N S 297 
THR C    C  N N 298 
THR O    O  N N 299 
THR CB   C  N R 300 
THR OG1  O  N N 301 
THR CG2  C  N N 302 
THR OXT  O  N N 303 
THR H    H  N N 304 
THR H2   H  N N 305 
THR HA   H  N N 306 
THR HB   H  N N 307 
THR HG1  H  N N 308 
THR HG21 H  N N 309 
THR HG22 H  N N 310 
THR HG23 H  N N 311 
THR HXT  H  N N 312 
TYR N    N  N N 313 
TYR CA   C  N S 314 
TYR C    C  N N 315 
TYR O    O  N N 316 
TYR CB   C  N N 317 
TYR CG   C  Y N 318 
TYR CD1  C  Y N 319 
TYR CD2  C  Y N 320 
TYR CE1  C  Y N 321 
TYR CE2  C  Y N 322 
TYR CZ   C  Y N 323 
TYR OH   O  N N 324 
TYR OXT  O  N N 325 
TYR H    H  N N 326 
TYR H2   H  N N 327 
TYR HA   H  N N 328 
TYR HB2  H  N N 329 
TYR HB3  H  N N 330 
TYR HD1  H  N N 331 
TYR HD2  H  N N 332 
TYR HE1  H  N N 333 
TYR HE2  H  N N 334 
TYR HH   H  N N 335 
TYR HXT  H  N N 336 
VAL N    N  N N 337 
VAL CA   C  N S 338 
VAL C    C  N N 339 
VAL O    O  N N 340 
VAL CB   C  N N 341 
VAL CG1  C  N N 342 
VAL CG2  C  N N 343 
VAL OXT  O  N N 344 
VAL H    H  N N 345 
VAL H2   H  N N 346 
VAL HA   H  N N 347 
VAL HB   H  N N 348 
VAL HG11 H  N N 349 
VAL HG12 H  N N 350 
VAL HG13 H  N N 351 
VAL HG21 H  N N 352 
VAL HG22 H  N N 353 
VAL HG23 H  N N 354 
VAL HXT  H  N N 355 
# 
loop_
_chem_comp_bond.comp_id 
_chem_comp_bond.atom_id_1 
_chem_comp_bond.atom_id_2 
_chem_comp_bond.value_order 
_chem_comp_bond.pdbx_aromatic_flag 
_chem_comp_bond.pdbx_stereo_config 
_chem_comp_bond.pdbx_ordinal 
ALA N   CA   sing N N 1   
ALA N   H    sing N N 2   
ALA N   H2   sing N N 3   
ALA CA  C    sing N N 4   
ALA CA  CB   sing N N 5   
ALA CA  HA   sing N N 6   
ALA C   O    doub N N 7   
ALA C   OXT  sing N N 8   
ALA CB  HB1  sing N N 9   
ALA CB  HB2  sing N N 10  
ALA CB  HB3  sing N N 11  
ALA OXT HXT  sing N N 12  
ARG N   CA   sing N N 13  
ARG N   H    sing N N 14  
ARG N   H2   sing N N 15  
ARG CA  C    sing N N 16  
ARG CA  CB   sing N N 17  
ARG CA  HA   sing N N 18  
ARG C   O    doub N N 19  
ARG C   OXT  sing N N 20  
ARG CB  CG   sing N N 21  
ARG CB  HB2  sing N N 22  
ARG CB  HB3  sing N N 23  
ARG CG  CD   sing N N 24  
ARG CG  HG2  sing N N 25  
ARG CG  HG3  sing N N 26  
ARG CD  NE   sing N N 27  
ARG CD  HD2  sing N N 28  
ARG CD  HD3  sing N N 29  
ARG NE  CZ   sing N N 30  
ARG NE  HE   sing N N 31  
ARG CZ  NH1  sing N N 32  
ARG CZ  NH2  doub N N 33  
ARG NH1 HH11 sing N N 34  
ARG NH1 HH12 sing N N 35  
ARG NH2 HH21 sing N N 36  
ARG NH2 HH22 sing N N 37  
ARG OXT HXT  sing N N 38  
ASN N   CA   sing N N 39  
ASN N   H    sing N N 40  
ASN N   H2   sing N N 41  
ASN CA  C    sing N N 42  
ASN CA  CB   sing N N 43  
ASN CA  HA   sing N N 44  
ASN C   O    doub N N 45  
ASN C   OXT  sing N N 46  
ASN CB  CG   sing N N 47  
ASN CB  HB2  sing N N 48  
ASN CB  HB3  sing N N 49  
ASN CG  OD1  doub N N 50  
ASN CG  ND2  sing N N 51  
ASN ND2 HD21 sing N N 52  
ASN ND2 HD22 sing N N 53  
ASN OXT HXT  sing N N 54  
ASP N   CA   sing N N 55  
ASP N   H    sing N N 56  
ASP N   H2   sing N N 57  
ASP CA  C    sing N N 58  
ASP CA  CB   sing N N 59  
ASP CA  HA   sing N N 60  
ASP C   O    doub N N 61  
ASP C   OXT  sing N N 62  
ASP CB  CG   sing N N 63  
ASP CB  HB2  sing N N 64  
ASP CB  HB3  sing N N 65  
ASP CG  OD1  doub N N 66  
ASP CG  OD2  sing N N 67  
ASP OD2 HD2  sing N N 68  
ASP OXT HXT  sing N N 69  
GLN N   CA   sing N N 70  
GLN N   H    sing N N 71  
GLN N   H2   sing N N 72  
GLN CA  C    sing N N 73  
GLN CA  CB   sing N N 74  
GLN CA  HA   sing N N 75  
GLN C   O    doub N N 76  
GLN C   OXT  sing N N 77  
GLN CB  CG   sing N N 78  
GLN CB  HB2  sing N N 79  
GLN CB  HB3  sing N N 80  
GLN CG  CD   sing N N 81  
GLN CG  HG2  sing N N 82  
GLN CG  HG3  sing N N 83  
GLN CD  OE1  doub N N 84  
GLN CD  NE2  sing N N 85  
GLN NE2 HE21 sing N N 86  
GLN NE2 HE22 sing N N 87  
GLN OXT HXT  sing N N 88  
GLU N   CA   sing N N 89  
GLU N   H    sing N N 90  
GLU N   H2   sing N N 91  
GLU CA  C    sing N N 92  
GLU CA  CB   sing N N 93  
GLU CA  HA   sing N N 94  
GLU C   O    doub N N 95  
GLU C   OXT  sing N N 96  
GLU CB  CG   sing N N 97  
GLU CB  HB2  sing N N 98  
GLU CB  HB3  sing N N 99  
GLU CG  CD   sing N N 100 
GLU CG  HG2  sing N N 101 
GLU CG  HG3  sing N N 102 
GLU CD  OE1  doub N N 103 
GLU CD  OE2  sing N N 104 
GLU OE2 HE2  sing N N 105 
GLU OXT HXT  sing N N 106 
GLY N   CA   sing N N 107 
GLY N   H    sing N N 108 
GLY N   H2   sing N N 109 
GLY CA  C    sing N N 110 
GLY CA  HA2  sing N N 111 
GLY CA  HA3  sing N N 112 
GLY C   O    doub N N 113 
GLY C   OXT  sing N N 114 
GLY OXT HXT  sing N N 115 
HIS N   CA   sing N N 116 
HIS N   H    sing N N 117 
HIS N   H2   sing N N 118 
HIS CA  C    sing N N 119 
HIS CA  CB   sing N N 120 
HIS CA  HA   sing N N 121 
HIS C   O    doub N N 122 
HIS C   OXT  sing N N 123 
HIS CB  CG   sing N N 124 
HIS CB  HB2  sing N N 125 
HIS CB  HB3  sing N N 126 
HIS CG  ND1  sing Y N 127 
HIS CG  CD2  doub Y N 128 
HIS ND1 CE1  doub Y N 129 
HIS ND1 HD1  sing N N 130 
HIS CD2 NE2  sing Y N 131 
HIS CD2 HD2  sing N N 132 
HIS CE1 NE2  sing Y N 133 
HIS CE1 HE1  sing N N 134 
HIS NE2 HE2  sing N N 135 
HIS OXT HXT  sing N N 136 
HOH O   H1   sing N N 137 
HOH O   H2   sing N N 138 
ILE N   CA   sing N N 139 
ILE N   H    sing N N 140 
ILE N   H2   sing N N 141 
ILE CA  C    sing N N 142 
ILE CA  CB   sing N N 143 
ILE CA  HA   sing N N 144 
ILE C   O    doub N N 145 
ILE C   OXT  sing N N 146 
ILE CB  CG1  sing N N 147 
ILE CB  CG2  sing N N 148 
ILE CB  HB   sing N N 149 
ILE CG1 CD1  sing N N 150 
ILE CG1 HG12 sing N N 151 
ILE CG1 HG13 sing N N 152 
ILE CG2 HG21 sing N N 153 
ILE CG2 HG22 sing N N 154 
ILE CG2 HG23 sing N N 155 
ILE CD1 HD11 sing N N 156 
ILE CD1 HD12 sing N N 157 
ILE CD1 HD13 sing N N 158 
ILE OXT HXT  sing N N 159 
LEU N   CA   sing N N 160 
LEU N   H    sing N N 161 
LEU N   H2   sing N N 162 
LEU CA  C    sing N N 163 
LEU CA  CB   sing N N 164 
LEU CA  HA   sing N N 165 
LEU C   O    doub N N 166 
LEU C   OXT  sing N N 167 
LEU CB  CG   sing N N 168 
LEU CB  HB2  sing N N 169 
LEU CB  HB3  sing N N 170 
LEU CG  CD1  sing N N 171 
LEU CG  CD2  sing N N 172 
LEU CG  HG   sing N N 173 
LEU CD1 HD11 sing N N 174 
LEU CD1 HD12 sing N N 175 
LEU CD1 HD13 sing N N 176 
LEU CD2 HD21 sing N N 177 
LEU CD2 HD22 sing N N 178 
LEU CD2 HD23 sing N N 179 
LEU OXT HXT  sing N N 180 
LYS N   CA   sing N N 181 
LYS N   H    sing N N 182 
LYS N   H2   sing N N 183 
LYS CA  C    sing N N 184 
LYS CA  CB   sing N N 185 
LYS CA  HA   sing N N 186 
LYS C   O    doub N N 187 
LYS C   OXT  sing N N 188 
LYS CB  CG   sing N N 189 
LYS CB  HB2  sing N N 190 
LYS CB  HB3  sing N N 191 
LYS CG  CD   sing N N 192 
LYS CG  HG2  sing N N 193 
LYS CG  HG3  sing N N 194 
LYS CD  CE   sing N N 195 
LYS CD  HD2  sing N N 196 
LYS CD  HD3  sing N N 197 
LYS CE  NZ   sing N N 198 
LYS CE  HE2  sing N N 199 
LYS CE  HE3  sing N N 200 
LYS NZ  HZ1  sing N N 201 
LYS NZ  HZ2  sing N N 202 
LYS NZ  HZ3  sing N N 203 
LYS OXT HXT  sing N N 204 
MET N   CA   sing N N 205 
MET N   H    sing N N 206 
MET N   H2   sing N N 207 
MET CA  C    sing N N 208 
MET CA  CB   sing N N 209 
MET CA  HA   sing N N 210 
MET C   O    doub N N 211 
MET C   OXT  sing N N 212 
MET CB  CG   sing N N 213 
MET CB  HB2  sing N N 214 
MET CB  HB3  sing N N 215 
MET CG  SD   sing N N 216 
MET CG  HG2  sing N N 217 
MET CG  HG3  sing N N 218 
MET SD  CE   sing N N 219 
MET CE  HE1  sing N N 220 
MET CE  HE2  sing N N 221 
MET CE  HE3  sing N N 222 
MET OXT HXT  sing N N 223 
PHE N   CA   sing N N 224 
PHE N   H    sing N N 225 
PHE N   H2   sing N N 226 
PHE CA  C    sing N N 227 
PHE CA  CB   sing N N 228 
PHE CA  HA   sing N N 229 
PHE C   O    doub N N 230 
PHE C   OXT  sing N N 231 
PHE CB  CG   sing N N 232 
PHE CB  HB2  sing N N 233 
PHE CB  HB3  sing N N 234 
PHE CG  CD1  doub Y N 235 
PHE CG  CD2  sing Y N 236 
PHE CD1 CE1  sing Y N 237 
PHE CD1 HD1  sing N N 238 
PHE CD2 CE2  doub Y N 239 
PHE CD2 HD2  sing N N 240 
PHE CE1 CZ   doub Y N 241 
PHE CE1 HE1  sing N N 242 
PHE CE2 CZ   sing Y N 243 
PHE CE2 HE2  sing N N 244 
PHE CZ  HZ   sing N N 245 
PHE OXT HXT  sing N N 246 
PRO N   CA   sing N N 247 
PRO N   CD   sing N N 248 
PRO N   H    sing N N 249 
PRO CA  C    sing N N 250 
PRO CA  CB   sing N N 251 
PRO CA  HA   sing N N 252 
PRO C   O    doub N N 253 
PRO C   OXT  sing N N 254 
PRO CB  CG   sing N N 255 
PRO CB  HB2  sing N N 256 
PRO CB  HB3  sing N N 257 
PRO CG  CD   sing N N 258 
PRO CG  HG2  sing N N 259 
PRO CG  HG3  sing N N 260 
PRO CD  HD2  sing N N 261 
PRO CD  HD3  sing N N 262 
PRO OXT HXT  sing N N 263 
SER N   CA   sing N N 264 
SER N   H    sing N N 265 
SER N   H2   sing N N 266 
SER CA  C    sing N N 267 
SER CA  CB   sing N N 268 
SER CA  HA   sing N N 269 
SER C   O    doub N N 270 
SER C   OXT  sing N N 271 
SER CB  OG   sing N N 272 
SER CB  HB2  sing N N 273 
SER CB  HB3  sing N N 274 
SER OG  HG   sing N N 275 
SER OXT HXT  sing N N 276 
SO4 S   O1   doub N N 277 
SO4 S   O2   doub N N 278 
SO4 S   O3   sing N N 279 
SO4 S   O4   sing N N 280 
THR N   CA   sing N N 281 
THR N   H    sing N N 282 
THR N   H2   sing N N 283 
THR CA  C    sing N N 284 
THR CA  CB   sing N N 285 
THR CA  HA   sing N N 286 
THR C   O    doub N N 287 
THR C   OXT  sing N N 288 
THR CB  OG1  sing N N 289 
THR CB  CG2  sing N N 290 
THR CB  HB   sing N N 291 
THR OG1 HG1  sing N N 292 
THR CG2 HG21 sing N N 293 
THR CG2 HG22 sing N N 294 
THR CG2 HG23 sing N N 295 
THR OXT HXT  sing N N 296 
TYR N   CA   sing N N 297 
TYR N   H    sing N N 298 
TYR N   H2   sing N N 299 
TYR CA  C    sing N N 300 
TYR CA  CB   sing N N 301 
TYR CA  HA   sing N N 302 
TYR C   O    doub N N 303 
TYR C   OXT  sing N N 304 
TYR CB  CG   sing N N 305 
TYR CB  HB2  sing N N 306 
TYR CB  HB3  sing N N 307 
TYR CG  CD1  doub Y N 308 
TYR CG  CD2  sing Y N 309 
TYR CD1 CE1  sing Y N 310 
TYR CD1 HD1  sing N N 311 
TYR CD2 CE2  doub Y N 312 
TYR CD2 HD2  sing N N 313 
TYR CE1 CZ   doub Y N 314 
TYR CE1 HE1  sing N N 315 
TYR CE2 CZ   sing Y N 316 
TYR CE2 HE2  sing N N 317 
TYR CZ  OH   sing N N 318 
TYR OH  HH   sing N N 319 
TYR OXT HXT  sing N N 320 
VAL N   CA   sing N N 321 
VAL N   H    sing N N 322 
VAL N   H2   sing N N 323 
VAL CA  C    sing N N 324 
VAL CA  CB   sing N N 325 
VAL CA  HA   sing N N 326 
VAL C   O    doub N N 327 
VAL C   OXT  sing N N 328 
VAL CB  CG1  sing N N 329 
VAL CB  CG2  sing N N 330 
VAL CB  HB   sing N N 331 
VAL CG1 HG11 sing N N 332 
VAL CG1 HG12 sing N N 333 
VAL CG1 HG13 sing N N 334 
VAL CG2 HG21 sing N N 335 
VAL CG2 HG22 sing N N 336 
VAL CG2 HG23 sing N N 337 
VAL OXT HXT  sing N N 338 
# 
loop_
_pdbx_entity_nonpoly.entity_id 
_pdbx_entity_nonpoly.name 
_pdbx_entity_nonpoly.comp_id 
2 'SODIUM ION'  NA  
3 'SULFATE ION' SO4 
4 water         HOH 
# 
_pdbx_initial_refinement_model.id               1 
_pdbx_initial_refinement_model.entity_id_list   ? 
_pdbx_initial_refinement_model.type             'experimental model' 
_pdbx_initial_refinement_model.source_name      PDB 
_pdbx_initial_refinement_model.accession_code   2FE5 
_pdbx_initial_refinement_model.details          'PDB ENTRY 2FE5' 
# 
